data_7LCE
#
_entry.id   7LCE
#
_cell.length_a   60.374
_cell.length_b   171.569
_cell.length_c   195.054
_cell.angle_alpha   90.000
_cell.angle_beta   90.000
_cell.angle_gamma   90.000
#
_symmetry.space_group_name_H-M   'P 2 2 21'
#
loop_
_entity.id
_entity.type
_entity.pdbx_description
1 polymer 'D-glucosaminate-6-phosphate ammonia lyase'
2 non-polymer 'DIMETHYL SULFOXIDE'
3 non-polymer 'CALCIUM ION'
4 water water
#
_entity_poly.entity_id   1
_entity_poly.type   'polypeptide(L)'
_entity_poly.pdbx_seq_one_letter_code
;MTPNIYQQLGLKKVINACGKMTILGVSSVAPEVMQATARAASAFVEIDALVEKTGELVSRYTGAEDSYITSCASAGIAIA
VAAAITHGDRARVALMPDSSGMANEVVMLRGHNVDYGAPVTSAIRLGGGRIVEVGSSNLATRWQLESAINEKTAALLYVK
SHHCVQKGMLSIDDFVQVAQANHLPLIVDAAAEEDLRGWVASGADMVIYSGA(LLP)AFNAPTSGFITGRKTWIAACKAQ
HQGIARAMKIGKENMVGLVYALENYHQGQTTVTAAQLQPVAEAISAIHGLYADIEQDEAGRAIWRIRVRVNASELGLNAQ
DVEAQLRGGEIAIYARKYQLHQGVFSLDPRTVAEGEMALIVARLREIAEHAAD
;
_entity_poly.pdbx_strand_id   A,B,C,D
#
loop_
_chem_comp.id
_chem_comp.type
_chem_comp.name
_chem_comp.formula
CA non-polymer 'CALCIUM ION' 'Ca 2'
DMS non-polymer 'DIMETHYL SULFOXIDE' 'C2 H6 O S'
#
# COMPACT_ATOMS: atom_id res chain seq x y z
N MET A 1 -25.80 23.13 26.87
CA MET A 1 -25.95 21.80 26.28
C MET A 1 -25.17 20.74 27.05
N THR A 2 -25.78 19.57 27.21
CA THR A 2 -25.10 18.44 27.82
C THR A 2 -23.79 18.15 27.09
N PRO A 3 -22.69 17.93 27.82
CA PRO A 3 -21.40 17.72 27.15
C PRO A 3 -21.40 16.47 26.27
N ASN A 4 -20.83 16.60 25.08
CA ASN A 4 -20.73 15.47 24.17
C ASN A 4 -19.67 14.49 24.67
N ILE A 5 -19.56 13.36 23.96
CA ILE A 5 -18.65 12.30 24.39
C ILE A 5 -17.20 12.78 24.35
N TYR A 6 -16.85 13.65 23.40
CA TYR A 6 -15.48 14.16 23.35
C TYR A 6 -15.17 15.03 24.55
N GLN A 7 -16.16 15.80 25.02
CA GLN A 7 -15.96 16.56 26.26
C GLN A 7 -15.74 15.63 27.44
N GLN A 8 -16.43 14.49 27.46
CA GLN A 8 -16.25 13.53 28.53
C GLN A 8 -14.86 12.91 28.52
N LEU A 9 -14.19 12.90 27.36
CA LEU A 9 -12.84 12.37 27.26
C LEU A 9 -11.77 13.44 27.52
N GLY A 10 -12.17 14.66 27.82
CA GLY A 10 -11.25 15.74 28.10
C GLY A 10 -10.95 16.66 26.93
N LEU A 11 -11.72 16.58 25.85
CA LEU A 11 -11.50 17.37 24.66
C LEU A 11 -12.53 18.49 24.57
N LYS A 12 -12.29 19.42 23.65
CA LYS A 12 -13.15 20.58 23.50
C LYS A 12 -14.42 20.24 22.71
N LYS A 13 -15.51 20.88 23.08
CA LYS A 13 -16.71 20.86 22.24
C LYS A 13 -16.45 21.71 21.01
N VAL A 14 -16.68 21.13 19.82
CA VAL A 14 -16.36 21.79 18.55
C VAL A 14 -17.66 22.19 17.87
N ILE A 15 -17.70 23.42 17.37
CA ILE A 15 -18.80 23.92 16.55
C ILE A 15 -18.23 24.20 15.16
N ASN A 16 -18.74 23.48 14.17
CA ASN A 16 -18.21 23.56 12.81
C ASN A 16 -19.07 24.50 11.99
N ALA A 17 -18.45 25.56 11.47
CA ALA A 17 -19.13 26.50 10.59
C ALA A 17 -18.31 26.78 9.33
N CYS A 18 -17.27 26.00 9.08
CA CYS A 18 -16.45 26.14 7.88
C CYS A 18 -16.86 25.18 6.77
N GLY A 19 -17.09 23.93 7.09
CA GLY A 19 -17.46 22.93 6.12
C GLY A 19 -16.98 21.56 6.53
N LYS A 20 -17.01 20.63 5.57
CA LYS A 20 -16.63 19.24 5.82
C LYS A 20 -15.11 19.14 5.80
N MET A 21 -14.51 19.44 6.95
CA MET A 21 -13.07 19.54 7.10
C MET A 21 -12.50 18.28 7.73
N THR A 22 -11.42 17.76 7.14
CA THR A 22 -10.81 16.54 7.65
C THR A 22 -10.22 16.71 9.05
N ILE A 23 -9.83 17.94 9.41
CA ILE A 23 -9.24 18.16 10.73
C ILE A 23 -10.26 18.16 11.85
N LEU A 24 -11.55 18.13 11.51
CA LEU A 24 -12.62 18.11 12.51
C LEU A 24 -13.42 16.82 12.48
N GLY A 25 -12.96 15.81 11.75
CA GLY A 25 -13.71 14.57 11.61
C GLY A 25 -14.51 14.46 10.34
N VAL A 26 -14.30 15.35 9.37
CA VAL A 26 -14.97 15.32 8.07
C VAL A 26 -16.45 15.65 8.22
N SER A 27 -17.22 14.76 8.85
CA SER A 27 -18.67 14.88 8.82
C SER A 27 -19.28 14.49 10.16
N SER A 28 -20.57 14.81 10.30
CA SER A 28 -21.39 14.43 11.46
C SER A 28 -22.50 13.51 10.97
N VAL A 29 -22.45 12.25 11.38
CA VAL A 29 -23.42 11.26 10.90
C VAL A 29 -24.78 11.51 11.53
N ALA A 30 -25.83 11.35 10.73
CA ALA A 30 -27.19 11.51 11.21
C ALA A 30 -27.55 10.39 12.20
N PRO A 31 -28.37 10.68 13.21
CA PRO A 31 -28.73 9.63 14.18
C PRO A 31 -29.45 8.44 13.58
N GLU A 32 -30.30 8.64 12.59
CA GLU A 32 -30.98 7.50 11.95
C GLU A 32 -29.98 6.57 11.27
N VAL A 33 -28.91 7.13 10.70
CA VAL A 33 -27.91 6.29 10.05
C VAL A 33 -27.11 5.51 11.08
N MET A 34 -26.75 6.14 12.20
CA MET A 34 -26.02 5.43 13.24
C MET A 34 -26.86 4.35 13.89
N GLN A 35 -28.18 4.51 13.92
CA GLN A 35 -29.06 3.44 14.38
C GLN A 35 -28.89 2.20 13.52
N ALA A 36 -28.87 2.39 12.20
CA ALA A 36 -28.65 1.27 11.28
C ALA A 36 -27.24 0.72 11.42
N THR A 37 -26.26 1.58 11.68
CA THR A 37 -24.89 1.13 11.86
C THR A 37 -24.75 0.29 13.12
N ALA A 38 -25.40 0.72 14.21
CA ALA A 38 -25.31 -0.03 15.47
C ALA A 38 -25.96 -1.40 15.34
N ARG A 39 -27.12 -1.47 14.68
CA ARG A 39 -27.75 -2.77 14.47
C ARG A 39 -26.88 -3.66 13.60
N ALA A 40 -26.19 -3.08 12.63
CA ALA A 40 -25.28 -3.86 11.80
C ALA A 40 -24.08 -4.35 12.58
N ALA A 41 -23.60 -3.55 13.54
CA ALA A 41 -22.45 -3.96 14.33
C ALA A 41 -22.80 -5.08 15.32
N SER A 42 -24.06 -5.14 15.75
CA SER A 42 -24.49 -6.10 16.75
C SER A 42 -24.94 -7.43 16.17
N ALA A 43 -24.61 -7.71 14.92
CA ALA A 43 -25.04 -8.96 14.30
C ALA A 43 -24.00 -9.41 13.28
N PHE A 44 -23.97 -10.73 13.03
CA PHE A 44 -23.08 -11.31 12.05
C PHE A 44 -23.77 -11.36 10.68
N VAL A 45 -22.94 -11.47 9.64
CA VAL A 45 -23.44 -11.52 8.27
C VAL A 45 -22.40 -12.20 7.41
N GLU A 46 -22.86 -12.90 6.38
CA GLU A 46 -21.97 -13.48 5.38
C GLU A 46 -21.39 -12.36 4.53
N ILE A 47 -20.09 -12.09 4.70
CA ILE A 47 -19.49 -10.89 4.09
C ILE A 47 -19.57 -10.95 2.58
N ASP A 48 -19.39 -12.14 1.99
CA ASP A 48 -19.45 -12.26 0.54
C ASP A 48 -20.81 -11.79 0.01
N ALA A 49 -21.89 -12.11 0.72
CA ALA A 49 -23.21 -11.66 0.33
C ALA A 49 -23.44 -10.18 0.64
N LEU A 50 -22.85 -9.68 1.73
CA LEU A 50 -22.98 -8.27 2.05
C LEU A 50 -22.23 -7.39 1.05
N VAL A 51 -21.05 -7.83 0.63
CA VAL A 51 -20.30 -7.09 -0.38
C VAL A 51 -21.07 -7.04 -1.68
N GLU A 52 -21.66 -8.17 -2.06
CA GLU A 52 -22.39 -8.25 -3.33
C GLU A 52 -23.64 -7.37 -3.28
N LYS A 53 -24.42 -7.49 -2.20
CA LYS A 53 -25.68 -6.76 -2.07
C LYS A 53 -25.46 -5.26 -1.92
N THR A 54 -24.48 -4.85 -1.11
CA THR A 54 -24.22 -3.42 -0.94
C THR A 54 -23.78 -2.78 -2.25
N GLY A 55 -23.04 -3.51 -3.08
CA GLY A 55 -22.70 -3.00 -4.40
C GLY A 55 -23.93 -2.75 -5.24
N GLU A 56 -24.92 -3.64 -5.14
CA GLU A 56 -26.19 -3.45 -5.84
C GLU A 56 -26.91 -2.21 -5.32
N LEU A 57 -26.97 -2.04 -4.00
CA LEU A 57 -27.73 -0.92 -3.44
C LEU A 57 -27.07 0.40 -3.77
N VAL A 58 -25.74 0.48 -3.66
CA VAL A 58 -25.03 1.71 -3.99
C VAL A 58 -25.21 2.06 -5.46
N SER A 59 -25.17 1.05 -6.34
CA SER A 59 -25.28 1.30 -7.77
C SER A 59 -26.62 1.87 -8.16
N ARG A 60 -27.68 1.64 -7.38
CA ARG A 60 -28.98 2.21 -7.69
C ARG A 60 -28.94 3.74 -7.67
N TYR A 61 -28.09 4.32 -6.81
CA TYR A 61 -28.01 5.77 -6.74
C TYR A 61 -27.10 6.34 -7.82
N THR A 62 -26.12 5.57 -8.29
CA THR A 62 -25.17 6.06 -9.30
C THR A 62 -25.54 5.65 -10.72
N GLY A 63 -26.35 4.60 -10.89
CA GLY A 63 -26.70 4.15 -12.22
C GLY A 63 -25.67 3.29 -12.91
N ALA A 64 -24.61 2.89 -12.21
CA ALA A 64 -23.58 2.06 -12.80
C ALA A 64 -23.97 0.58 -12.72
N GLU A 65 -23.14 -0.27 -13.32
CA GLU A 65 -23.44 -1.69 -13.35
C GLU A 65 -23.22 -2.33 -11.98
N ASP A 66 -22.10 -2.01 -11.32
CA ASP A 66 -21.79 -2.57 -10.01
C ASP A 66 -21.04 -1.52 -9.21
N SER A 67 -20.83 -1.83 -7.92
CA SER A 67 -20.14 -0.92 -7.02
C SER A 67 -19.41 -1.73 -5.95
N TYR A 68 -18.43 -1.09 -5.33
CA TYR A 68 -17.64 -1.72 -4.27
C TYR A 68 -17.34 -0.67 -3.21
N ILE A 69 -17.64 -1.00 -1.95
CA ILE A 69 -17.48 -0.08 -0.84
C ILE A 69 -16.07 -0.21 -0.26
N THR A 70 -15.46 0.94 0.03
CA THR A 70 -14.12 1.03 0.58
C THR A 70 -14.16 1.83 1.88
N SER A 71 -13.00 1.91 2.55
CA SER A 71 -12.92 2.67 3.79
C SER A 71 -12.93 4.17 3.56
N CYS A 72 -12.38 4.61 2.43
CA CYS A 72 -12.31 6.03 2.11
C CYS A 72 -12.04 6.18 0.63
N ALA A 73 -12.09 7.43 0.15
CA ALA A 73 -11.83 7.68 -1.27
C ALA A 73 -10.38 7.41 -1.62
N SER A 74 -9.45 7.67 -0.70
CA SER A 74 -8.05 7.35 -0.96
C SER A 74 -7.86 5.86 -1.18
N ALA A 75 -8.57 5.04 -0.40
CA ALA A 75 -8.52 3.60 -0.62
C ALA A 75 -9.16 3.22 -1.95
N GLY A 76 -10.21 3.93 -2.36
CA GLY A 76 -10.82 3.67 -3.66
C GLY A 76 -9.87 3.94 -4.80
N ILE A 77 -9.04 4.97 -4.67
CA ILE A 77 -8.05 5.25 -5.71
C ILE A 77 -7.00 4.14 -5.76
N ALA A 78 -6.50 3.72 -4.59
CA ALA A 78 -5.50 2.67 -4.57
C ALA A 78 -6.05 1.36 -5.12
N ILE A 79 -7.28 1.00 -4.74
CA ILE A 79 -7.85 -0.25 -5.20
C ILE A 79 -8.16 -0.19 -6.70
N ALA A 80 -8.70 0.93 -7.17
CA ALA A 80 -9.04 1.05 -8.58
C ALA A 80 -7.80 0.92 -9.45
N VAL A 81 -6.68 1.52 -9.03
CA VAL A 81 -5.43 1.39 -9.77
C VAL A 81 -4.97 -0.06 -9.76
N ALA A 82 -5.00 -0.69 -8.58
CA ALA A 82 -4.64 -2.11 -8.50
C ALA A 82 -5.56 -2.96 -9.36
N ALA A 83 -6.84 -2.58 -9.45
CA ALA A 83 -7.75 -3.29 -10.35
C ALA A 83 -7.34 -3.13 -11.80
N ALA A 84 -6.88 -1.94 -12.19
CA ALA A 84 -6.47 -1.72 -13.58
C ALA A 84 -5.16 -2.43 -13.89
N ILE A 85 -4.29 -2.61 -12.91
CA ILE A 85 -3.00 -3.25 -13.14
C ILE A 85 -3.11 -4.76 -13.07
N THR A 86 -3.85 -5.28 -12.09
CA THR A 86 -3.94 -6.72 -11.88
C THR A 86 -4.99 -7.39 -12.76
N HIS A 87 -5.97 -6.63 -13.25
CA HIS A 87 -7.13 -7.17 -13.96
C HIS A 87 -7.89 -8.19 -13.11
N GLY A 88 -7.68 -8.19 -11.81
CA GLY A 88 -8.28 -9.17 -10.92
C GLY A 88 -7.51 -10.47 -10.82
N ASP A 89 -6.41 -10.62 -11.55
CA ASP A 89 -5.63 -11.86 -11.50
C ASP A 89 -5.13 -12.10 -10.09
N ARG A 90 -5.46 -13.27 -9.54
CA ARG A 90 -5.14 -13.57 -8.14
C ARG A 90 -3.64 -13.55 -7.88
N ALA A 91 -2.84 -13.97 -8.86
CA ALA A 91 -1.39 -13.93 -8.68
C ALA A 91 -0.89 -12.49 -8.63
N ARG A 92 -1.36 -11.64 -9.55
CA ARG A 92 -0.93 -10.25 -9.56
C ARG A 92 -1.42 -9.49 -8.33
N VAL A 93 -2.57 -9.90 -7.77
CA VAL A 93 -3.09 -9.24 -6.59
C VAL A 93 -2.14 -9.41 -5.41
N ALA A 94 -1.57 -10.61 -5.27
CA ALA A 94 -0.65 -10.88 -4.18
C ALA A 94 0.66 -10.11 -4.31
N LEU A 95 1.03 -9.68 -5.52
CA LEU A 95 2.28 -8.94 -5.70
C LEU A 95 2.16 -7.46 -5.37
N MET A 96 0.95 -6.90 -5.39
CA MET A 96 0.80 -5.46 -5.18
C MET A 96 1.34 -5.08 -3.81
N PRO A 97 1.99 -3.92 -3.67
CA PRO A 97 2.16 -2.94 -4.76
C PRO A 97 3.44 -3.08 -5.57
N ASP A 98 4.03 -4.28 -5.62
CA ASP A 98 5.21 -4.51 -6.45
C ASP A 98 4.74 -4.90 -7.83
N SER A 99 4.49 -3.89 -8.66
CA SER A 99 3.99 -4.09 -10.02
C SER A 99 5.12 -4.19 -11.03
N SER A 100 6.23 -4.82 -10.66
CA SER A 100 7.37 -4.92 -11.56
C SER A 100 7.00 -5.72 -12.80
N GLY A 101 7.52 -5.28 -13.95
CA GLY A 101 7.29 -5.98 -15.19
C GLY A 101 5.87 -6.02 -15.70
N MET A 102 4.96 -5.25 -15.10
CA MET A 102 3.58 -5.19 -15.55
C MET A 102 3.31 -3.82 -16.16
N ALA A 103 2.17 -3.73 -16.86
CA ALA A 103 1.67 -2.44 -17.30
C ALA A 103 1.12 -1.72 -16.08
N ASN A 104 1.85 -0.71 -15.60
CA ASN A 104 1.51 -0.06 -14.34
C ASN A 104 1.49 1.46 -14.42
N GLU A 105 1.64 2.04 -15.59
CA GLU A 105 1.66 3.50 -15.70
C GLU A 105 0.25 4.05 -15.66
N VAL A 106 0.03 5.03 -14.79
CA VAL A 106 -1.24 5.74 -14.67
C VAL A 106 -1.05 7.13 -15.26
N VAL A 107 -1.81 7.45 -16.31
CA VAL A 107 -1.66 8.70 -17.05
C VAL A 107 -2.67 9.70 -16.52
N MET A 108 -2.19 10.87 -16.08
CA MET A 108 -3.05 11.91 -15.56
C MET A 108 -2.46 13.26 -15.90
N LEU A 109 -3.30 14.29 -15.79
CA LEU A 109 -2.84 15.66 -16.05
C LEU A 109 -1.94 16.13 -14.93
N ARG A 110 -0.87 16.85 -15.29
CA ARG A 110 -0.02 17.46 -14.27
C ARG A 110 -0.80 18.45 -13.43
N GLY A 111 -1.75 19.16 -14.04
CA GLY A 111 -2.61 20.06 -13.30
C GLY A 111 -3.54 19.36 -12.31
N HIS A 112 -3.66 18.04 -12.39
CA HIS A 112 -4.48 17.28 -11.48
C HIS A 112 -3.69 16.59 -10.37
N ASN A 113 -2.37 16.65 -10.40
CA ASN A 113 -1.56 16.06 -9.34
C ASN A 113 -1.67 16.95 -8.11
N VAL A 114 -2.65 16.68 -7.24
CA VAL A 114 -3.02 17.58 -6.17
C VAL A 114 -2.76 16.94 -4.81
N ASP A 115 -2.63 17.79 -3.81
CA ASP A 115 -2.44 17.40 -2.42
C ASP A 115 -3.70 17.76 -1.65
N TYR A 116 -4.40 16.75 -1.12
CA TYR A 116 -5.62 16.95 -0.34
C TYR A 116 -5.39 16.66 1.14
N GLY A 117 -4.18 16.94 1.63
CA GLY A 117 -3.77 16.53 2.96
C GLY A 117 -2.72 15.45 2.85
N ALA A 118 -2.89 14.59 1.86
CA ALA A 118 -1.91 13.62 1.40
C ALA A 118 -1.92 13.64 -0.11
N PRO A 119 -0.77 13.44 -0.75
CA PRO A 119 -0.73 13.48 -2.21
C PRO A 119 -1.51 12.33 -2.84
N VAL A 120 -2.26 12.64 -3.90
CA VAL A 120 -2.96 11.61 -4.65
C VAL A 120 -1.99 10.59 -5.22
N THR A 121 -0.71 10.96 -5.36
CA THR A 121 0.29 10.02 -5.82
C THR A 121 0.47 8.86 -4.85
N SER A 122 0.33 9.12 -3.55
CA SER A 122 0.51 8.07 -2.56
C SER A 122 -0.53 6.97 -2.73
N ALA A 123 -1.79 7.36 -2.93
CA ALA A 123 -2.82 6.34 -3.16
C ALA A 123 -2.54 5.57 -4.44
N ILE A 124 -2.12 6.28 -5.50
CA ILE A 124 -1.79 5.62 -6.76
C ILE A 124 -0.62 4.67 -6.57
N ARG A 125 0.40 5.07 -5.82
CA ARG A 125 1.56 4.20 -5.62
C ARG A 125 1.21 2.97 -4.80
N LEU A 126 0.24 3.08 -3.89
CA LEU A 126 -0.17 1.91 -3.11
C LEU A 126 -0.81 0.85 -3.99
N GLY A 127 -1.49 1.26 -5.06
CA GLY A 127 -2.06 0.31 -5.99
C GLY A 127 -1.10 -0.25 -7.00
N GLY A 128 0.17 0.17 -6.96
CA GLY A 128 1.18 -0.30 -7.89
C GLY A 128 1.40 0.59 -9.08
N GLY A 129 0.73 1.74 -9.14
CA GLY A 129 0.82 2.59 -10.31
C GLY A 129 2.05 3.48 -10.29
N ARG A 130 2.56 3.76 -11.49
CA ARG A 130 3.60 4.76 -11.70
C ARG A 130 2.99 5.91 -12.48
N ILE A 131 3.14 7.13 -11.97
CA ILE A 131 2.43 8.29 -12.51
C ILE A 131 3.13 8.77 -13.77
N VAL A 132 2.35 9.05 -14.81
CA VAL A 132 2.82 9.72 -16.02
C VAL A 132 2.02 11.02 -16.14
N GLU A 133 2.71 12.15 -16.02
CA GLU A 133 2.05 13.45 -16.02
C GLU A 133 1.96 14.00 -17.44
N VAL A 134 0.80 14.58 -17.76
CA VAL A 134 0.51 15.07 -19.10
C VAL A 134 0.40 16.59 -19.05
N GLY A 135 1.03 17.26 -20.02
CA GLY A 135 0.89 18.69 -20.15
C GLY A 135 1.66 19.45 -19.08
N SER A 136 1.42 20.76 -19.05
CA SER A 136 1.99 21.64 -18.05
C SER A 136 0.96 21.95 -16.98
N SER A 137 1.38 22.68 -15.95
CA SER A 137 0.47 23.02 -14.87
C SER A 137 -0.60 24.02 -15.30
N ASN A 138 -0.37 24.76 -16.39
CA ASN A 138 -1.32 25.75 -16.86
C ASN A 138 -1.98 25.38 -18.18
N LEU A 139 -1.45 24.41 -18.91
CA LEU A 139 -1.97 24.06 -20.22
C LEU A 139 -1.76 22.58 -20.48
N ALA A 140 -2.75 21.94 -21.08
CA ALA A 140 -2.65 20.55 -21.47
C ALA A 140 -3.46 20.34 -22.75
N THR A 141 -2.81 19.81 -23.78
CA THR A 141 -3.46 19.57 -25.05
C THR A 141 -3.79 18.09 -25.19
N ARG A 142 -4.63 17.77 -26.18
CA ARG A 142 -5.05 16.38 -26.35
C ARG A 142 -3.91 15.53 -26.89
N TRP A 143 -3.13 16.04 -27.84
CA TRP A 143 -2.04 15.24 -28.39
C TRP A 143 -1.03 14.88 -27.32
N GLN A 144 -0.87 15.73 -26.29
CA GLN A 144 -0.04 15.37 -25.15
C GLN A 144 -0.63 14.19 -24.39
N LEU A 145 -1.95 14.16 -24.25
CA LEU A 145 -2.59 13.03 -23.59
C LEU A 145 -2.41 11.74 -24.39
N GLU A 146 -2.49 11.84 -25.72
CA GLU A 146 -2.38 10.66 -26.56
C GLU A 146 -0.95 10.14 -26.61
N SER A 147 0.05 11.02 -26.50
CA SER A 147 1.44 10.57 -26.58
C SER A 147 1.84 9.81 -25.32
N ALA A 148 1.19 10.07 -24.19
CA ALA A 148 1.55 9.39 -22.94
C ALA A 148 1.11 7.94 -22.92
N ILE A 149 0.19 7.55 -23.80
CA ILE A 149 -0.30 6.17 -23.84
C ILE A 149 0.71 5.30 -24.56
N ASN A 150 1.11 4.20 -23.93
CA ASN A 150 1.95 3.20 -24.55
C ASN A 150 1.61 1.85 -23.95
N GLU A 151 2.38 0.82 -24.32
CA GLU A 151 2.07 -0.54 -23.90
C GLU A 151 2.23 -0.75 -22.40
N LYS A 152 2.92 0.16 -21.71
CA LYS A 152 3.06 0.08 -20.26
C LYS A 152 1.94 0.81 -19.53
N THR A 153 1.11 1.57 -20.23
CA THR A 153 0.03 2.32 -19.59
C THR A 153 -1.03 1.36 -19.06
N ALA A 154 -1.47 1.59 -17.82
CA ALA A 154 -2.48 0.74 -17.19
C ALA A 154 -3.83 1.40 -17.04
N ALA A 155 -3.89 2.72 -16.90
CA ALA A 155 -5.15 3.42 -16.73
C ALA A 155 -4.94 4.91 -16.93
N LEU A 156 -6.04 5.62 -17.16
CA LEU A 156 -6.07 7.07 -17.17
C LEU A 156 -6.81 7.57 -15.94
N LEU A 157 -6.35 8.67 -15.36
CA LEU A 157 -6.93 9.19 -14.13
C LEU A 157 -7.37 10.64 -14.34
N TYR A 158 -8.64 10.91 -14.07
CA TYR A 158 -9.19 12.26 -14.08
C TYR A 158 -9.60 12.62 -12.67
N VAL A 159 -9.16 13.77 -12.18
CA VAL A 159 -9.43 14.22 -10.82
C VAL A 159 -10.35 15.43 -10.90
N LYS A 160 -11.53 15.32 -10.30
CA LYS A 160 -12.47 16.44 -10.19
C LYS A 160 -12.36 17.01 -8.78
N SER A 161 -11.87 18.24 -8.68
CA SER A 161 -11.69 18.87 -7.38
C SER A 161 -11.36 20.34 -7.61
N HIS A 162 -11.67 21.16 -6.61
CA HIS A 162 -11.19 22.53 -6.61
C HIS A 162 -9.68 22.60 -6.40
N HIS A 163 -9.08 21.51 -5.88
CA HIS A 163 -7.62 21.45 -5.78
C HIS A 163 -6.96 21.48 -7.15
N CYS A 164 -7.62 20.92 -8.16
CA CYS A 164 -7.02 20.82 -9.49
C CYS A 164 -7.00 22.18 -10.18
N VAL A 165 -6.10 22.31 -11.15
CA VAL A 165 -6.06 23.49 -12.00
C VAL A 165 -7.34 23.54 -12.83
N GLN A 166 -8.03 24.68 -12.78
CA GLN A 166 -9.33 24.78 -13.44
C GLN A 166 -9.19 24.98 -14.95
N LYS A 167 -8.69 26.14 -15.35
CA LYS A 167 -8.58 26.46 -16.76
C LYS A 167 -7.29 25.89 -17.37
N GLY A 168 -7.35 25.61 -18.67
CA GLY A 168 -6.22 25.08 -19.40
C GLY A 168 -6.11 23.58 -19.43
N MET A 169 -6.97 22.87 -18.70
CA MET A 169 -6.92 21.41 -18.62
C MET A 169 -7.91 20.80 -19.60
N LEU A 170 -7.70 19.51 -19.89
CA LEU A 170 -8.58 18.79 -20.79
C LEU A 170 -9.92 18.49 -20.11
N SER A 171 -10.93 18.26 -20.95
CA SER A 171 -12.25 17.95 -20.44
C SER A 171 -12.38 16.46 -20.14
N ILE A 172 -13.41 16.13 -19.37
CA ILE A 172 -13.69 14.71 -19.07
C ILE A 172 -13.99 13.95 -20.35
N ASP A 173 -14.57 14.62 -21.35
CA ASP A 173 -14.84 13.96 -22.62
C ASP A 173 -13.55 13.52 -23.31
N ASP A 174 -12.50 14.35 -23.23
CA ASP A 174 -11.23 14.01 -23.85
C ASP A 174 -10.65 12.72 -23.27
N PHE A 175 -10.76 12.55 -21.95
CA PHE A 175 -10.24 11.33 -21.33
C PHE A 175 -11.05 10.11 -21.74
N VAL A 176 -12.38 10.22 -21.78
CA VAL A 176 -13.21 9.09 -22.17
C VAL A 176 -12.87 8.63 -23.58
N GLN A 177 -12.73 9.57 -24.51
CA GLN A 177 -12.45 9.21 -25.91
C GLN A 177 -11.10 8.53 -26.03
N VAL A 178 -10.07 9.07 -25.37
CA VAL A 178 -8.74 8.47 -25.45
C VAL A 178 -8.71 7.12 -24.76
N ALA A 179 -9.37 7.01 -23.61
CA ALA A 179 -9.37 5.75 -22.87
C ALA A 179 -10.01 4.62 -23.67
N GLN A 180 -11.20 4.87 -24.22
CA GLN A 180 -11.89 3.83 -24.98
C GLN A 180 -11.22 3.53 -26.31
N ALA A 181 -10.43 4.48 -26.84
CA ALA A 181 -9.71 4.22 -28.08
C ALA A 181 -8.51 3.29 -27.88
N ASN A 182 -7.96 3.21 -26.68
CA ASN A 182 -6.85 2.32 -26.38
C ASN A 182 -7.28 1.12 -25.53
N HIS A 183 -8.58 0.95 -25.30
CA HIS A 183 -9.11 -0.12 -24.45
C HIS A 183 -8.40 -0.13 -23.10
N LEU A 184 -8.31 1.04 -22.51
CA LEU A 184 -7.78 1.23 -21.17
C LEU A 184 -8.88 1.75 -20.25
N PRO A 185 -8.88 1.36 -18.98
CA PRO A 185 -9.91 1.84 -18.07
C PRO A 185 -9.65 3.29 -17.67
N LEU A 186 -10.72 4.07 -17.57
CA LEU A 186 -10.66 5.45 -17.11
C LEU A 186 -11.11 5.53 -15.66
N ILE A 187 -10.28 6.09 -14.82
CA ILE A 187 -10.54 6.22 -13.39
C ILE A 187 -10.79 7.68 -13.08
N VAL A 188 -11.87 7.96 -12.35
CA VAL A 188 -12.25 9.33 -12.00
C VAL A 188 -12.26 9.45 -10.49
N ASP A 189 -11.52 10.44 -9.98
CA ASP A 189 -11.53 10.78 -8.57
C ASP A 189 -12.56 11.88 -8.36
N ALA A 190 -13.71 11.52 -7.78
CA ALA A 190 -14.76 12.48 -7.47
C ALA A 190 -15.10 12.40 -5.99
N ALA A 191 -14.07 12.55 -5.15
CA ALA A 191 -14.23 12.28 -3.73
C ALA A 191 -15.25 13.21 -3.08
N ALA A 192 -15.14 14.50 -3.35
CA ALA A 192 -16.02 15.49 -2.74
C ALA A 192 -17.28 15.75 -3.56
N GLU A 193 -17.41 15.12 -4.72
CA GLU A 193 -18.55 15.38 -5.59
C GLU A 193 -19.83 14.78 -5.01
N GLU A 194 -20.91 15.54 -5.10
CA GLU A 194 -22.24 15.05 -4.74
C GLU A 194 -23.02 14.52 -5.94
N ASP A 195 -22.52 14.75 -7.14
CA ASP A 195 -23.16 14.21 -8.35
C ASP A 195 -22.85 12.73 -8.44
N LEU A 196 -23.85 11.90 -8.13
CA LEU A 196 -23.65 10.46 -8.11
C LEU A 196 -23.71 9.83 -9.50
N ARG A 197 -24.49 10.41 -10.41
CA ARG A 197 -24.73 9.80 -11.71
C ARG A 197 -23.92 10.44 -12.83
N GLY A 198 -23.51 11.70 -12.68
CA GLY A 198 -22.91 12.42 -13.80
C GLY A 198 -21.61 11.81 -14.28
N TRP A 199 -20.81 11.28 -13.36
CA TRP A 199 -19.50 10.77 -13.74
C TRP A 199 -19.57 9.38 -14.33
N VAL A 200 -20.50 8.54 -13.86
CA VAL A 200 -20.70 7.24 -14.48
C VAL A 200 -21.27 7.39 -15.89
N ALA A 201 -22.20 8.34 -16.06
CA ALA A 201 -22.87 8.50 -17.35
C ALA A 201 -21.94 8.99 -18.45
N SER A 202 -20.85 9.69 -18.09
CA SER A 202 -19.92 10.21 -19.09
C SER A 202 -19.08 9.13 -19.75
N GLY A 203 -19.14 7.88 -19.26
CA GLY A 203 -18.39 6.79 -19.83
C GLY A 203 -17.19 6.36 -19.04
N ALA A 204 -16.98 6.92 -17.84
CA ALA A 204 -15.87 6.51 -17.01
C ALA A 204 -16.07 5.08 -16.53
N ASP A 205 -14.96 4.34 -16.42
CA ASP A 205 -15.04 2.94 -16.04
C ASP A 205 -15.15 2.76 -14.52
N MET A 206 -14.40 3.55 -13.75
CA MET A 206 -14.46 3.48 -12.29
C MET A 206 -14.42 4.88 -11.72
N VAL A 207 -15.40 5.21 -10.87
CA VAL A 207 -15.51 6.51 -10.23
C VAL A 207 -15.50 6.31 -8.72
N ILE A 208 -14.76 7.17 -8.02
CA ILE A 208 -14.53 7.04 -6.58
C ILE A 208 -15.18 8.22 -5.86
N TYR A 209 -15.96 7.91 -4.82
CA TYR A 209 -16.59 8.91 -3.97
C TYR A 209 -16.17 8.68 -2.52
N SER A 210 -16.36 9.72 -1.70
CA SER A 210 -16.11 9.64 -0.26
C SER A 210 -17.46 9.74 0.45
N GLY A 211 -17.82 8.67 1.17
CA GLY A 211 -19.10 8.65 1.85
C GLY A 211 -19.21 9.66 2.97
N ALA A 212 -18.11 9.91 3.67
CA ALA A 212 -18.11 10.85 4.79
C ALA A 212 -18.20 12.29 4.28
N1 LLP A 213 -9.32 12.99 -3.58
C2 LLP A 213 -9.76 14.25 -3.45
C2' LLP A 213 -9.86 15.18 -4.70
C3 LLP A 213 -10.11 14.76 -2.18
O3 LLP A 213 -10.56 16.08 -2.06
C4 LLP A 213 -10.03 13.95 -1.07
C4' LLP A 213 -10.44 14.56 0.37
C5 LLP A 213 -9.58 12.66 -1.18
C6 LLP A 213 -9.22 12.17 -2.45
C5' LLP A 213 -9.47 11.72 0.06
OP4 LLP A 213 -10.74 11.23 0.40
P LLP A 213 -10.91 10.44 1.71
OP1 LLP A 213 -9.73 9.47 1.85
OP2 LLP A 213 -12.19 9.68 1.67
OP3 LLP A 213 -10.92 11.38 2.88
N LLP A 213 -17.37 12.60 3.29
CA LLP A 213 -17.23 13.97 2.79
CB LLP A 213 -16.16 14.00 1.72
CG LLP A 213 -14.87 14.63 2.24
CD LLP A 213 -13.97 14.83 1.02
CE LLP A 213 -12.49 14.87 1.43
NZ LLP A 213 -11.71 15.17 0.23
C LLP A 213 -18.48 14.53 2.19
O LLP A 213 -18.80 15.68 2.44
N ALA A 214 -19.17 13.74 1.39
CA ALA A 214 -20.26 14.26 0.59
C ALA A 214 -21.65 13.94 1.14
N PHE A 215 -21.80 12.75 1.72
CA PHE A 215 -23.11 12.25 2.11
C PHE A 215 -23.24 12.06 3.63
N ASN A 216 -22.34 12.67 4.40
CA ASN A 216 -22.38 12.65 5.86
C ASN A 216 -22.62 11.24 6.40
N ALA A 217 -21.73 10.34 5.99
CA ALA A 217 -21.79 8.93 6.33
C ALA A 217 -20.68 8.58 7.30
N PRO A 218 -20.80 7.45 8.01
CA PRO A 218 -19.65 6.94 8.76
C PRO A 218 -18.51 6.66 7.78
N THR A 219 -17.30 6.61 8.34
CA THR A 219 -16.08 6.53 7.54
C THR A 219 -16.17 5.47 6.46
N SER A 220 -16.27 5.90 5.20
CA SER A 220 -16.56 4.99 4.10
C SER A 220 -16.26 5.70 2.79
N GLY A 221 -16.20 4.89 1.73
CA GLY A 221 -16.08 5.35 0.36
C GLY A 221 -16.50 4.22 -0.55
N PHE A 222 -16.68 4.53 -1.82
CA PHE A 222 -17.08 3.48 -2.75
C PHE A 222 -16.56 3.75 -4.15
N ILE A 223 -16.36 2.66 -4.89
CA ILE A 223 -16.02 2.69 -6.31
C ILE A 223 -17.25 2.23 -7.08
N THR A 224 -17.61 2.96 -8.13
CA THR A 224 -18.77 2.64 -8.94
C THR A 224 -18.39 2.70 -10.41
N GLY A 225 -18.94 1.77 -11.20
CA GLY A 225 -18.59 1.73 -12.61
C GLY A 225 -19.02 0.44 -13.27
N ARG A 226 -18.25 0.02 -14.28
CA ARG A 226 -18.61 -1.16 -15.04
CA ARG A 226 -18.60 -1.16 -15.04
C ARG A 226 -18.31 -2.43 -14.23
N LYS A 227 -19.15 -3.45 -14.42
CA LYS A 227 -19.07 -4.65 -13.61
C LYS A 227 -17.75 -5.39 -13.79
N THR A 228 -17.18 -5.36 -14.99
CA THR A 228 -15.93 -6.09 -15.22
C THR A 228 -14.78 -5.49 -14.41
N TRP A 229 -14.75 -4.16 -14.27
CA TRP A 229 -13.69 -3.52 -13.50
C TRP A 229 -13.98 -3.50 -12.01
N ILE A 230 -15.25 -3.33 -11.63
CA ILE A 230 -15.61 -3.41 -10.22
C ILE A 230 -15.26 -4.78 -9.66
N ALA A 231 -15.43 -5.83 -10.47
CA ALA A 231 -15.04 -7.16 -10.05
C ALA A 231 -13.55 -7.23 -9.75
N ALA A 232 -12.72 -6.56 -10.56
CA ALA A 232 -11.29 -6.51 -10.29
C ALA A 232 -11.00 -5.72 -9.01
N CYS A 233 -11.85 -4.76 -8.66
CA CYS A 233 -11.69 -4.09 -7.38
C CYS A 233 -12.01 -5.04 -6.23
N LYS A 234 -13.11 -5.79 -6.35
CA LYS A 234 -13.46 -6.75 -5.31
C LYS A 234 -12.35 -7.76 -5.08
N ALA A 235 -11.64 -8.13 -6.14
CA ALA A 235 -10.56 -9.11 -6.05
C ALA A 235 -9.41 -8.65 -5.17
N GLN A 236 -9.36 -7.36 -4.81
CA GLN A 236 -8.27 -6.85 -4.00
C GLN A 236 -8.41 -7.16 -2.52
N HIS A 237 -9.48 -7.84 -2.10
CA HIS A 237 -9.66 -8.15 -0.68
C HIS A 237 -8.61 -9.12 -0.15
N GLN A 238 -8.02 -9.94 -1.02
CA GLN A 238 -6.90 -10.79 -0.64
C GLN A 238 -5.56 -10.09 -0.75
N GLY A 239 -5.53 -8.84 -1.17
CA GLY A 239 -4.28 -8.12 -1.33
C GLY A 239 -4.20 -6.82 -0.54
N ILE A 240 -4.03 -5.71 -1.25
CA ILE A 240 -3.79 -4.44 -0.57
C ILE A 240 -5.04 -3.91 0.13
N ALA A 241 -6.23 -4.35 -0.28
CA ALA A 241 -7.44 -3.84 0.35
C ALA A 241 -7.66 -4.41 1.75
N ARG A 242 -6.93 -5.46 2.12
CA ARG A 242 -7.07 -6.03 3.46
C ARG A 242 -6.61 -5.05 4.53
N ALA A 243 -5.66 -4.16 4.20
CA ALA A 243 -5.18 -3.14 5.11
C ALA A 243 -6.01 -1.87 5.07
N MET A 244 -6.90 -1.73 4.08
CA MET A 244 -7.78 -0.57 3.98
C MET A 244 -9.20 -0.99 4.31
N LYS A 245 -9.38 -1.61 5.49
CA LYS A 245 -10.60 -2.34 5.78
C LYS A 245 -11.73 -1.41 6.20
N ILE A 246 -12.93 -1.71 5.72
CA ILE A 246 -14.16 -1.15 6.24
C ILE A 246 -15.04 -2.31 6.69
N GLY A 247 -15.60 -2.22 7.89
CA GLY A 247 -16.36 -3.30 8.46
C GLY A 247 -17.80 -3.32 7.98
N LYS A 248 -18.52 -4.35 8.43
CA LYS A 248 -19.93 -4.48 8.08
C LYS A 248 -20.76 -3.32 8.61
N GLU A 249 -20.34 -2.73 9.73
CA GLU A 249 -21.15 -1.67 10.35
C GLU A 249 -21.15 -0.42 9.49
N ASN A 250 -20.00 -0.01 8.96
CA ASN A 250 -19.92 1.18 8.12
C ASN A 250 -20.32 0.91 6.67
N MET A 251 -20.20 -0.34 6.21
CA MET A 251 -20.79 -0.70 4.92
C MET A 251 -22.29 -0.44 4.92
N VAL A 252 -22.98 -0.93 5.95
CA VAL A 252 -24.41 -0.67 6.10
C VAL A 252 -24.66 0.82 6.32
N GLY A 253 -23.78 1.47 7.09
CA GLY A 253 -23.96 2.88 7.36
C GLY A 253 -23.95 3.73 6.09
N LEU A 254 -23.07 3.41 5.15
CA LEU A 254 -23.02 4.15 3.89
C LEU A 254 -24.32 4.00 3.11
N VAL A 255 -24.87 2.78 3.05
CA VAL A 255 -26.10 2.56 2.30
C VAL A 255 -27.25 3.33 2.93
N TYR A 256 -27.37 3.29 4.26
CA TYR A 256 -28.44 4.04 4.92
C TYR A 256 -28.19 5.54 4.87
N ALA A 257 -26.93 5.96 4.79
CA ALA A 257 -26.64 7.38 4.61
C ALA A 257 -27.00 7.84 3.20
N LEU A 258 -26.85 6.96 2.21
CA LEU A 258 -27.23 7.31 0.85
C LEU A 258 -28.75 7.49 0.73
N GLU A 259 -29.52 6.61 1.38
CA GLU A 259 -30.98 6.76 1.35
C GLU A 259 -31.41 8.00 2.13
N ASN A 260 -30.73 8.30 3.24
CA ASN A 260 -31.04 9.52 3.99
C ASN A 260 -30.72 10.77 3.18
N TYR A 261 -29.74 10.69 2.29
CA TYR A 261 -29.42 11.79 1.40
C TYR A 261 -30.43 11.87 0.25
N HIS A 262 -30.90 10.72 -0.23
CA HIS A 262 -31.87 10.67 -1.32
C HIS A 262 -33.25 11.16 -0.89
N GLN A 263 -33.63 10.91 0.36
CA GLN A 263 -34.93 11.37 0.85
C GLN A 263 -35.05 12.89 0.83
N GLY A 264 -33.94 13.59 0.89
CA GLY A 264 -33.95 15.05 0.91
C GLY A 264 -33.45 15.57 2.24
N GLN A 265 -32.91 16.78 2.20
CA GLN A 265 -32.38 17.44 3.38
C GLN A 265 -32.91 18.87 3.44
N THR A 266 -33.38 19.27 4.61
CA THR A 266 -33.94 20.60 4.82
C THR A 266 -32.77 21.58 4.88
N THR A 267 -32.56 22.32 3.80
CA THR A 267 -31.51 23.31 3.77
C THR A 267 -31.93 24.55 4.55
N VAL A 268 -30.95 25.22 5.15
CA VAL A 268 -31.24 26.38 5.99
C VAL A 268 -31.64 27.54 5.09
N THR A 269 -32.84 28.06 5.29
CA THR A 269 -33.31 29.18 4.49
C THR A 269 -32.70 30.48 5.00
N ALA A 270 -32.69 31.49 4.12
CA ALA A 270 -32.19 32.80 4.51
C ALA A 270 -33.03 33.41 5.63
N ALA A 271 -34.32 33.09 5.66
CA ALA A 271 -35.17 33.59 6.74
C ALA A 271 -34.72 33.05 8.09
N GLN A 272 -34.28 31.79 8.15
CA GLN A 272 -33.83 31.22 9.40
C GLN A 272 -32.53 31.88 9.87
N LEU A 273 -31.66 32.24 8.93
CA LEU A 273 -30.39 32.86 9.26
C LEU A 273 -30.52 34.32 9.67
N GLN A 274 -31.61 34.98 9.25
CA GLN A 274 -31.75 36.41 9.49
C GLN A 274 -31.71 36.79 10.97
N PRO A 275 -32.40 36.09 11.89
CA PRO A 275 -32.24 36.44 13.30
C PRO A 275 -30.80 36.40 13.79
N VAL A 276 -30.03 35.39 13.36
CA VAL A 276 -28.63 35.29 13.79
C VAL A 276 -27.82 36.44 13.21
N ALA A 277 -28.13 36.87 11.98
CA ALA A 277 -27.39 37.97 11.39
C ALA A 277 -27.65 39.28 12.13
N GLU A 278 -28.90 39.49 12.55
CA GLU A 278 -29.22 40.71 13.30
C GLU A 278 -28.57 40.71 14.67
N ALA A 279 -28.50 39.55 15.31
CA ALA A 279 -27.92 39.48 16.66
C ALA A 279 -26.45 39.86 16.65
N ILE A 280 -25.71 39.39 15.65
CA ILE A 280 -24.29 39.73 15.55
C ILE A 280 -24.13 41.21 15.23
N SER A 281 -25.03 41.78 14.42
CA SER A 281 -24.93 43.20 14.08
C SER A 281 -25.17 44.09 15.29
N ALA A 282 -25.94 43.62 16.28
CA ALA A 282 -26.13 44.39 17.51
C ALA A 282 -24.83 44.55 18.29
N ILE A 283 -23.90 43.59 18.14
CA ILE A 283 -22.61 43.67 18.81
C ILE A 283 -21.78 44.78 18.19
N HIS A 284 -21.17 45.60 19.04
CA HIS A 284 -20.37 46.73 18.56
C HIS A 284 -19.14 46.24 17.82
N GLY A 285 -18.94 46.74 16.61
CA GLY A 285 -17.81 46.34 15.79
C GLY A 285 -18.07 45.18 14.84
N LEU A 286 -19.23 44.54 14.94
CA LEU A 286 -19.58 43.41 14.09
C LEU A 286 -20.79 43.75 13.23
N TYR A 287 -20.70 43.44 11.93
CA TYR A 287 -21.83 43.56 11.01
C TYR A 287 -21.98 42.24 10.27
N ALA A 288 -23.17 41.65 10.35
CA ALA A 288 -23.45 40.36 9.74
C ALA A 288 -24.55 40.51 8.70
N ASP A 289 -24.39 39.82 7.57
CA ASP A 289 -25.41 39.79 6.53
C ASP A 289 -25.34 38.44 5.84
N ILE A 290 -26.46 38.03 5.27
CA ILE A 290 -26.57 36.75 4.57
C ILE A 290 -26.16 36.92 3.11
N GLU A 291 -25.39 35.96 2.61
CA GLU A 291 -24.88 36.00 1.24
C GLU A 291 -25.00 34.62 0.63
N GLN A 292 -25.64 34.53 -0.54
CA GLN A 292 -25.74 33.29 -1.27
C GLN A 292 -24.45 32.95 -2.01
N ASP A 293 -24.29 31.67 -2.29
CA ASP A 293 -23.13 31.15 -3.01
C ASP A 293 -23.10 31.67 -4.46
N GLU A 294 -21.90 31.94 -4.95
CA GLU A 294 -21.71 32.53 -6.27
C GLU A 294 -22.43 31.77 -7.38
N ALA A 295 -22.22 30.46 -7.47
CA ALA A 295 -22.86 29.62 -8.48
C ALA A 295 -24.39 29.64 -8.39
N GLY A 296 -24.94 30.41 -7.45
CA GLY A 296 -26.37 30.52 -7.24
C GLY A 296 -27.03 29.38 -6.50
N ARG A 297 -26.30 28.30 -6.21
CA ARG A 297 -26.80 27.18 -5.42
C ARG A 297 -27.60 27.63 -4.19
N ALA A 298 -28.49 26.76 -3.71
CA ALA A 298 -29.29 27.01 -2.52
C ALA A 298 -28.46 26.94 -1.24
N ILE A 299 -27.30 27.60 -1.24
CA ILE A 299 -26.40 27.62 -0.09
C ILE A 299 -26.28 29.06 0.40
N TRP A 300 -26.79 29.32 1.59
CA TRP A 300 -26.77 30.63 2.22
C TRP A 300 -25.79 30.61 3.40
N ARG A 301 -25.05 31.70 3.57
CA ARG A 301 -24.05 31.79 4.61
C ARG A 301 -24.14 33.16 5.29
N ILE A 302 -23.68 33.21 6.54
CA ILE A 302 -23.72 34.44 7.34
C ILE A 302 -22.33 35.06 7.26
N ARG A 303 -22.20 36.08 6.42
CA ARG A 303 -20.95 36.81 6.30
C ARG A 303 -20.84 37.82 7.43
N VAL A 304 -19.75 37.75 8.19
CA VAL A 304 -19.53 38.61 9.35
C VAL A 304 -18.34 39.50 9.05
N ARG A 305 -18.56 40.81 9.07
CA ARG A 305 -17.52 41.80 8.82
C ARG A 305 -17.14 42.47 10.13
N VAL A 306 -15.84 42.59 10.36
CA VAL A 306 -15.31 43.13 11.62
C VAL A 306 -14.73 44.50 11.35
N ASN A 307 -15.04 45.47 12.21
CA ASN A 307 -14.47 46.79 12.14
C ASN A 307 -13.42 46.90 13.25
N ALA A 308 -12.15 46.95 12.87
CA ALA A 308 -11.08 46.98 13.86
C ALA A 308 -11.17 48.23 14.72
N SER A 309 -11.60 49.35 14.13
CA SER A 309 -11.69 50.60 14.89
C SER A 309 -12.70 50.48 16.03
N GLU A 310 -13.88 49.93 15.74
CA GLU A 310 -14.92 49.83 16.77
C GLU A 310 -14.63 48.71 17.75
N LEU A 311 -14.40 47.49 17.26
CA LEU A 311 -14.23 46.35 18.14
C LEU A 311 -12.89 46.40 18.87
N GLY A 312 -11.81 46.73 18.16
CA GLY A 312 -10.48 46.67 18.70
C GLY A 312 -9.66 45.49 18.21
N LEU A 313 -10.26 44.61 17.41
CA LEU A 313 -9.58 43.44 16.87
C LEU A 313 -9.92 43.32 15.39
N ASN A 314 -8.96 42.81 14.62
CA ASN A 314 -9.24 42.51 13.22
C ASN A 314 -9.89 41.14 13.09
N ALA A 315 -10.36 40.83 11.88
CA ALA A 315 -11.08 39.58 11.67
C ALA A 315 -10.20 38.38 11.98
N GLN A 316 -8.90 38.47 11.69
CA GLN A 316 -7.99 37.37 12.03
C GLN A 316 -7.96 37.14 13.54
N ASP A 317 -7.90 38.23 14.32
CA ASP A 317 -7.91 38.10 15.77
C ASP A 317 -9.22 37.51 16.26
N VAL A 318 -10.33 37.88 15.62
CA VAL A 318 -11.64 37.35 16.03
C VAL A 318 -11.74 35.87 15.71
N GLU A 319 -11.32 35.48 14.50
CA GLU A 319 -11.40 34.08 14.11
C GLU A 319 -10.54 33.20 15.01
N ALA A 320 -9.37 33.71 15.40
CA ALA A 320 -8.49 32.95 16.27
C ALA A 320 -9.10 32.73 17.65
N GLN A 321 -9.75 33.75 18.21
CA GLN A 321 -10.39 33.60 19.51
C GLN A 321 -11.63 32.71 19.43
N LEU A 322 -12.25 32.60 18.25
CA LEU A 322 -13.34 31.64 18.09
C LEU A 322 -12.84 30.20 18.20
N ARG A 323 -11.71 29.90 17.57
CA ARG A 323 -11.16 28.54 17.65
C ARG A 323 -10.54 28.27 19.01
N GLY A 324 -9.77 29.23 19.53
CA GLY A 324 -9.02 29.00 20.75
C GLY A 324 -9.86 28.95 22.01
N GLY A 325 -11.09 29.45 21.96
CA GLY A 325 -11.93 29.48 23.15
C GLY A 325 -12.22 28.09 23.69
N GLU A 326 -12.83 28.07 24.88
CA GLU A 326 -13.19 26.81 25.52
C GLU A 326 -14.14 26.00 24.65
N ILE A 327 -15.00 26.67 23.89
CA ILE A 327 -15.80 26.05 22.85
C ILE A 327 -15.11 26.41 21.53
N ALA A 328 -14.53 25.41 20.86
CA ALA A 328 -13.80 25.63 19.62
C ALA A 328 -14.78 25.88 18.48
N ILE A 329 -14.80 27.11 17.97
CA ILE A 329 -15.70 27.51 16.88
C ILE A 329 -14.87 27.76 15.63
N TYR A 330 -15.11 26.94 14.61
CA TYR A 330 -14.36 27.01 13.35
C TYR A 330 -15.24 27.66 12.29
N ALA A 331 -14.87 28.87 11.89
CA ALA A 331 -15.56 29.59 10.84
C ALA A 331 -14.76 29.56 9.54
N ARG A 332 -15.38 30.05 8.47
CA ARG A 332 -14.70 30.14 7.18
C ARG A 332 -13.75 31.34 7.21
N LYS A 333 -12.45 31.07 7.02
CA LYS A 333 -11.42 32.08 7.08
C LYS A 333 -10.82 32.38 5.71
N TYR A 334 -11.60 32.16 4.65
CA TYR A 334 -11.09 32.36 3.29
C TYR A 334 -10.73 33.82 3.04
N GLN A 335 -11.71 34.71 3.18
CA GLN A 335 -11.48 36.14 2.99
C GLN A 335 -11.14 36.84 4.29
N LEU A 336 -10.40 36.17 5.18
CA LEU A 336 -10.03 36.76 6.46
C LEU A 336 -9.12 37.97 6.29
N HIS A 337 -8.32 37.99 5.22
CA HIS A 337 -7.47 39.14 4.94
C HIS A 337 -8.29 40.38 4.60
N GLN A 338 -9.45 40.19 3.99
CA GLN A 338 -10.34 41.30 3.66
C GLN A 338 -11.14 41.80 4.85
N GLY A 339 -10.91 41.24 6.05
CA GLY A 339 -11.63 41.67 7.23
C GLY A 339 -12.98 41.03 7.44
N VAL A 340 -13.25 39.89 6.79
CA VAL A 340 -14.53 39.21 6.88
C VAL A 340 -14.27 37.73 7.17
N PHE A 341 -15.10 37.15 8.03
CA PHE A 341 -15.17 35.70 8.19
C PHE A 341 -16.62 35.26 8.06
N SER A 342 -16.82 34.04 7.59
CA SER A 342 -18.16 33.54 7.30
C SER A 342 -18.44 32.27 8.07
N LEU A 343 -19.72 31.99 8.26
CA LEU A 343 -20.21 30.82 8.99
C LEU A 343 -21.11 30.01 8.06
N ASP A 344 -20.74 28.76 7.81
CA ASP A 344 -21.52 27.89 6.96
C ASP A 344 -22.49 27.12 7.84
N PRO A 345 -23.80 27.36 7.75
CA PRO A 345 -24.74 26.74 8.70
C PRO A 345 -25.00 25.27 8.46
N ARG A 346 -24.48 24.70 7.38
CA ARG A 346 -24.78 23.30 7.06
C ARG A 346 -24.21 22.35 8.11
N THR A 347 -23.03 22.64 8.65
CA THR A 347 -22.43 21.81 9.67
C THR A 347 -22.80 22.24 11.10
N VAL A 348 -23.53 23.35 11.25
CA VAL A 348 -23.92 23.83 12.57
C VAL A 348 -25.18 23.10 13.01
N ALA A 349 -25.17 22.61 14.25
CA ALA A 349 -26.32 21.90 14.78
C ALA A 349 -27.27 22.88 15.48
N GLU A 350 -28.41 22.34 15.92
CA GLU A 350 -29.41 23.17 16.58
C GLU A 350 -28.90 23.66 17.92
N GLY A 351 -29.02 24.97 18.16
CA GLY A 351 -28.57 25.61 19.36
C GLY A 351 -27.14 26.12 19.30
N GLU A 352 -26.30 25.52 18.47
CA GLU A 352 -24.91 25.98 18.35
C GLU A 352 -24.82 27.38 17.76
N MET A 353 -25.80 27.79 16.95
CA MET A 353 -25.80 29.15 16.43
C MET A 353 -25.87 30.16 17.56
N ALA A 354 -26.70 29.89 18.57
CA ALA A 354 -26.78 30.80 19.71
C ALA A 354 -25.46 30.87 20.46
N LEU A 355 -24.73 29.74 20.51
CA LEU A 355 -23.45 29.72 21.21
C LEU A 355 -22.42 30.58 20.49
N ILE A 356 -22.44 30.58 19.16
CA ILE A 356 -21.48 31.38 18.40
C ILE A 356 -21.69 32.87 18.67
N VAL A 357 -22.94 33.31 18.73
CA VAL A 357 -23.21 34.71 19.03
C VAL A 357 -22.75 35.07 20.43
N ALA A 358 -22.93 34.14 21.38
CA ALA A 358 -22.49 34.39 22.74
C ALA A 358 -20.97 34.53 22.82
N ARG A 359 -20.24 33.65 22.13
CA ARG A 359 -18.78 33.77 22.12
C ARG A 359 -18.34 35.05 21.43
N LEU A 360 -19.04 35.43 20.36
CA LEU A 360 -18.74 36.70 19.70
C LEU A 360 -19.01 37.87 20.63
N ARG A 361 -20.09 37.79 21.41
CA ARG A 361 -20.39 38.84 22.37
C ARG A 361 -19.33 38.88 23.47
N GLU A 362 -18.90 37.70 23.96
CA GLU A 362 -17.87 37.65 24.98
C GLU A 362 -16.55 38.21 24.47
N ILE A 363 -16.19 37.89 23.22
CA ILE A 363 -14.96 38.43 22.64
C ILE A 363 -15.03 39.95 22.56
N ALA A 364 -16.22 40.49 22.29
CA ALA A 364 -16.38 41.93 22.22
C ALA A 364 -16.21 42.57 23.59
N GLU A 365 -16.78 41.97 24.64
CA GLU A 365 -16.64 42.54 25.97
C GLU A 365 -15.19 42.62 26.40
N HIS A 366 -14.41 41.56 26.13
CA HIS A 366 -13.00 41.56 26.48
C HIS A 366 -12.15 42.36 25.51
N ALA A 367 -12.74 42.87 24.42
CA ALA A 367 -12.04 43.82 23.56
C ALA A 367 -11.84 45.16 24.26
N ALA A 368 -12.84 45.62 25.00
CA ALA A 368 -12.69 46.79 25.85
C ALA A 368 -12.08 46.46 27.20
N ASP A 369 -11.75 45.19 27.42
CA ASP A 369 -11.20 44.61 28.65
C ASP A 369 -11.04 45.56 29.84
N MET B 1 27.03 -57.91 27.78
CA MET B 1 27.15 -58.13 26.34
C MET B 1 28.60 -57.98 25.85
N THR B 2 28.99 -58.85 24.92
CA THR B 2 30.28 -58.73 24.28
C THR B 2 30.40 -57.33 23.68
N PRO B 3 31.52 -56.63 23.89
CA PRO B 3 31.61 -55.24 23.42
C PRO B 3 31.50 -55.16 21.90
N ASN B 4 30.71 -54.18 21.45
CA ASN B 4 30.62 -53.97 20.02
C ASN B 4 31.88 -53.29 19.51
N ILE B 5 31.97 -53.15 18.18
CA ILE B 5 33.18 -52.61 17.58
C ILE B 5 33.40 -51.16 18.02
N TYR B 6 32.32 -50.40 18.21
CA TYR B 6 32.49 -49.01 18.64
C TYR B 6 33.05 -48.92 20.06
N GLN B 7 32.65 -49.86 20.94
CA GLN B 7 33.25 -49.89 22.27
C GLN B 7 34.73 -50.18 22.19
N GLN B 8 35.15 -51.02 21.24
CA GLN B 8 36.55 -51.34 21.06
C GLN B 8 37.37 -50.14 20.59
N LEU B 9 36.73 -49.16 19.95
CA LEU B 9 37.40 -47.95 19.51
C LEU B 9 37.35 -46.83 20.55
N GLY B 10 36.78 -47.09 21.72
CA GLY B 10 36.72 -46.10 22.77
C GLY B 10 35.42 -45.33 22.88
N LEU B 11 34.37 -45.77 22.19
CA LEU B 11 33.09 -45.07 22.19
C LEU B 11 32.08 -45.84 23.04
N LYS B 12 30.96 -45.18 23.32
CA LYS B 12 29.94 -45.73 24.20
C LYS B 12 29.06 -46.74 23.47
N LYS B 13 28.62 -47.75 24.21
CA LYS B 13 27.59 -48.64 23.72
C LYS B 13 26.26 -47.90 23.70
N VAL B 14 25.57 -47.93 22.57
CA VAL B 14 24.35 -47.17 22.35
C VAL B 14 23.16 -48.12 22.34
N ILE B 15 22.10 -47.73 23.04
CA ILE B 15 20.83 -48.45 23.02
C ILE B 15 19.81 -47.53 22.37
N ASN B 16 19.27 -47.95 21.23
CA ASN B 16 18.35 -47.12 20.46
C ASN B 16 16.93 -47.54 20.79
N ALA B 17 16.15 -46.61 21.36
CA ALA B 17 14.75 -46.83 21.63
C ALA B 17 13.89 -45.67 21.16
N CYS B 18 14.46 -44.77 20.36
CA CYS B 18 13.73 -43.64 19.79
C CYS B 18 13.23 -43.91 18.38
N GLY B 19 14.08 -44.45 17.53
CA GLY B 19 13.73 -44.71 16.14
C GLY B 19 14.94 -44.59 15.26
N LYS B 20 14.70 -44.48 13.95
CA LYS B 20 15.78 -44.39 12.96
C LYS B 20 16.29 -42.96 12.92
N MET B 21 17.18 -42.64 13.86
CA MET B 21 17.70 -41.29 14.01
C MET B 21 19.07 -41.18 13.36
N THR B 22 19.28 -40.12 12.57
CA THR B 22 20.55 -39.93 11.89
C THR B 22 21.69 -39.71 12.87
N ILE B 23 21.40 -39.20 14.08
CA ILE B 23 22.47 -38.94 15.04
C ILE B 23 22.99 -40.20 15.71
N LEU B 24 22.34 -41.34 15.49
CA LEU B 24 22.78 -42.60 16.06
C LEU B 24 23.22 -43.61 14.99
N GLY B 25 23.35 -43.18 13.74
CA GLY B 25 23.67 -44.09 12.66
C GLY B 25 22.49 -44.55 11.82
N VAL B 26 21.33 -43.92 11.98
CA VAL B 26 20.12 -44.20 11.21
C VAL B 26 19.53 -45.57 11.53
N SER B 27 20.21 -46.64 11.11
CA SER B 27 19.60 -47.96 11.20
C SER B 27 20.66 -49.02 11.53
N SER B 28 20.18 -50.21 11.85
CA SER B 28 21.02 -51.38 12.08
C SER B 28 20.73 -52.39 10.98
N VAL B 29 21.72 -52.65 10.13
CA VAL B 29 21.53 -53.54 9.00
C VAL B 29 21.45 -54.97 9.48
N ALA B 30 20.57 -55.75 8.85
CA ALA B 30 20.42 -57.15 9.22
C ALA B 30 21.69 -57.93 8.87
N PRO B 31 22.04 -58.93 9.68
CA PRO B 31 23.26 -59.70 9.38
C PRO B 31 23.20 -60.43 8.05
N GLU B 32 22.03 -60.91 7.65
CA GLU B 32 21.91 -61.55 6.34
C GLU B 32 22.21 -60.56 5.22
N VAL B 33 21.83 -59.29 5.40
CA VAL B 33 22.08 -58.29 4.39
C VAL B 33 23.57 -57.98 4.30
N MET B 34 24.27 -57.94 5.44
CA MET B 34 25.70 -57.64 5.42
C MET B 34 26.49 -58.75 4.75
N GLN B 35 26.02 -60.00 4.82
CA GLN B 35 26.67 -61.08 4.10
C GLN B 35 26.64 -60.85 2.59
N ALA B 36 25.49 -60.44 2.07
CA ALA B 36 25.39 -60.17 0.62
C ALA B 36 26.28 -59.00 0.23
N THR B 37 26.41 -58.01 1.11
CA THR B 37 27.27 -56.87 0.83
C THR B 37 28.75 -57.26 0.85
N ALA B 38 29.15 -58.09 1.81
CA ALA B 38 30.54 -58.49 1.91
C ALA B 38 30.96 -59.31 0.69
N ARG B 39 30.11 -60.24 0.26
CA ARG B 39 30.41 -61.01 -0.95
C ARG B 39 30.48 -60.11 -2.16
N ALA B 40 29.64 -59.07 -2.20
CA ALA B 40 29.70 -58.10 -3.30
C ALA B 40 30.94 -57.24 -3.20
N ALA B 41 31.36 -56.90 -1.98
CA ALA B 41 32.55 -56.07 -1.81
C ALA B 41 33.83 -56.81 -2.17
N SER B 42 33.84 -58.13 -1.98
CA SER B 42 35.03 -58.94 -2.20
C SER B 42 35.15 -59.43 -3.63
N ALA B 43 34.40 -58.85 -4.56
CA ALA B 43 34.41 -59.28 -5.94
C ALA B 43 34.19 -58.09 -6.86
N PHE B 44 34.69 -58.21 -8.09
CA PHE B 44 34.51 -57.19 -9.11
C PHE B 44 33.26 -57.47 -9.93
N VAL B 45 32.75 -56.42 -10.58
CA VAL B 45 31.54 -56.52 -11.39
C VAL B 45 31.56 -55.41 -12.42
N GLU B 46 30.96 -55.67 -13.58
CA GLU B 46 30.78 -54.63 -14.59
C GLU B 46 29.71 -53.66 -14.10
N ILE B 47 30.14 -52.45 -13.70
CA ILE B 47 29.24 -51.54 -13.00
C ILE B 47 28.06 -51.15 -13.88
N ASP B 48 28.31 -50.94 -15.18
CA ASP B 48 27.24 -50.57 -16.09
C ASP B 48 26.13 -51.62 -16.12
N ALA B 49 26.50 -52.89 -16.07
CA ALA B 49 25.50 -53.95 -16.01
C ALA B 49 24.84 -54.03 -14.63
N LEU B 50 25.60 -53.73 -13.57
CA LEU B 50 25.03 -53.72 -12.23
C LEU B 50 24.01 -52.60 -12.05
N VAL B 51 24.27 -51.44 -12.65
CA VAL B 51 23.35 -50.31 -12.53
C VAL B 51 21.99 -50.66 -13.11
N GLU B 52 21.97 -51.30 -14.28
CA GLU B 52 20.69 -51.66 -14.89
C GLU B 52 19.98 -52.75 -14.11
N LYS B 53 20.72 -53.80 -13.73
CA LYS B 53 20.09 -54.92 -13.05
C LYS B 53 19.55 -54.50 -11.69
N THR B 54 20.31 -53.71 -10.93
CA THR B 54 19.81 -53.23 -9.65
C THR B 54 18.60 -52.33 -9.83
N GLY B 55 18.60 -51.51 -10.88
CA GLY B 55 17.42 -50.72 -11.18
C GLY B 55 16.22 -51.57 -11.54
N GLU B 56 16.45 -52.65 -12.28
CA GLU B 56 15.37 -53.57 -12.61
C GLU B 56 14.85 -54.29 -11.37
N LEU B 57 15.76 -54.74 -10.50
CA LEU B 57 15.34 -55.46 -9.29
C LEU B 57 14.61 -54.53 -8.32
N VAL B 58 15.11 -53.31 -8.15
CA VAL B 58 14.43 -52.35 -7.28
C VAL B 58 13.05 -52.02 -7.82
N SER B 59 12.93 -51.90 -9.15
CA SER B 59 11.65 -51.55 -9.76
C SER B 59 10.59 -52.62 -9.54
N ARG B 60 10.99 -53.87 -9.28
CA ARG B 60 10.01 -54.91 -8.99
C ARG B 60 9.25 -54.61 -7.71
N TYR B 61 9.89 -53.95 -6.74
CA TYR B 61 9.24 -53.64 -5.48
C TYR B 61 8.42 -52.35 -5.55
N THR B 62 8.80 -51.41 -6.42
CA THR B 62 8.11 -50.13 -6.50
C THR B 62 7.05 -50.08 -7.59
N GLY B 63 7.14 -50.94 -8.61
CA GLY B 63 6.19 -50.91 -9.70
C GLY B 63 6.45 -49.88 -10.77
N ALA B 64 7.58 -49.18 -10.71
CA ALA B 64 7.91 -48.18 -11.72
C ALA B 64 8.59 -48.83 -12.91
N GLU B 65 8.88 -48.02 -13.94
CA GLU B 65 9.51 -48.55 -15.13
C GLU B 65 10.97 -48.90 -14.90
N ASP B 66 11.72 -48.01 -14.23
CA ASP B 66 13.13 -48.24 -13.95
C ASP B 66 13.47 -47.61 -12.61
N SER B 67 14.69 -47.87 -12.15
CA SER B 67 15.15 -47.35 -10.86
C SER B 67 16.65 -47.11 -10.93
N TYR B 68 17.14 -46.27 -10.02
CA TYR B 68 18.55 -45.92 -9.94
C TYR B 68 18.93 -45.77 -8.48
N ILE B 69 20.01 -46.44 -8.08
CA ILE B 69 20.45 -46.46 -6.68
C ILE B 69 21.40 -45.29 -6.43
N THR B 70 21.21 -44.61 -5.31
CA THR B 70 22.03 -43.47 -4.91
C THR B 70 22.63 -43.70 -3.53
N SER B 71 23.47 -42.76 -3.10
CA SER B 71 24.12 -42.89 -1.79
C SER B 71 23.16 -42.58 -0.66
N CYS B 72 22.21 -41.68 -0.88
CA CYS B 72 21.27 -41.29 0.16
C CYS B 72 20.09 -40.60 -0.51
N ALA B 73 19.07 -40.29 0.29
CA ALA B 73 17.91 -39.60 -0.25
C ALA B 73 18.27 -38.18 -0.69
N SER B 74 19.17 -37.53 0.06
CA SER B 74 19.62 -36.20 -0.34
C SER B 74 20.29 -36.23 -1.70
N ALA B 75 21.08 -37.26 -1.97
CA ALA B 75 21.68 -37.41 -3.29
C ALA B 75 20.60 -37.68 -4.35
N GLY B 76 19.56 -38.43 -3.98
CA GLY B 76 18.48 -38.66 -4.91
C GLY B 76 17.75 -37.38 -5.29
N ILE B 77 17.60 -36.47 -4.34
CA ILE B 77 16.97 -35.18 -4.62
C ILE B 77 17.84 -34.35 -5.55
N ALA B 78 19.14 -34.29 -5.27
CA ALA B 78 20.05 -33.52 -6.13
C ALA B 78 20.07 -34.09 -7.54
N ILE B 79 20.10 -35.43 -7.66
CA ILE B 79 20.15 -36.05 -8.98
C ILE B 79 18.82 -35.86 -9.71
N ALA B 80 17.70 -36.02 -9.01
CA ALA B 80 16.40 -35.88 -9.65
C ALA B 80 16.20 -34.48 -10.20
N VAL B 81 16.64 -33.46 -9.45
CA VAL B 81 16.57 -32.09 -9.94
C VAL B 81 17.48 -31.91 -11.15
N ALA B 82 18.71 -32.42 -11.05
CA ALA B 82 19.63 -32.36 -12.18
C ALA B 82 19.07 -33.09 -13.40
N ALA B 83 18.37 -34.19 -13.17
CA ALA B 83 17.73 -34.90 -14.28
C ALA B 83 16.66 -34.04 -14.92
N ALA B 84 15.87 -33.33 -14.12
CA ALA B 84 14.80 -32.50 -14.66
C ALA B 84 15.34 -31.27 -15.39
N ILE B 85 16.51 -30.78 -14.97
CA ILE B 85 17.09 -29.58 -15.58
C ILE B 85 17.91 -29.92 -16.81
N THR B 86 18.70 -30.98 -16.76
CA THR B 86 19.59 -31.34 -17.86
C THR B 86 18.91 -32.20 -18.92
N HIS B 87 17.82 -32.89 -18.58
CA HIS B 87 17.20 -33.89 -19.45
C HIS B 87 18.19 -34.99 -19.86
N GLY B 88 19.28 -35.14 -19.12
CA GLY B 88 20.30 -36.12 -19.45
C GLY B 88 21.33 -35.66 -20.47
N ASP B 89 21.22 -34.44 -20.99
CA ASP B 89 22.18 -33.94 -21.95
C ASP B 89 23.57 -33.91 -21.33
N ARG B 90 24.53 -34.57 -21.97
CA ARG B 90 25.87 -34.69 -21.41
C ARG B 90 26.54 -33.34 -21.20
N ALA B 91 26.26 -32.37 -22.07
CA ALA B 91 26.85 -31.05 -21.90
C ALA B 91 26.30 -30.35 -20.66
N ARG B 92 24.97 -30.39 -20.48
CA ARG B 92 24.37 -29.77 -19.30
C ARG B 92 24.74 -30.51 -18.02
N VAL B 93 24.98 -31.82 -18.11
CA VAL B 93 25.36 -32.59 -16.92
C VAL B 93 26.70 -32.10 -16.38
N ALA B 94 27.65 -31.81 -17.27
CA ALA B 94 28.95 -31.32 -16.84
C ALA B 94 28.87 -29.92 -16.27
N LEU B 95 27.83 -29.16 -16.60
CA LEU B 95 27.71 -27.79 -16.12
C LEU B 95 27.16 -27.69 -14.69
N MET B 96 26.43 -28.70 -14.24
CA MET B 96 25.80 -28.64 -12.92
C MET B 96 26.87 -28.49 -11.84
N PRO B 97 26.60 -27.71 -10.78
CA PRO B 97 25.30 -27.08 -10.53
C PRO B 97 25.16 -25.65 -11.03
N ASP B 98 25.93 -25.25 -12.05
CA ASP B 98 25.77 -23.92 -12.65
C ASP B 98 24.76 -24.04 -13.78
N SER B 99 23.48 -23.89 -13.44
CA SER B 99 22.41 -24.00 -14.43
C SER B 99 22.05 -22.66 -15.03
N SER B 100 23.05 -21.81 -15.27
CA SER B 100 22.78 -20.47 -15.78
C SER B 100 22.14 -20.57 -17.16
N GLY B 101 21.15 -19.72 -17.39
CA GLY B 101 20.48 -19.70 -18.67
C GLY B 101 19.62 -20.89 -19.00
N MET B 102 19.36 -21.77 -18.04
CA MET B 102 18.48 -22.91 -18.26
C MET B 102 17.20 -22.73 -17.47
N ALA B 103 16.21 -23.55 -17.80
CA ALA B 103 15.02 -23.66 -16.98
C ALA B 103 15.39 -24.45 -15.73
N ASN B 104 15.47 -23.78 -14.58
CA ASN B 104 15.99 -24.40 -13.38
C ASN B 104 15.13 -24.18 -12.14
N GLU B 105 13.94 -23.60 -12.27
CA GLU B 105 13.10 -23.35 -11.11
C GLU B 105 12.39 -24.63 -10.68
N VAL B 106 12.49 -24.93 -9.38
CA VAL B 106 11.81 -26.07 -8.78
C VAL B 106 10.67 -25.53 -7.92
N VAL B 107 9.44 -25.91 -8.25
CA VAL B 107 8.25 -25.38 -7.61
C VAL B 107 7.83 -26.34 -6.49
N MET B 108 7.73 -25.83 -5.27
CA MET B 108 7.32 -26.63 -4.13
C MET B 108 6.54 -25.75 -3.16
N LEU B 109 5.81 -26.41 -2.26
CA LEU B 109 5.07 -25.68 -1.25
C LEU B 109 6.02 -25.14 -0.19
N ARG B 110 5.74 -23.91 0.26
CA ARG B 110 6.51 -23.33 1.36
C ARG B 110 6.39 -24.20 2.61
N GLY B 111 5.22 -24.80 2.84
CA GLY B 111 5.04 -25.72 3.95
C GLY B 111 5.87 -26.99 3.86
N HIS B 112 6.47 -27.27 2.71
CA HIS B 112 7.32 -28.44 2.53
C HIS B 112 8.81 -28.10 2.62
N ASN B 113 9.14 -26.82 2.76
CA ASN B 113 10.53 -26.43 2.92
C ASN B 113 10.97 -26.78 4.34
N VAL B 114 11.51 -27.99 4.52
CA VAL B 114 11.75 -28.54 5.85
C VAL B 114 13.24 -28.76 6.07
N ASP B 115 13.61 -28.80 7.34
CA ASP B 115 14.98 -29.07 7.76
C ASP B 115 15.01 -30.43 8.45
N TYR B 116 15.75 -31.37 7.87
CA TYR B 116 15.90 -32.71 8.42
C TYR B 116 17.31 -32.93 8.96
N GLY B 117 17.93 -31.87 9.48
CA GLY B 117 19.33 -31.90 9.83
C GLY B 117 20.11 -31.03 8.88
N ALA B 118 19.69 -31.05 7.61
CA ALA B 118 20.15 -30.14 6.59
C ALA B 118 18.92 -29.67 5.83
N PRO B 119 18.89 -28.43 5.37
CA PRO B 119 17.71 -27.94 4.65
C PRO B 119 17.57 -28.65 3.31
N VAL B 120 16.33 -28.99 2.96
CA VAL B 120 16.04 -29.59 1.67
C VAL B 120 16.46 -28.67 0.54
N THR B 121 16.62 -27.38 0.82
CA THR B 121 17.09 -26.44 -0.19
C THR B 121 18.50 -26.78 -0.66
N SER B 122 19.35 -27.28 0.24
CA SER B 122 20.72 -27.61 -0.14
C SER B 122 20.76 -28.71 -1.18
N ALA B 123 19.98 -29.77 -0.99
CA ALA B 123 19.96 -30.85 -1.96
C ALA B 123 19.45 -30.39 -3.32
N ILE B 124 18.38 -29.58 -3.33
CA ILE B 124 17.84 -29.06 -4.57
C ILE B 124 18.87 -28.16 -5.26
N ARG B 125 19.57 -27.33 -4.48
CA ARG B 125 20.54 -26.41 -5.06
C ARG B 125 21.75 -27.15 -5.64
N LEU B 126 22.12 -28.29 -5.06
CA LEU B 126 23.24 -29.06 -5.60
C LEU B 126 22.96 -29.59 -6.99
N GLY B 127 21.69 -29.87 -7.30
CA GLY B 127 21.27 -30.31 -8.61
C GLY B 127 21.06 -29.20 -9.62
N GLY B 128 21.29 -27.95 -9.22
CA GLY B 128 21.12 -26.82 -10.10
C GLY B 128 19.79 -26.12 -9.99
N GLY B 129 18.93 -26.54 -9.05
CA GLY B 129 17.61 -25.96 -8.96
C GLY B 129 17.57 -24.67 -8.16
N ARG B 130 16.66 -23.80 -8.56
CA ARG B 130 16.31 -22.59 -7.81
C ARG B 130 14.92 -22.75 -7.24
N ILE B 131 14.78 -22.58 -5.94
CA ILE B 131 13.53 -22.88 -5.26
C ILE B 131 12.51 -21.78 -5.51
N VAL B 132 11.29 -22.19 -5.85
CA VAL B 132 10.13 -21.31 -5.92
C VAL B 132 9.10 -21.83 -4.93
N GLU B 133 8.82 -21.04 -3.89
CA GLU B 133 7.92 -21.47 -2.82
C GLU B 133 6.49 -21.04 -3.12
N VAL B 134 5.55 -21.94 -2.87
CA VAL B 134 4.13 -21.74 -3.19
C VAL B 134 3.34 -21.64 -1.90
N GLY B 135 2.46 -20.63 -1.82
CA GLY B 135 1.59 -20.51 -0.68
C GLY B 135 2.32 -20.02 0.56
N SER B 136 1.59 -20.06 1.67
CA SER B 136 2.14 -19.70 2.97
C SER B 136 2.46 -20.97 3.76
N SER B 137 3.06 -20.79 4.94
CA SER B 137 3.42 -21.93 5.77
C SER B 137 2.20 -22.66 6.32
N ASN B 138 1.03 -22.02 6.35
CA ASN B 138 -0.17 -22.65 6.88
C ASN B 138 -1.22 -22.95 5.82
N LEU B 139 -1.12 -22.35 4.63
CA LEU B 139 -2.16 -22.51 3.62
C LEU B 139 -1.53 -22.42 2.24
N ALA B 140 -2.01 -23.27 1.33
CA ALA B 140 -1.57 -23.26 -0.06
C ALA B 140 -2.74 -23.65 -0.95
N THR B 141 -3.05 -22.81 -1.92
CA THR B 141 -4.15 -23.07 -2.85
C THR B 141 -3.60 -23.58 -4.18
N ARG B 142 -4.51 -24.11 -5.00
CA ARG B 142 -4.07 -24.66 -6.29
C ARG B 142 -3.69 -23.56 -7.25
N TRP B 143 -4.45 -22.46 -7.28
CA TRP B 143 -4.12 -21.38 -8.22
C TRP B 143 -2.75 -20.79 -7.92
N GLN B 144 -2.31 -20.84 -6.66
CA GLN B 144 -0.95 -20.44 -6.34
C GLN B 144 0.06 -21.37 -6.99
N LEU B 145 -0.24 -22.68 -7.00
CA LEU B 145 0.65 -23.64 -7.65
C LEU B 145 0.67 -23.44 -9.16
N GLU B 146 -0.48 -23.16 -9.77
CA GLU B 146 -0.53 -23.03 -11.21
C GLU B 146 0.09 -21.72 -11.68
N SER B 147 -0.01 -20.66 -10.88
CA SER B 147 0.57 -19.38 -11.26
C SER B 147 2.09 -19.39 -11.17
N ALA B 148 2.65 -20.27 -10.34
CA ALA B 148 4.11 -20.34 -10.18
C ALA B 148 4.79 -20.97 -11.38
N ILE B 149 4.06 -21.69 -12.23
CA ILE B 149 4.63 -22.34 -13.39
C ILE B 149 4.85 -21.31 -14.50
N ASN B 150 6.06 -21.29 -15.05
CA ASN B 150 6.37 -20.47 -16.21
C ASN B 150 7.46 -21.17 -17.01
N GLU B 151 7.96 -20.50 -18.05
CA GLU B 151 8.90 -21.14 -18.97
C GLU B 151 10.23 -21.48 -18.31
N LYS B 152 10.52 -20.93 -17.13
CA LYS B 152 11.74 -21.28 -16.40
C LYS B 152 11.55 -22.46 -15.45
N THR B 153 10.33 -22.93 -15.25
CA THR B 153 10.10 -24.03 -14.32
C THR B 153 10.67 -25.32 -14.89
N ALA B 154 11.41 -26.06 -14.06
CA ALA B 154 12.04 -27.31 -14.47
C ALA B 154 11.42 -28.55 -13.86
N ALA B 155 10.80 -28.43 -12.69
CA ALA B 155 10.17 -29.58 -12.03
C ALA B 155 9.28 -29.07 -10.91
N LEU B 156 8.38 -29.94 -10.46
CA LEU B 156 7.59 -29.72 -9.25
C LEU B 156 8.06 -30.71 -8.19
N LEU B 157 8.09 -30.26 -6.95
CA LEU B 157 8.59 -31.09 -5.85
C LEU B 157 7.51 -31.20 -4.77
N TYR B 158 7.17 -32.44 -4.43
CA TYR B 158 6.28 -32.75 -3.32
C TYR B 158 7.07 -33.48 -2.26
N VAL B 159 6.99 -33.00 -1.01
CA VAL B 159 7.76 -33.55 0.10
C VAL B 159 6.79 -34.22 1.06
N LYS B 160 6.98 -35.53 1.28
CA LYS B 160 6.21 -36.30 2.25
C LYS B 160 7.05 -36.49 3.51
N SER B 161 6.61 -35.89 4.61
CA SER B 161 7.33 -35.98 5.87
C SER B 161 6.45 -35.46 6.99
N HIS B 162 6.71 -35.94 8.21
CA HIS B 162 6.09 -35.35 9.39
C HIS B 162 6.66 -33.97 9.68
N HIS B 163 7.84 -33.65 9.13
CA HIS B 163 8.38 -32.30 9.24
C HIS B 163 7.51 -31.29 8.53
N CYS B 164 6.84 -31.69 7.46
CA CYS B 164 6.03 -30.75 6.68
C CYS B 164 4.78 -30.36 7.45
N VAL B 165 4.24 -29.19 7.08
CA VAL B 165 2.96 -28.76 7.62
C VAL B 165 1.88 -29.70 7.13
N GLN B 166 1.09 -30.24 8.06
CA GLN B 166 0.18 -31.32 7.73
C GLN B 166 -1.18 -30.84 7.20
N LYS B 167 -1.68 -29.72 7.70
CA LYS B 167 -2.95 -29.18 7.25
C LYS B 167 -2.75 -27.92 6.43
N GLY B 168 -3.66 -27.68 5.50
CA GLY B 168 -3.61 -26.50 4.66
C GLY B 168 -2.80 -26.66 3.39
N MET B 169 -2.16 -27.80 3.19
CA MET B 169 -1.33 -28.03 2.02
C MET B 169 -2.10 -28.76 0.93
N LEU B 170 -1.56 -28.67 -0.28
CA LEU B 170 -2.17 -29.33 -1.42
C LEU B 170 -1.93 -30.83 -1.37
N SER B 171 -2.79 -31.58 -2.05
CA SER B 171 -2.66 -33.03 -2.10
C SER B 171 -1.67 -33.43 -3.19
N ILE B 172 -1.22 -34.68 -3.11
CA ILE B 172 -0.33 -35.21 -4.15
C ILE B 172 -1.04 -35.23 -5.50
N ASP B 173 -2.37 -35.40 -5.49
CA ASP B 173 -3.12 -35.39 -6.74
C ASP B 173 -3.02 -34.04 -7.44
N ASP B 174 -3.08 -32.95 -6.67
CA ASP B 174 -2.98 -31.62 -7.26
C ASP B 174 -1.65 -31.43 -7.97
N PHE B 175 -0.56 -31.91 -7.37
CA PHE B 175 0.76 -31.78 -8.00
C PHE B 175 0.83 -32.59 -9.28
N VAL B 176 0.29 -33.81 -9.28
CA VAL B 176 0.32 -34.65 -10.48
C VAL B 176 -0.41 -33.96 -11.62
N GLN B 177 -1.59 -33.43 -11.34
CA GLN B 177 -2.40 -32.80 -12.39
C GLN B 177 -1.72 -31.57 -12.95
N VAL B 178 -1.19 -30.71 -12.08
CA VAL B 178 -0.53 -29.49 -12.56
C VAL B 178 0.74 -29.84 -13.33
N ALA B 179 1.50 -30.83 -12.87
CA ALA B 179 2.74 -31.20 -13.55
C ALA B 179 2.46 -31.73 -14.95
N GLN B 180 1.51 -32.66 -15.08
CA GLN B 180 1.24 -33.23 -16.40
C GLN B 180 0.53 -32.25 -17.32
N ALA B 181 -0.16 -31.24 -16.77
CA ALA B 181 -0.79 -30.25 -17.64
C ALA B 181 0.21 -29.29 -18.26
N ASN B 182 1.37 -29.11 -17.64
CA ASN B 182 2.44 -28.26 -18.16
C ASN B 182 3.59 -29.08 -18.73
N HIS B 183 3.44 -30.41 -18.78
CA HIS B 183 4.48 -31.31 -19.29
C HIS B 183 5.80 -31.09 -18.57
N LEU B 184 5.74 -31.25 -17.25
CA LEU B 184 6.89 -31.11 -16.37
C LEU B 184 6.97 -32.30 -15.42
N PRO B 185 8.19 -32.72 -15.07
CA PRO B 185 8.31 -33.89 -14.19
C PRO B 185 7.96 -33.53 -12.75
N LEU B 186 7.25 -34.45 -12.09
CA LEU B 186 6.92 -34.32 -10.68
C LEU B 186 7.84 -35.21 -9.86
N ILE B 187 8.52 -34.60 -8.88
CA ILE B 187 9.48 -35.30 -8.04
C ILE B 187 8.88 -35.38 -6.64
N VAL B 188 8.96 -36.56 -6.04
CA VAL B 188 8.41 -36.81 -4.71
C VAL B 188 9.53 -37.24 -3.78
N ASP B 189 9.67 -36.52 -2.66
CA ASP B 189 10.60 -36.91 -1.61
C ASP B 189 9.84 -37.73 -0.58
N ALA B 190 10.07 -39.04 -0.57
CA ALA B 190 9.46 -39.96 0.39
C ALA B 190 10.56 -40.74 1.11
N ALA B 191 11.49 -39.98 1.71
CA ALA B 191 12.73 -40.57 2.22
C ALA B 191 12.45 -41.62 3.30
N ALA B 192 11.62 -41.30 4.27
CA ALA B 192 11.33 -42.22 5.36
C ALA B 192 10.14 -43.14 5.09
N GLU B 193 9.47 -42.98 3.96
CA GLU B 193 8.28 -43.75 3.67
C GLU B 193 8.61 -45.22 3.41
N GLU B 194 7.76 -46.10 3.95
CA GLU B 194 7.86 -47.53 3.68
C GLU B 194 6.96 -47.98 2.54
N ASP B 195 6.03 -47.14 2.10
CA ASP B 195 5.15 -47.46 0.98
C ASP B 195 5.95 -47.30 -0.32
N LEU B 196 6.30 -48.44 -0.94
CA LEU B 196 7.12 -48.40 -2.14
C LEU B 196 6.32 -48.11 -3.40
N ARG B 197 5.05 -48.53 -3.46
CA ARG B 197 4.26 -48.43 -4.68
C ARG B 197 3.28 -47.26 -4.69
N GLY B 198 2.87 -46.76 -3.51
CA GLY B 198 1.80 -45.78 -3.48
C GLY B 198 2.16 -44.48 -4.17
N TRP B 199 3.40 -44.03 -4.04
CA TRP B 199 3.78 -42.74 -4.60
C TRP B 199 4.04 -42.83 -6.09
N VAL B 200 4.60 -43.95 -6.56
CA VAL B 200 4.75 -44.15 -8.00
C VAL B 200 3.40 -44.31 -8.67
N ALA B 201 2.46 -45.01 -8.00
CA ALA B 201 1.16 -45.28 -8.59
C ALA B 201 0.33 -44.02 -8.77
N SER B 202 0.61 -42.98 -8.00
CA SER B 202 -0.15 -41.73 -8.09
C SER B 202 0.16 -40.95 -9.37
N GLY B 203 1.17 -41.37 -10.13
CA GLY B 203 1.53 -40.68 -11.36
C GLY B 203 2.77 -39.83 -11.27
N ALA B 204 3.49 -39.86 -10.14
CA ALA B 204 4.71 -39.10 -9.99
C ALA B 204 5.78 -39.63 -10.94
N ASP B 205 6.60 -38.73 -11.47
CA ASP B 205 7.61 -39.12 -12.45
C ASP B 205 8.84 -39.72 -11.78
N MET B 206 9.28 -39.14 -10.67
CA MET B 206 10.44 -39.65 -9.94
C MET B 206 10.17 -39.58 -8.44
N VAL B 207 10.32 -40.72 -7.76
CA VAL B 207 10.11 -40.81 -6.32
C VAL B 207 11.40 -41.27 -5.66
N ILE B 208 11.76 -40.63 -4.56
CA ILE B 208 13.05 -40.84 -3.89
C ILE B 208 12.81 -41.45 -2.52
N TYR B 209 13.52 -42.54 -2.22
CA TYR B 209 13.48 -43.22 -0.94
C TYR B 209 14.88 -43.29 -0.35
N SER B 210 14.96 -43.53 0.96
CA SER B 210 16.21 -43.76 1.65
C SER B 210 16.27 -45.21 2.11
N GLY B 211 17.26 -45.95 1.60
CA GLY B 211 17.37 -47.36 1.93
C GLY B 211 17.69 -47.61 3.39
N ALA B 212 18.47 -46.73 4.01
CA ALA B 212 18.88 -46.91 5.40
C ALA B 212 17.72 -46.65 6.35
N1 LLP B 213 14.00 -35.76 3.16
C2 LLP B 213 13.34 -36.04 4.29
C2' LLP B 213 11.85 -35.63 4.43
C3 LLP B 213 14.01 -36.70 5.36
O3 LLP B 213 13.30 -36.97 6.54
C4 LLP B 213 15.33 -37.06 5.23
C4' LLP B 213 16.08 -37.82 6.46
C5 LLP B 213 16.00 -36.78 4.09
C6 LLP B 213 15.35 -36.13 3.03
C5' LLP B 213 17.51 -37.17 3.93
OP4 LLP B 213 17.65 -38.55 3.68
P LLP B 213 19.08 -39.14 3.71
OP1 LLP B 213 19.07 -40.56 3.11
OP2 LLP B 213 19.55 -39.20 5.12
OP3 LLP B 213 19.99 -38.26 2.93
N LLP B 213 17.01 -45.55 6.13
CA LLP B 213 15.95 -45.11 7.03
CB LLP B 213 15.40 -43.79 6.55
CG LLP B 213 16.00 -42.63 7.34
CD LLP B 213 15.25 -41.35 6.94
CE LLP B 213 16.10 -40.09 7.21
NZ LLP B 213 15.27 -38.92 6.90
C LLP B 213 14.83 -46.09 7.14
O LLP B 213 14.49 -46.51 8.24
N ALA B 214 14.26 -46.48 6.01
CA ALA B 214 13.01 -47.25 6.02
C ALA B 214 13.22 -48.76 6.00
N PHE B 215 14.25 -49.24 5.30
CA PHE B 215 14.42 -50.66 5.06
C PHE B 215 15.67 -51.24 5.73
N ASN B 216 16.24 -50.53 6.69
CA ASN B 216 17.39 -50.99 7.48
C ASN B 216 18.47 -51.57 6.57
N ALA B 217 18.89 -50.76 5.61
CA ALA B 217 19.88 -51.13 4.62
C ALA B 217 21.19 -50.41 4.85
N PRO B 218 22.29 -50.91 4.29
CA PRO B 218 23.52 -50.11 4.29
C PRO B 218 23.28 -48.80 3.56
N THR B 219 24.13 -47.82 3.86
CA THR B 219 23.94 -46.45 3.41
C THR B 219 23.60 -46.39 1.92
N SER B 220 22.35 -46.05 1.61
CA SER B 220 21.86 -46.12 0.24
C SER B 220 20.55 -45.37 0.14
N GLY B 221 20.14 -45.11 -1.10
CA GLY B 221 18.85 -44.54 -1.45
C GLY B 221 18.62 -44.84 -2.91
N PHE B 222 17.39 -44.60 -3.37
CA PHE B 222 17.11 -44.85 -4.78
C PHE B 222 16.04 -43.91 -5.31
N ILE B 223 16.12 -43.65 -6.61
CA ILE B 223 15.11 -42.93 -7.36
C ILE B 223 14.36 -43.95 -8.21
N THR B 224 13.03 -43.90 -8.18
CA THR B 224 12.23 -44.81 -8.98
C THR B 224 11.13 -44.03 -9.69
N GLY B 225 10.83 -44.42 -10.92
CA GLY B 225 9.84 -43.71 -11.70
C GLY B 225 9.88 -44.09 -13.17
N ARG B 226 9.57 -43.10 -14.01
CA ARG B 226 9.51 -43.35 -15.45
C ARG B 226 10.90 -43.58 -16.01
N LYS B 227 11.00 -44.48 -16.99
CA LYS B 227 12.30 -44.85 -17.54
C LYS B 227 12.98 -43.67 -18.21
N THR B 228 12.21 -42.78 -18.85
CA THR B 228 12.80 -41.63 -19.52
C THR B 228 13.47 -40.68 -18.52
N TRP B 229 12.90 -40.52 -17.34
CA TRP B 229 13.50 -39.64 -16.34
C TRP B 229 14.58 -40.34 -15.54
N ILE B 230 14.40 -41.63 -15.25
CA ILE B 230 15.46 -42.39 -14.59
C ILE B 230 16.71 -42.41 -15.46
N ALA B 231 16.54 -42.48 -16.78
CA ALA B 231 17.67 -42.40 -17.70
C ALA B 231 18.41 -41.07 -17.54
N ALA B 232 17.66 -39.98 -17.36
CA ALA B 232 18.30 -38.68 -17.12
C ALA B 232 19.00 -38.65 -15.77
N CYS B 233 18.52 -39.41 -14.79
CA CYS B 233 19.21 -39.52 -13.52
C CYS B 233 20.54 -40.25 -13.68
N LYS B 234 20.53 -41.39 -14.37
CA LYS B 234 21.76 -42.15 -14.58
C LYS B 234 22.83 -41.31 -15.26
N ALA B 235 22.43 -40.39 -16.14
CA ALA B 235 23.39 -39.57 -16.87
C ALA B 235 24.22 -38.67 -15.96
N GLN B 236 23.83 -38.53 -14.68
CA GLN B 236 24.56 -37.65 -13.77
C GLN B 236 25.82 -38.30 -13.22
N HIS B 237 26.12 -39.55 -13.59
CA HIS B 237 27.32 -40.21 -13.08
C HIS B 237 28.59 -39.53 -13.57
N GLN B 238 28.51 -38.84 -14.72
CA GLN B 238 29.63 -38.04 -15.22
C GLN B 238 29.63 -36.64 -14.63
N GLY B 239 28.65 -36.29 -13.81
CA GLY B 239 28.54 -34.96 -13.26
C GLY B 239 28.50 -34.95 -11.74
N ILE B 240 27.40 -34.44 -11.17
CA ILE B 240 27.33 -34.25 -9.73
C ILE B 240 27.23 -35.57 -8.98
N ALA B 241 26.77 -36.64 -9.64
CA ALA B 241 26.61 -37.90 -8.91
C ALA B 241 27.95 -38.57 -8.63
N ARG B 242 29.03 -38.12 -9.28
CA ARG B 242 30.34 -38.69 -9.01
C ARG B 242 30.80 -38.38 -7.59
N ALA B 243 30.34 -37.27 -7.02
CA ALA B 243 30.67 -36.92 -5.65
C ALA B 243 29.73 -37.53 -4.63
N MET B 244 28.60 -38.09 -5.06
CA MET B 244 27.66 -38.73 -4.15
C MET B 244 27.69 -40.24 -4.37
N LYS B 245 28.88 -40.83 -4.30
CA LYS B 245 29.08 -42.17 -4.80
C LYS B 245 28.55 -43.22 -3.83
N ILE B 246 27.93 -44.25 -4.38
CA ILE B 246 27.64 -45.48 -3.66
C ILE B 246 28.31 -46.62 -4.41
N GLY B 247 29.01 -47.47 -3.67
CA GLY B 247 29.77 -48.54 -4.29
C GLY B 247 28.93 -49.74 -4.62
N LYS B 248 29.58 -50.72 -5.25
CA LYS B 248 28.90 -51.96 -5.62
C LYS B 248 28.41 -52.70 -4.39
N GLU B 249 29.10 -52.56 -3.25
CA GLU B 249 28.75 -53.35 -2.08
C GLU B 249 27.42 -52.89 -1.48
N ASN B 250 27.20 -51.57 -1.36
CA ASN B 250 25.95 -51.09 -0.81
C ASN B 250 24.83 -51.05 -1.83
N MET B 251 25.15 -51.01 -3.12
CA MET B 251 24.13 -51.23 -4.15
C MET B 251 23.48 -52.59 -3.97
N VAL B 252 24.30 -53.64 -3.83
CA VAL B 252 23.77 -54.97 -3.59
C VAL B 252 23.09 -55.04 -2.24
N GLY B 253 23.65 -54.36 -1.23
CA GLY B 253 23.05 -54.40 0.09
C GLY B 253 21.63 -53.88 0.12
N LEU B 254 21.37 -52.81 -0.65
CA LEU B 254 20.02 -52.28 -0.73
C LEU B 254 19.07 -53.29 -1.35
N VAL B 255 19.51 -53.98 -2.40
CA VAL B 255 18.65 -54.95 -3.08
C VAL B 255 18.29 -56.08 -2.14
N TYR B 256 19.28 -56.60 -1.40
CA TYR B 256 18.98 -57.67 -0.45
C TYR B 256 18.21 -57.17 0.76
N ALA B 257 18.35 -55.89 1.11
CA ALA B 257 17.54 -55.35 2.19
C ALA B 257 16.09 -55.19 1.77
N LEU B 258 15.85 -54.86 0.49
CA LEU B 258 14.48 -54.81 -0.01
C LEU B 258 13.86 -56.20 -0.04
N GLU B 259 14.63 -57.22 -0.43
CA GLU B 259 14.11 -58.59 -0.38
C GLU B 259 13.94 -59.06 1.05
N ASN B 260 14.85 -58.66 1.95
CA ASN B 260 14.69 -59.00 3.36
C ASN B 260 13.48 -58.30 3.96
N TYR B 261 13.14 -57.11 3.45
CA TYR B 261 11.94 -56.41 3.88
C TYR B 261 10.69 -56.99 3.23
N HIS B 262 10.80 -57.41 1.97
CA HIS B 262 9.66 -57.98 1.26
C HIS B 262 9.28 -59.35 1.80
N GLN B 263 10.26 -60.14 2.23
CA GLN B 263 9.95 -61.43 2.82
C GLN B 263 9.16 -61.29 4.11
N GLY B 264 9.33 -60.17 4.80
CA GLY B 264 8.65 -59.91 6.04
C GLY B 264 9.63 -59.90 7.20
N GLN B 265 9.26 -59.18 8.26
CA GLN B 265 10.06 -59.10 9.47
C GLN B 265 9.15 -59.31 10.67
N THR B 266 9.57 -60.18 11.59
CA THR B 266 8.78 -60.47 12.79
C THR B 266 8.92 -59.32 13.76
N THR B 267 7.88 -58.49 13.85
CA THR B 267 7.84 -57.37 14.76
C THR B 267 7.59 -57.84 16.19
N VAL B 268 8.07 -57.05 17.15
CA VAL B 268 7.96 -57.40 18.55
C VAL B 268 6.50 -57.35 18.97
N THR B 269 5.97 -58.46 19.49
CA THR B 269 4.58 -58.51 19.90
C THR B 269 4.40 -57.83 21.26
N ALA B 270 3.15 -57.44 21.53
CA ALA B 270 2.83 -56.79 22.79
C ALA B 270 3.08 -57.72 23.98
N ALA B 271 2.93 -59.03 23.77
CA ALA B 271 3.18 -59.98 24.86
C ALA B 271 4.63 -59.92 25.32
N GLN B 272 5.56 -59.72 24.38
CA GLN B 272 6.97 -59.65 24.73
C GLN B 272 7.29 -58.41 25.55
N LEU B 273 6.61 -57.29 25.28
CA LEU B 273 6.92 -56.04 25.96
C LEU B 273 6.44 -56.00 27.41
N GLN B 274 5.41 -56.77 27.74
CA GLN B 274 4.83 -56.66 29.08
C GLN B 274 5.81 -56.98 30.21
N PRO B 275 6.64 -58.04 30.13
CA PRO B 275 7.62 -58.24 31.22
C PRO B 275 8.51 -57.03 31.46
N VAL B 276 8.96 -56.37 30.39
CA VAL B 276 9.78 -55.17 30.55
C VAL B 276 8.98 -54.03 31.16
N ALA B 277 7.70 -53.91 30.81
CA ALA B 277 6.86 -52.86 31.38
C ALA B 277 6.64 -53.07 32.86
N GLU B 278 6.48 -54.32 33.30
CA GLU B 278 6.23 -54.60 34.71
C GLU B 278 7.45 -54.26 35.57
N ALA B 279 8.65 -54.55 35.07
CA ALA B 279 9.86 -54.29 35.85
C ALA B 279 10.06 -52.79 36.08
N ILE B 280 9.79 -51.98 35.06
CA ILE B 280 9.95 -50.53 35.22
C ILE B 280 8.95 -49.98 36.23
N SER B 281 7.73 -50.51 36.24
CA SER B 281 6.71 -50.02 37.18
C SER B 281 7.06 -50.37 38.62
N ALA B 282 7.82 -51.44 38.85
CA ALA B 282 8.24 -51.79 40.20
C ALA B 282 9.13 -50.71 40.81
N ILE B 283 9.84 -49.95 39.98
CA ILE B 283 10.68 -48.87 40.48
C ILE B 283 9.82 -47.76 41.03
N HIS B 284 10.20 -47.24 42.21
CA HIS B 284 9.43 -46.20 42.87
C HIS B 284 9.50 -44.90 42.05
N GLY B 285 8.32 -44.34 41.77
CA GLY B 285 8.23 -43.13 40.97
C GLY B 285 8.08 -43.34 39.48
N LEU B 286 8.20 -44.58 39.01
CA LEU B 286 8.07 -44.91 37.59
C LEU B 286 6.82 -45.75 37.38
N TYR B 287 6.01 -45.38 36.39
CA TYR B 287 4.83 -46.14 36.01
C TYR B 287 4.91 -46.40 34.51
N ALA B 288 4.96 -47.67 34.14
CA ALA B 288 5.16 -48.08 32.75
C ALA B 288 3.94 -48.86 32.26
N ASP B 289 3.57 -48.61 31.01
CA ASP B 289 2.47 -49.31 30.38
C ASP B 289 2.74 -49.43 28.89
N ILE B 290 2.18 -50.47 28.28
CA ILE B 290 2.31 -50.68 26.84
C ILE B 290 1.22 -49.87 26.16
N GLU B 291 1.59 -49.19 25.08
CA GLU B 291 0.65 -48.33 24.39
C GLU B 291 0.83 -48.48 22.88
N GLN B 292 -0.26 -48.77 22.19
CA GLN B 292 -0.22 -48.76 20.73
C GLN B 292 -0.21 -47.32 20.26
N ASP B 293 0.23 -47.11 19.02
CA ASP B 293 0.29 -45.75 18.50
C ASP B 293 -1.13 -45.18 18.49
N GLU B 294 -1.31 -44.09 19.24
CA GLU B 294 -2.65 -43.50 19.37
C GLU B 294 -3.23 -43.12 18.01
N ALA B 295 -2.38 -42.77 17.05
CA ALA B 295 -2.83 -42.41 15.71
C ALA B 295 -2.34 -43.40 14.66
N GLY B 296 -1.56 -44.40 15.05
CA GLY B 296 -1.03 -45.37 14.11
C GLY B 296 -1.36 -46.79 14.53
N ARG B 297 -1.37 -47.66 13.53
CA ARG B 297 -1.67 -49.08 13.71
C ARG B 297 -0.42 -49.94 13.58
N ALA B 298 -0.40 -51.02 14.37
CA ALA B 298 0.65 -52.05 14.38
C ALA B 298 1.99 -51.52 14.90
N ILE B 299 1.95 -50.62 15.89
CA ILE B 299 3.16 -50.14 16.56
C ILE B 299 2.94 -50.14 18.08
N TRP B 300 3.68 -50.97 18.81
CA TRP B 300 3.60 -51.01 20.27
C TRP B 300 4.84 -50.38 20.90
N ARG B 301 4.63 -49.57 21.93
CA ARG B 301 5.70 -48.88 22.65
C ARG B 301 5.43 -48.89 24.14
N ILE B 302 6.50 -48.77 24.93
CA ILE B 302 6.42 -48.76 26.39
C ILE B 302 6.50 -47.32 26.87
N ARG B 303 5.35 -46.75 27.21
CA ARG B 303 5.28 -45.40 27.76
C ARG B 303 5.58 -45.41 29.25
N VAL B 304 6.54 -44.59 29.68
CA VAL B 304 6.96 -44.51 31.08
C VAL B 304 6.69 -43.11 31.60
N ARG B 305 5.91 -43.00 32.67
CA ARG B 305 5.58 -41.73 33.31
C ARG B 305 6.32 -41.62 34.64
N VAL B 306 6.88 -40.44 34.89
CA VAL B 306 7.73 -40.20 36.05
C VAL B 306 6.98 -39.30 37.03
N ASN B 307 7.01 -39.68 38.31
CA ASN B 307 6.46 -38.86 39.41
C ASN B 307 7.66 -38.26 40.15
N ALA B 308 7.82 -36.94 40.03
CA ALA B 308 8.99 -36.29 40.62
C ALA B 308 8.99 -36.41 42.14
N SER B 309 7.82 -36.38 42.77
CA SER B 309 7.75 -36.47 44.23
C SER B 309 8.28 -37.81 44.74
N GLU B 310 7.90 -38.91 44.07
CA GLU B 310 8.30 -40.23 44.51
C GLU B 310 9.74 -40.54 44.13
N LEU B 311 10.08 -40.36 42.85
CA LEU B 311 11.41 -40.71 42.37
C LEU B 311 12.47 -39.74 42.87
N GLY B 312 12.17 -38.45 42.82
CA GLY B 312 13.15 -37.43 43.11
C GLY B 312 13.69 -36.75 41.87
N LEU B 313 13.30 -37.20 40.69
CA LEU B 313 13.73 -36.64 39.43
C LEU B 313 12.53 -36.49 38.50
N ASN B 314 12.56 -35.46 37.68
CA ASN B 314 11.53 -35.30 36.66
C ASN B 314 11.92 -36.12 35.42
N ALA B 315 10.98 -36.21 34.47
CA ALA B 315 11.22 -37.01 33.28
C ALA B 315 12.41 -36.49 32.48
N GLN B 316 12.60 -35.16 32.46
CA GLN B 316 13.76 -34.59 31.79
C GLN B 316 15.05 -35.07 32.44
N ASP B 317 15.09 -35.11 33.78
CA ASP B 317 16.27 -35.59 34.48
C ASP B 317 16.52 -37.07 34.19
N VAL B 318 15.44 -37.85 34.05
CA VAL B 318 15.58 -39.28 33.78
C VAL B 318 16.13 -39.49 32.37
N GLU B 319 15.56 -38.79 31.38
CA GLU B 319 16.00 -38.97 30.00
C GLU B 319 17.45 -38.54 29.83
N ALA B 320 17.85 -37.46 30.49
CA ALA B 320 19.24 -37.00 30.37
C ALA B 320 20.20 -38.02 30.98
N GLN B 321 19.85 -38.59 32.14
CA GLN B 321 20.71 -39.58 32.76
C GLN B 321 20.71 -40.90 31.98
N LEU B 322 19.66 -41.17 31.21
CA LEU B 322 19.68 -42.34 30.34
C LEU B 322 20.71 -42.19 29.23
N ARG B 323 20.79 -41.01 28.61
CA ARG B 323 21.77 -40.78 27.57
C ARG B 323 23.17 -40.60 28.16
N GLY B 324 23.28 -39.85 29.26
CA GLY B 324 24.59 -39.52 29.82
C GLY B 324 25.30 -40.68 30.47
N GLY B 325 24.59 -41.76 30.79
CA GLY B 325 25.20 -42.89 31.45
C GLY B 325 26.29 -43.55 30.63
N GLU B 326 26.97 -44.50 31.27
CA GLU B 326 28.04 -45.23 30.59
C GLU B 326 27.52 -45.94 29.34
N ILE B 327 26.30 -46.44 29.39
CA ILE B 327 25.60 -46.96 28.23
C ILE B 327 24.59 -45.89 27.79
N ALA B 328 24.81 -45.33 26.60
CA ALA B 328 23.96 -44.25 26.11
C ALA B 328 22.61 -44.83 25.70
N ILE B 329 21.56 -44.49 26.45
CA ILE B 329 20.22 -44.99 26.22
C ILE B 329 19.39 -43.84 25.67
N TYR B 330 18.94 -43.97 24.44
CA TYR B 330 18.18 -42.92 23.75
C TYR B 330 16.71 -43.31 23.71
N ALA B 331 15.90 -42.58 24.47
CA ALA B 331 14.45 -42.75 24.47
C ALA B 331 13.80 -41.64 23.66
N ARG B 332 12.49 -41.78 23.46
CA ARG B 332 11.74 -40.77 22.74
C ARG B 332 11.50 -39.56 23.63
N LYS B 333 11.90 -38.39 23.14
CA LYS B 333 11.86 -37.15 23.91
C LYS B 333 10.71 -36.24 23.49
N TYR B 334 9.65 -36.81 22.90
CA TYR B 334 8.55 -36.00 22.41
C TYR B 334 7.74 -35.39 23.55
N GLN B 335 7.15 -36.23 24.40
CA GLN B 335 6.34 -35.78 25.53
C GLN B 335 7.13 -35.68 26.83
N LEU B 336 8.42 -35.33 26.75
CA LEU B 336 9.23 -35.22 27.96
C LEU B 336 8.75 -34.09 28.85
N HIS B 337 8.17 -33.04 28.25
CA HIS B 337 7.61 -31.94 29.04
C HIS B 337 6.42 -32.38 29.87
N GLN B 338 5.64 -33.34 29.38
CA GLN B 338 4.50 -33.88 30.10
C GLN B 338 4.89 -34.89 31.17
N GLY B 339 6.18 -35.13 31.38
CA GLY B 339 6.60 -36.10 32.37
C GLY B 339 6.63 -37.52 31.88
N VAL B 340 6.70 -37.73 30.56
CA VAL B 340 6.64 -39.06 29.98
C VAL B 340 7.79 -39.23 28.99
N PHE B 341 8.42 -40.41 29.03
CA PHE B 341 9.31 -40.86 27.97
C PHE B 341 8.89 -42.26 27.56
N SER B 342 9.08 -42.57 26.28
CA SER B 342 8.62 -43.83 25.71
C SER B 342 9.78 -44.59 25.09
N LEU B 343 9.58 -45.90 24.93
CA LEU B 343 10.60 -46.80 24.41
C LEU B 343 10.07 -47.47 23.14
N ASP B 344 10.75 -47.26 22.02
CA ASP B 344 10.37 -47.88 20.77
C ASP B 344 11.17 -49.16 20.59
N PRO B 345 10.54 -50.34 20.65
CA PRO B 345 11.31 -51.59 20.62
C PRO B 345 11.83 -51.98 19.24
N ARG B 346 11.45 -51.26 18.18
CA ARG B 346 11.83 -51.68 16.83
C ARG B 346 13.35 -51.61 16.63
N THR B 347 14.00 -50.61 17.21
CA THR B 347 15.44 -50.48 17.13
C THR B 347 16.17 -51.17 18.27
N VAL B 348 15.44 -51.71 19.25
CA VAL B 348 16.04 -52.40 20.38
C VAL B 348 16.30 -53.85 20.00
N ALA B 349 17.51 -54.32 20.29
CA ALA B 349 17.90 -55.70 20.00
C ALA B 349 17.60 -56.60 21.20
N GLU B 350 17.84 -57.89 21.03
CA GLU B 350 17.59 -58.85 22.10
C GLU B 350 18.55 -58.62 23.27
N GLY B 351 18.00 -58.56 24.47
CA GLY B 351 18.77 -58.33 25.67
C GLY B 351 18.93 -56.87 26.04
N GLU B 352 18.87 -55.98 25.05
CA GLU B 352 19.01 -54.55 25.33
C GLU B 352 17.87 -54.04 26.20
N MET B 353 16.71 -54.70 26.14
CA MET B 353 15.59 -54.31 26.99
C MET B 353 15.95 -54.46 28.47
N ALA B 354 16.63 -55.55 28.83
CA ALA B 354 17.00 -55.77 30.23
C ALA B 354 17.98 -54.72 30.74
N LEU B 355 18.90 -54.27 29.88
CA LEU B 355 19.89 -53.29 30.32
C LEU B 355 19.24 -51.95 30.63
N ILE B 356 18.21 -51.57 29.87
CA ILE B 356 17.54 -50.29 30.12
C ILE B 356 16.87 -50.29 31.48
N VAL B 357 16.27 -51.42 31.86
CA VAL B 357 15.61 -51.51 33.17
C VAL B 357 16.63 -51.40 34.29
N ALA B 358 17.82 -51.99 34.11
CA ALA B 358 18.84 -51.92 35.14
C ALA B 358 19.29 -50.49 35.37
N ARG B 359 19.50 -49.73 34.29
CA ARG B 359 19.89 -48.32 34.43
C ARG B 359 18.79 -47.50 35.08
N LEU B 360 17.53 -47.80 34.78
CA LEU B 360 16.43 -47.07 35.40
C LEU B 360 16.42 -47.24 36.92
N ARG B 361 16.67 -48.46 37.40
CA ARG B 361 16.74 -48.69 38.83
C ARG B 361 17.97 -48.02 39.45
N GLU B 362 19.10 -48.06 38.73
CA GLU B 362 20.31 -47.42 39.24
C GLU B 362 20.09 -45.92 39.41
N ILE B 363 19.38 -45.29 38.47
CA ILE B 363 19.07 -43.87 38.58
C ILE B 363 18.17 -43.63 39.80
N ALA B 364 17.24 -44.55 40.06
CA ALA B 364 16.36 -44.40 41.22
C ALA B 364 17.12 -44.58 42.53
N GLU B 365 18.00 -45.58 42.59
CA GLU B 365 18.81 -45.80 43.79
C GLU B 365 19.70 -44.59 44.08
N HIS B 366 20.23 -43.96 43.04
CA HIS B 366 21.09 -42.81 43.22
C HIS B 366 20.33 -41.56 43.65
N ALA B 367 19.00 -41.63 43.76
CA ALA B 367 18.26 -40.55 44.39
C ALA B 367 18.61 -40.42 45.86
N ALA B 368 18.86 -41.56 46.52
CA ALA B 368 19.34 -41.66 47.89
C ALA B 368 18.28 -41.26 48.91
N ASP B 369 17.06 -40.96 48.47
CA ASP B 369 15.97 -40.51 49.32
C ASP B 369 15.59 -41.52 50.41
N MET C 1 -4.00 53.80 -42.27
CA MET C 1 -3.03 54.75 -42.81
C MET C 1 -2.19 54.19 -43.95
N THR C 2 -1.02 54.81 -44.14
CA THR C 2 -0.05 54.31 -45.11
C THR C 2 0.29 52.86 -44.80
N PRO C 3 0.32 51.99 -45.81
CA PRO C 3 0.52 50.56 -45.54
C PRO C 3 1.88 50.27 -44.91
N ASN C 4 1.88 49.42 -43.89
CA ASN C 4 3.14 49.01 -43.28
C ASN C 4 3.86 48.03 -44.19
N ILE C 5 5.08 47.67 -43.79
CA ILE C 5 5.91 46.79 -44.61
C ILE C 5 5.27 45.41 -44.75
N TYR C 6 4.57 44.94 -43.72
CA TYR C 6 3.94 43.62 -43.79
C TYR C 6 2.79 43.61 -44.78
N GLN C 7 2.04 44.71 -44.87
CA GLN C 7 1.01 44.83 -45.90
C GLN C 7 1.64 44.83 -47.29
N GLN C 8 2.80 45.45 -47.43
CA GLN C 8 3.50 45.46 -48.72
C GLN C 8 3.95 44.07 -49.13
N LEU C 9 4.14 43.17 -48.17
CA LEU C 9 4.53 41.79 -48.46
C LEU C 9 3.33 40.86 -48.61
N GLY C 10 2.11 41.38 -48.52
CA GLY C 10 0.91 40.58 -48.69
C GLY C 10 0.25 40.11 -47.41
N LEU C 11 0.64 40.65 -46.26
CA LEU C 11 0.09 40.22 -44.98
C LEU C 11 -0.91 41.25 -44.46
N LYS C 12 -1.66 40.84 -43.42
CA LYS C 12 -2.71 41.67 -42.86
C LYS C 12 -2.13 42.73 -41.93
N LYS C 13 -2.76 43.90 -41.93
CA LYS C 13 -2.46 44.90 -40.92
C LYS C 13 -3.02 44.45 -39.57
N VAL C 14 -2.16 44.46 -38.55
CA VAL C 14 -2.51 43.96 -37.23
C VAL C 14 -2.64 45.15 -36.28
N ILE C 15 -3.71 45.17 -35.50
CA ILE C 15 -3.90 46.13 -34.42
C ILE C 15 -3.96 45.35 -33.12
N ASN C 16 -3.02 45.62 -32.23
CA ASN C 16 -2.85 44.85 -31.00
C ASN C 16 -3.55 45.58 -29.86
N ALA C 17 -4.51 44.91 -29.24
CA ALA C 17 -5.20 45.43 -28.07
C ALA C 17 -5.26 44.42 -26.94
N CYS C 18 -4.51 43.32 -27.03
CA CYS C 18 -4.43 42.31 -25.98
C CYS C 18 -3.21 42.50 -25.08
N GLY C 19 -2.05 42.74 -25.66
CA GLY C 19 -0.82 42.87 -24.90
C GLY C 19 0.36 42.40 -25.73
N LYS C 20 1.47 42.15 -25.04
CA LYS C 20 2.72 41.73 -25.68
C LYS C 20 2.61 40.25 -26.01
N MET C 21 2.04 39.94 -27.17
CA MET C 21 1.76 38.57 -27.58
C MET C 21 2.87 38.09 -28.49
N THR C 22 3.40 36.90 -28.21
CA THR C 22 4.47 36.37 -29.04
C THR C 22 3.99 36.05 -30.45
N ILE C 23 2.69 35.78 -30.61
CA ILE C 23 2.13 35.46 -31.92
C ILE C 23 1.96 36.68 -32.80
N LEU C 24 2.15 37.88 -32.25
CA LEU C 24 2.01 39.12 -33.01
C LEU C 24 3.33 39.86 -33.16
N GLY C 25 4.45 39.24 -32.80
CA GLY C 25 5.73 39.90 -32.84
C GLY C 25 6.19 40.44 -31.50
N VAL C 26 5.50 40.08 -30.42
CA VAL C 26 5.83 40.48 -29.05
C VAL C 26 5.62 41.97 -28.84
N SER C 27 6.45 42.80 -29.45
CA SER C 27 6.46 44.22 -29.12
C SER C 27 6.71 45.05 -30.38
N SER C 28 6.50 46.35 -30.24
CA SER C 28 6.77 47.34 -31.29
C SER C 28 7.90 48.24 -30.81
N VAL C 29 9.05 48.16 -31.46
CA VAL C 29 10.22 48.91 -31.03
C VAL C 29 10.04 50.38 -31.37
N ALA C 30 10.48 51.25 -30.46
CA ALA C 30 10.38 52.68 -30.70
C ALA C 30 11.33 53.10 -31.82
N PRO C 31 10.95 54.09 -32.63
CA PRO C 31 11.83 54.53 -33.71
C PRO C 31 13.17 55.08 -33.22
N GLU C 32 13.18 55.76 -32.07
CA GLU C 32 14.44 56.25 -31.53
C GLU C 32 15.38 55.11 -31.20
N VAL C 33 14.83 53.98 -30.74
CA VAL C 33 15.66 52.81 -30.44
C VAL C 33 16.18 52.19 -31.72
N MET C 34 15.34 52.13 -32.76
CA MET C 34 15.77 51.55 -34.03
C MET C 34 16.84 52.39 -34.71
N GLN C 35 16.86 53.70 -34.48
CA GLN C 35 17.95 54.52 -35.00
C GLN C 35 19.30 54.06 -34.46
N ALA C 36 19.36 53.81 -33.14
CA ALA C 36 20.58 53.29 -32.55
C ALA C 36 20.88 51.88 -33.05
N THR C 37 19.83 51.08 -33.29
CA THR C 37 20.03 49.73 -33.79
C THR C 37 20.55 49.75 -35.22
N ALA C 38 20.01 50.63 -36.07
CA ALA C 38 20.47 50.70 -37.45
C ALA C 38 21.91 51.20 -37.54
N ARG C 39 22.25 52.22 -36.74
CA ARG C 39 23.62 52.73 -36.73
C ARG C 39 24.59 51.67 -36.23
N ALA C 40 24.17 50.85 -35.27
CA ALA C 40 25.01 49.77 -34.77
C ALA C 40 25.19 48.67 -35.82
N ALA C 41 24.15 48.40 -36.62
CA ALA C 41 24.26 47.35 -37.63
C ALA C 41 25.19 47.74 -38.76
N SER C 42 25.31 49.04 -39.05
CA SER C 42 26.10 49.52 -40.18
C SER C 42 27.56 49.76 -39.82
N ALA C 43 28.04 49.20 -38.72
CA ALA C 43 29.42 49.43 -38.30
C ALA C 43 29.97 48.20 -37.60
N PHE C 44 31.28 48.06 -37.63
CA PHE C 44 31.98 46.96 -36.97
C PHE C 44 32.35 47.37 -35.55
N VAL C 45 32.57 46.36 -34.71
CA VAL C 45 32.92 46.58 -33.31
C VAL C 45 33.66 45.34 -32.81
N GLU C 46 34.59 45.55 -31.88
CA GLU C 46 35.24 44.44 -31.20
C GLU C 46 34.23 43.83 -30.23
N ILE C 47 33.72 42.65 -30.57
CA ILE C 47 32.58 42.08 -29.85
C ILE C 47 32.93 41.84 -28.39
N ASP C 48 34.16 41.39 -28.12
CA ASP C 48 34.58 41.15 -26.74
C ASP C 48 34.45 42.41 -25.88
N ALA C 49 34.79 43.57 -26.45
CA ALA C 49 34.61 44.81 -25.71
C ALA C 49 33.14 45.22 -25.63
N LEU C 50 32.37 44.93 -26.68
CA LEU C 50 30.95 45.26 -26.66
C LEU C 50 30.19 44.42 -25.65
N VAL C 51 30.55 43.13 -25.52
CA VAL C 51 29.89 42.26 -24.56
C VAL C 51 30.08 42.80 -23.14
N GLU C 52 31.31 43.23 -22.82
CA GLU C 52 31.58 43.76 -21.49
C GLU C 52 30.89 45.10 -21.26
N LYS C 53 30.99 46.02 -22.21
CA LYS C 53 30.43 47.35 -21.96
C LYS C 53 28.91 47.28 -21.82
N THR C 54 28.25 46.53 -22.70
CA THR C 54 26.79 46.42 -22.64
C THR C 54 26.33 45.73 -21.36
N GLY C 55 27.08 44.73 -20.88
CA GLY C 55 26.76 44.11 -19.61
C GLY C 55 26.84 45.10 -18.46
N GLU C 56 27.83 45.99 -18.50
CA GLU C 56 27.96 47.03 -17.49
C GLU C 56 26.78 47.99 -17.53
N LEU C 57 26.36 48.39 -18.74
CA LEU C 57 25.28 49.37 -18.87
C LEU C 57 23.96 48.78 -18.41
N VAL C 58 23.68 47.52 -18.75
CA VAL C 58 22.45 46.88 -18.30
C VAL C 58 22.45 46.74 -16.79
N SER C 59 23.61 46.41 -16.21
CA SER C 59 23.70 46.22 -14.76
C SER C 59 23.37 47.48 -13.99
N ARG C 60 23.53 48.66 -14.60
CA ARG C 60 23.15 49.90 -13.93
C ARG C 60 21.65 49.96 -13.66
N TYR C 61 20.84 49.35 -14.52
CA TYR C 61 19.40 49.37 -14.32
C TYR C 61 18.91 48.29 -13.36
N THR C 62 19.64 47.19 -13.25
CA THR C 62 19.24 46.10 -12.37
C THR C 62 19.91 46.12 -11.01
N GLY C 63 21.06 46.79 -10.89
CA GLY C 63 21.79 46.82 -9.64
C GLY C 63 22.65 45.62 -9.37
N ALA C 64 22.81 44.72 -10.34
CA ALA C 64 23.62 43.53 -10.15
C ALA C 64 25.08 43.82 -10.44
N GLU C 65 25.94 42.83 -10.20
CA GLU C 65 27.38 43.01 -10.40
C GLU C 65 27.73 43.03 -11.89
N ASP C 66 27.17 42.11 -12.67
CA ASP C 66 27.47 42.02 -14.09
C ASP C 66 26.21 41.54 -14.81
N SER C 67 26.25 41.60 -16.14
CA SER C 67 25.12 41.18 -16.96
C SER C 67 25.62 40.66 -18.29
N TYR C 68 24.77 39.88 -18.95
CA TYR C 68 25.08 39.29 -20.25
C TYR C 68 23.82 39.32 -21.11
N ILE C 69 23.95 39.84 -22.33
CA ILE C 69 22.82 40.00 -23.24
C ILE C 69 22.67 38.74 -24.08
N THR C 70 21.42 38.28 -24.24
CA THR C 70 21.11 37.09 -25.01
C THR C 70 20.07 37.44 -26.06
N SER C 71 19.74 36.45 -26.89
CA SER C 71 18.75 36.66 -27.95
C SER C 71 17.33 36.71 -27.40
N CYS C 72 17.05 35.99 -26.32
CA CYS C 72 15.71 35.95 -25.75
C CYS C 72 15.81 35.41 -24.33
N ALA C 73 14.67 35.45 -23.63
CA ALA C 73 14.64 34.95 -22.25
C ALA C 73 14.82 33.44 -22.20
N SER C 74 14.27 32.72 -23.19
CA SER C 74 14.46 31.27 -23.25
C SER C 74 15.94 30.92 -23.41
N ALA C 75 16.67 31.69 -24.21
CA ALA C 75 18.10 31.49 -24.32
C ALA C 75 18.81 31.82 -23.01
N GLY C 76 18.30 32.82 -22.28
CA GLY C 76 18.89 33.13 -20.98
C GLY C 76 18.72 32.01 -19.98
N ILE C 77 17.58 31.31 -20.05
CA ILE C 77 17.36 30.16 -19.16
C ILE C 77 18.31 29.03 -19.53
N ALA C 78 18.44 28.73 -20.81
CA ALA C 78 19.33 27.66 -21.24
C ALA C 78 20.78 27.98 -20.87
N ILE C 79 21.19 29.24 -21.05
CA ILE C 79 22.56 29.61 -20.75
C ILE C 79 22.80 29.61 -19.25
N ALA C 80 21.84 30.10 -18.47
CA ALA C 80 22.00 30.14 -17.01
C ALA C 80 22.13 28.73 -16.44
N VAL C 81 21.35 27.77 -16.97
CA VAL C 81 21.46 26.39 -16.52
C VAL C 81 22.82 25.82 -16.91
N ALA C 82 23.25 26.04 -18.15
CA ALA C 82 24.57 25.58 -18.57
C ALA C 82 25.67 26.20 -17.72
N ALA C 83 25.49 27.46 -17.31
CA ALA C 83 26.46 28.08 -16.42
C ALA C 83 26.51 27.37 -15.07
N ALA C 84 25.35 26.97 -14.55
CA ALA C 84 25.31 26.31 -13.25
C ALA C 84 25.89 24.90 -13.33
N ILE C 85 25.77 24.25 -14.48
CA ILE C 85 26.28 22.88 -14.63
C ILE C 85 27.75 22.87 -14.96
N THR C 86 28.19 23.77 -15.86
CA THR C 86 29.59 23.79 -16.30
C THR C 86 30.50 24.57 -15.38
N HIS C 87 29.96 25.49 -14.58
CA HIS C 87 30.75 26.41 -13.76
C HIS C 87 31.71 27.24 -14.61
N GLY C 88 31.47 27.33 -15.92
CA GLY C 88 32.35 28.02 -16.84
C GLY C 88 33.52 27.20 -17.35
N ASP C 89 33.67 25.95 -16.90
CA ASP C 89 34.77 25.11 -17.36
C ASP C 89 34.67 24.90 -18.87
N ARG C 90 35.74 25.24 -19.58
CA ARG C 90 35.71 25.24 -21.05
C ARG C 90 35.43 23.86 -21.62
N ALA C 91 35.91 22.79 -20.96
CA ALA C 91 35.63 21.44 -21.44
C ALA C 91 34.15 21.11 -21.26
N ARG C 92 33.58 21.43 -20.10
CA ARG C 92 32.16 21.15 -19.87
C ARG C 92 31.27 21.97 -20.78
N VAL C 93 31.70 23.18 -21.15
CA VAL C 93 30.90 24.00 -22.06
C VAL C 93 30.77 23.33 -23.42
N ALA C 94 31.85 22.73 -23.91
CA ALA C 94 31.80 22.05 -25.20
C ALA C 94 30.95 20.79 -25.16
N LEU C 95 30.75 20.20 -23.98
CA LEU C 95 29.97 18.98 -23.85
C LEU C 95 28.47 19.22 -23.84
N MET C 96 28.05 20.42 -23.48
CA MET C 96 26.62 20.71 -23.37
C MET C 96 25.94 20.55 -24.74
N PRO C 97 24.70 20.05 -24.77
CA PRO C 97 23.89 19.76 -23.58
C PRO C 97 23.98 18.32 -23.08
N ASP C 98 25.08 17.63 -23.35
CA ASP C 98 25.28 16.27 -22.84
C ASP C 98 25.94 16.40 -21.47
N SER C 99 25.13 16.59 -20.44
CA SER C 99 25.64 16.74 -19.07
C SER C 99 25.68 15.42 -18.33
N SER C 100 25.99 14.32 -19.01
CA SER C 100 26.03 13.03 -18.37
C SER C 100 27.15 13.01 -17.33
N GLY C 101 26.90 12.31 -16.22
CA GLY C 101 27.88 12.19 -15.16
C GLY C 101 28.22 13.47 -14.42
N MET C 102 27.48 14.55 -14.64
CA MET C 102 27.69 15.79 -13.92
C MET C 102 26.50 16.05 -13.02
N ALA C 103 26.66 17.00 -12.09
CA ALA C 103 25.52 17.50 -11.33
C ALA C 103 24.68 18.37 -12.25
N ASN C 104 23.50 17.87 -12.64
CA ASN C 104 22.70 18.54 -13.65
C ASN C 104 21.24 18.70 -13.28
N GLU C 105 20.84 18.33 -12.07
CA GLU C 105 19.43 18.41 -11.71
C GLU C 105 19.05 19.85 -11.37
N VAL C 106 17.97 20.33 -11.99
CA VAL C 106 17.43 21.65 -11.73
C VAL C 106 16.14 21.48 -10.94
N VAL C 107 16.11 22.01 -9.72
CA VAL C 107 15.00 21.84 -8.79
C VAL C 107 14.06 23.03 -8.91
N MET C 108 12.79 22.74 -9.18
CA MET C 108 11.79 23.79 -9.33
C MET C 108 10.45 23.29 -8.80
N LEU C 109 9.54 24.22 -8.56
CA LEU C 109 8.19 23.85 -8.14
C LEU C 109 7.43 23.24 -9.31
N ARG C 110 6.65 22.20 -9.02
CA ARG C 110 5.78 21.64 -10.04
C ARG C 110 4.76 22.66 -10.53
N GLY C 111 4.29 23.52 -9.63
CA GLY C 111 3.39 24.59 -10.00
C GLY C 111 4.00 25.64 -10.91
N HIS C 112 5.33 25.62 -11.09
CA HIS C 112 6.02 26.56 -11.95
C HIS C 112 6.34 25.97 -13.32
N ASN C 113 6.06 24.68 -13.53
CA ASN C 113 6.27 24.05 -14.83
C ASN C 113 5.16 24.51 -15.76
N VAL C 114 5.41 25.61 -16.47
CA VAL C 114 4.37 26.28 -17.23
C VAL C 114 4.72 26.27 -18.71
N ASP C 115 3.70 26.44 -19.53
CA ASP C 115 3.83 26.49 -20.98
C ASP C 115 3.52 27.90 -21.45
N TYR C 116 4.51 28.56 -22.04
CA TYR C 116 4.38 29.91 -22.58
C TYR C 116 4.41 29.91 -24.10
N GLY C 117 3.90 28.85 -24.72
CA GLY C 117 4.05 28.63 -26.15
C GLY C 117 4.98 27.47 -26.40
N ALA C 118 6.00 27.38 -25.55
CA ALA C 118 6.90 26.25 -25.45
C ALA C 118 7.11 25.96 -23.97
N PRO C 119 7.26 24.69 -23.59
CA PRO C 119 7.44 24.37 -22.17
C PRO C 119 8.75 24.92 -21.65
N VAL C 120 8.71 25.46 -20.43
CA VAL C 120 9.92 25.96 -19.78
C VAL C 120 10.93 24.84 -19.57
N THR C 121 10.49 23.59 -19.57
CA THR C 121 11.41 22.47 -19.46
C THR C 121 12.34 22.38 -20.66
N SER C 122 11.85 22.76 -21.85
CA SER C 122 12.69 22.66 -23.05
C SER C 122 13.91 23.56 -22.95
N ALA C 123 13.74 24.80 -22.48
CA ALA C 123 14.87 25.69 -22.33
C ALA C 123 15.86 25.16 -21.31
N ILE C 124 15.36 24.63 -20.19
CA ILE C 124 16.24 24.07 -19.16
C ILE C 124 17.02 22.89 -19.73
N ARG C 125 16.34 22.05 -20.51
CA ARG C 125 17.01 20.88 -21.07
C ARG C 125 18.04 21.26 -22.12
N LEU C 126 17.86 22.39 -22.80
CA LEU C 126 18.87 22.84 -23.75
C LEU C 126 20.17 23.19 -23.06
N GLY C 127 20.10 23.67 -21.81
CA GLY C 127 21.28 23.94 -21.02
C GLY C 127 21.90 22.73 -20.36
N GLY C 128 21.30 21.56 -20.54
CA GLY C 128 21.79 20.34 -19.94
C GLY C 128 21.11 19.94 -18.65
N GLY C 129 20.08 20.67 -18.24
CA GLY C 129 19.45 20.39 -16.97
C GLY C 129 18.42 19.28 -17.04
N ARG C 130 18.30 18.55 -15.93
CA ARG C 130 17.23 17.58 -15.74
C ARG C 130 16.28 18.11 -14.69
N ILE C 131 15.00 18.14 -15.03
CA ILE C 131 14.01 18.80 -14.20
C ILE C 131 13.69 17.93 -12.99
N VAL C 132 13.71 18.54 -11.80
CA VAL C 132 13.21 17.90 -10.58
C VAL C 132 12.07 18.77 -10.06
N GLU C 133 10.87 18.21 -10.05
CA GLU C 133 9.68 18.96 -9.65
C GLU C 133 9.42 18.79 -8.16
N VAL C 134 9.08 19.89 -7.51
CA VAL C 134 8.89 19.94 -6.06
C VAL C 134 7.43 20.22 -5.76
N GLY C 135 6.87 19.47 -4.81
CA GLY C 135 5.52 19.71 -4.35
C GLY C 135 4.49 19.28 -5.37
N SER C 136 3.24 19.63 -5.08
CA SER C 136 2.12 19.35 -5.96
C SER C 136 1.75 20.60 -6.75
N SER C 137 0.79 20.45 -7.65
CA SER C 137 0.36 21.59 -8.46
C SER C 137 -0.35 22.65 -7.64
N ASN C 138 -0.87 22.29 -6.45
CA ASN C 138 -1.59 23.23 -5.62
C ASN C 138 -0.88 23.55 -4.31
N LEU C 139 0.12 22.78 -3.91
CA LEU C 139 0.76 22.98 -2.62
C LEU C 139 2.22 22.59 -2.72
N ALA C 140 3.08 23.38 -2.06
CA ALA C 140 4.51 23.07 -1.99
C ALA C 140 5.03 23.54 -0.66
N THR C 141 5.64 22.62 0.09
CA THR C 141 6.20 22.92 1.40
C THR C 141 7.71 23.07 1.31
N ARG C 142 8.31 23.62 2.36
CA ARG C 142 9.75 23.83 2.34
C ARG C 142 10.51 22.52 2.47
N TRP C 143 10.04 21.62 3.34
CA TRP C 143 10.73 20.35 3.50
C TRP C 143 10.73 19.54 2.21
N GLN C 144 9.71 19.73 1.36
CA GLN C 144 9.74 19.12 0.04
C GLN C 144 10.86 19.72 -0.81
N LEU C 145 11.06 21.03 -0.71
CA LEU C 145 12.12 21.68 -1.47
C LEU C 145 13.49 21.22 -1.01
N GLU C 146 13.66 21.04 0.30
CA GLU C 146 14.96 20.62 0.82
C GLU C 146 15.25 19.16 0.52
N SER C 147 14.21 18.32 0.43
CA SER C 147 14.44 16.90 0.14
C SER C 147 14.86 16.67 -1.30
N ALA C 148 14.48 17.57 -2.21
CA ALA C 148 14.85 17.40 -3.61
C ALA C 148 16.32 17.71 -3.86
N ILE C 149 16.97 18.42 -2.94
CA ILE C 149 18.37 18.79 -3.10
C ILE C 149 19.25 17.59 -2.76
N ASN C 150 20.17 17.25 -3.67
CA ASN C 150 21.15 16.21 -3.42
C ASN C 150 22.42 16.56 -4.19
N GLU C 151 23.39 15.65 -4.17
CA GLU C 151 24.70 15.93 -4.77
C GLU C 151 24.62 16.07 -6.29
N LYS C 152 23.54 15.64 -6.91
CA LYS C 152 23.34 15.84 -8.34
C LYS C 152 22.65 17.16 -8.66
N THR C 153 22.14 17.87 -7.66
CA THR C 153 21.45 19.12 -7.91
C THR C 153 22.45 20.19 -8.34
N ALA C 154 22.13 20.91 -9.41
CA ALA C 154 23.01 21.94 -9.96
C ALA C 154 22.49 23.34 -9.76
N ALA C 155 21.17 23.52 -9.68
CA ALA C 155 20.59 24.84 -9.54
C ALA C 155 19.14 24.72 -9.10
N LEU C 156 18.61 25.81 -8.57
CA LEU C 156 17.19 25.96 -8.28
C LEU C 156 16.60 27.00 -9.24
N LEU C 157 15.35 26.77 -9.66
CA LEU C 157 14.70 27.66 -10.61
C LEU C 157 13.39 28.16 -10.02
N TYR C 158 13.25 29.48 -9.97
CA TYR C 158 12.00 30.13 -9.57
C TYR C 158 11.44 30.87 -10.78
N VAL C 159 10.18 30.62 -11.10
CA VAL C 159 9.53 31.22 -12.27
C VAL C 159 8.47 32.18 -11.77
N LYS C 160 8.60 33.45 -12.14
CA LYS C 160 7.60 34.46 -11.83
C LYS C 160 6.77 34.70 -13.09
N SER C 161 5.49 34.32 -13.04
CA SER C 161 4.62 34.47 -14.19
C SER C 161 3.18 34.26 -13.75
N HIS C 162 2.25 34.87 -14.50
CA HIS C 162 0.83 34.56 -14.32
C HIS C 162 0.48 33.16 -14.78
N HIS C 163 1.32 32.54 -15.61
CA HIS C 163 1.12 31.15 -16.00
C HIS C 163 1.25 30.22 -14.81
N CYS C 164 2.08 30.56 -13.83
CA CYS C 164 2.33 29.68 -12.70
C CYS C 164 1.13 29.65 -11.76
N VAL C 165 1.04 28.58 -10.99
CA VAL C 165 0.03 28.48 -9.94
C VAL C 165 0.33 29.54 -8.89
N GLN C 166 -0.64 30.41 -8.63
CA GLN C 166 -0.41 31.54 -7.74
C GLN C 166 -0.37 31.10 -6.28
N LYS C 167 -1.48 30.59 -5.78
CA LYS C 167 -1.62 30.29 -4.37
C LYS C 167 -1.10 28.89 -4.06
N GLY C 168 -0.59 28.71 -2.84
CA GLY C 168 -0.08 27.43 -2.39
C GLY C 168 1.39 27.19 -2.68
N MET C 169 2.07 28.10 -3.37
CA MET C 169 3.47 27.93 -3.73
C MET C 169 4.38 28.61 -2.73
N LEU C 170 5.65 28.21 -2.76
CA LEU C 170 6.64 28.78 -1.86
C LEU C 170 7.03 30.19 -2.32
N SER C 171 7.56 30.96 -1.36
CA SER C 171 7.99 32.32 -1.65
C SER C 171 9.40 32.33 -2.23
N ILE C 172 9.76 33.45 -2.83
CA ILE C 172 11.11 33.61 -3.36
C ILE C 172 12.13 33.51 -2.24
N ASP C 173 11.76 33.91 -1.02
CA ASP C 173 12.67 33.81 0.11
C ASP C 173 13.01 32.36 0.41
N ASP C 174 12.03 31.46 0.33
CA ASP C 174 12.32 30.05 0.58
C ASP C 174 13.34 29.52 -0.41
N PHE C 175 13.22 29.90 -1.69
CA PHE C 175 14.19 29.45 -2.68
C PHE C 175 15.57 30.03 -2.40
N VAL C 176 15.63 31.31 -2.03
CA VAL C 176 16.92 31.92 -1.72
C VAL C 176 17.58 31.21 -0.55
N GLN C 177 16.82 30.95 0.52
CA GLN C 177 17.40 30.33 1.71
C GLN C 177 17.86 28.91 1.43
N VAL C 178 17.05 28.10 0.74
CA VAL C 178 17.45 26.73 0.45
C VAL C 178 18.63 26.69 -0.51
N ALA C 179 18.62 27.55 -1.53
CA ALA C 179 19.72 27.58 -2.48
C ALA C 179 21.02 28.00 -1.80
N GLN C 180 20.96 29.05 -1.00
CA GLN C 180 22.16 29.57 -0.33
C GLN C 180 22.66 28.64 0.76
N ALA C 181 21.79 27.79 1.31
CA ALA C 181 22.21 26.84 2.33
C ALA C 181 22.99 25.67 1.74
N ASN C 182 22.83 25.38 0.45
CA ASN C 182 23.53 24.27 -0.19
C ASN C 182 24.64 24.75 -1.12
N HIS C 183 24.94 26.04 -1.13
N HIS C 183 24.95 26.04 -1.13
CA HIS C 183 25.96 26.62 -2.01
CA HIS C 183 25.96 26.62 -2.01
C HIS C 183 25.64 26.33 -3.48
C HIS C 183 25.64 26.32 -3.48
N LEU C 184 24.37 26.49 -3.85
CA LEU C 184 23.89 26.29 -5.20
C LEU C 184 23.30 27.58 -5.75
N PRO C 185 23.45 27.84 -7.04
CA PRO C 185 22.92 29.09 -7.61
C PRO C 185 21.41 29.04 -7.79
N LEU C 186 20.77 30.17 -7.49
CA LEU C 186 19.33 30.32 -7.69
C LEU C 186 19.08 31.12 -8.95
N ILE C 187 18.27 30.57 -9.86
CA ILE C 187 17.94 31.18 -11.14
C ILE C 187 16.48 31.61 -11.09
N VAL C 188 16.21 32.84 -11.51
CA VAL C 188 14.85 33.39 -11.51
C VAL C 188 14.47 33.75 -12.93
N ASP C 189 13.33 33.22 -13.37
CA ASP C 189 12.76 33.55 -14.67
C ASP C 189 11.76 34.70 -14.47
N ALA C 190 12.16 35.89 -14.88
CA ALA C 190 11.29 37.07 -14.81
C ALA C 190 11.17 37.68 -16.19
N ALA C 191 10.76 36.88 -17.17
CA ALA C 191 10.81 37.29 -18.57
C ALA C 191 9.90 38.49 -18.81
N ALA C 192 8.67 38.43 -18.34
CA ALA C 192 7.70 39.50 -18.56
C ALA C 192 7.72 40.55 -17.46
N GLU C 193 8.51 40.36 -16.41
CA GLU C 193 8.52 41.30 -15.30
C GLU C 193 9.19 42.61 -15.71
N GLU C 194 8.60 43.73 -15.29
CA GLU C 194 9.19 45.04 -15.50
C GLU C 194 10.01 45.51 -14.32
N ASP C 195 9.92 44.83 -13.18
CA ASP C 195 10.73 45.16 -12.01
C ASP C 195 12.16 44.69 -12.25
N LEU C 196 13.06 45.65 -12.54
CA LEU C 196 14.43 45.29 -12.88
C LEU C 196 15.29 45.00 -11.65
N ARG C 197 15.01 45.64 -10.51
CA ARG C 197 15.86 45.54 -9.34
C ARG C 197 15.31 44.61 -8.27
N GLY C 198 14.00 44.40 -8.22
CA GLY C 198 13.42 43.67 -7.10
C GLY C 198 13.89 42.23 -7.00
N TRP C 199 14.07 41.59 -8.16
CA TRP C 199 14.45 40.18 -8.16
C TRP C 199 15.93 39.97 -7.89
N VAL C 200 16.78 40.88 -8.37
CA VAL C 200 18.20 40.79 -8.03
C VAL C 200 18.41 41.10 -6.56
N ALA C 201 17.63 42.03 -6.00
CA ALA C 201 17.79 42.42 -4.61
C ALA C 201 17.42 41.32 -3.64
N SER C 202 16.57 40.37 -4.05
CA SER C 202 16.15 39.30 -3.15
C SER C 202 17.26 38.28 -2.88
N GLY C 203 18.39 38.37 -3.59
CA GLY C 203 19.49 37.46 -3.38
C GLY C 203 19.65 36.40 -4.45
N ALA C 204 18.87 36.44 -5.52
CA ALA C 204 19.02 35.46 -6.59
C ALA C 204 20.35 35.66 -7.31
N ASP C 205 20.94 34.54 -7.72
CA ASP C 205 22.26 34.61 -8.36
C ASP C 205 22.15 35.02 -9.82
N MET C 206 21.13 34.55 -10.53
CA MET C 206 20.93 34.91 -11.93
C MET C 206 19.44 35.14 -12.18
N VAL C 207 19.11 36.32 -12.72
CA VAL C 207 17.73 36.68 -13.06
C VAL C 207 17.66 36.95 -14.55
N ILE C 208 16.63 36.43 -15.19
CA ILE C 208 16.49 36.48 -16.65
C ILE C 208 15.28 37.32 -17.02
N TYR C 209 15.49 38.27 -17.92
CA TYR C 209 14.43 39.12 -18.45
C TYR C 209 14.35 38.99 -19.96
N SER C 210 13.22 39.41 -20.52
CA SER C 210 13.01 39.48 -21.96
C SER C 210 12.94 40.95 -22.36
N GLY C 211 13.88 41.38 -23.21
CA GLY C 211 13.93 42.79 -23.57
C GLY C 211 12.74 43.24 -24.38
N ALA C 212 12.21 42.37 -25.24
CA ALA C 212 11.09 42.73 -26.09
C ALA C 212 9.79 42.83 -25.30
N1 LLP C 213 9.34 32.30 -19.41
C2 LLP C 213 8.17 32.93 -19.20
C2' LLP C 213 7.50 32.89 -17.80
C3 LLP C 213 7.55 33.65 -20.27
O3 LLP C 213 6.34 34.31 -20.05
C4 LLP C 213 8.16 33.69 -21.50
C4' LLP C 213 7.47 34.50 -22.72
C5 LLP C 213 9.34 33.06 -21.71
C6 LLP C 213 9.95 32.34 -20.67
C5' LLP C 213 10.01 33.11 -23.12
OP4 LLP C 213 10.61 34.37 -23.31
P LLP C 213 11.13 34.73 -24.71
OP1 LLP C 213 11.98 36.00 -24.61
OP2 LLP C 213 9.97 34.96 -25.61
OP3 LLP C 213 11.94 33.61 -25.25
N LLP C 213 9.53 41.82 -24.48
CA LLP C 213 8.28 41.69 -23.74
CB LLP C 213 8.42 40.44 -22.91
CG LLP C 213 7.65 39.29 -23.54
CD LLP C 213 7.59 38.16 -22.52
CE LLP C 213 7.32 36.84 -23.28
NZ LLP C 213 7.13 35.80 -22.26
C LLP C 213 7.97 42.88 -22.87
O LLP C 213 6.94 43.52 -22.99
N ALA C 214 8.90 43.18 -21.97
CA ALA C 214 8.67 44.16 -20.93
C ALA C 214 9.11 45.57 -21.33
N PHE C 215 10.20 45.67 -22.10
CA PHE C 215 10.84 46.95 -22.38
C PHE C 215 10.77 47.35 -23.86
N ASN C 216 9.89 46.71 -24.63
CA ASN C 216 9.64 47.05 -26.03
C ASN C 216 10.94 47.25 -26.81
N ALA C 217 11.79 46.23 -26.75
CA ALA C 217 13.10 46.27 -27.36
C ALA C 217 13.14 45.36 -28.58
N PRO C 218 14.11 45.56 -29.48
CA PRO C 218 14.34 44.56 -30.52
C PRO C 218 14.67 43.22 -29.89
N THR C 219 14.47 42.16 -30.67
CA THR C 219 14.56 40.80 -30.15
C THR C 219 15.82 40.59 -29.33
N SER C 220 15.65 40.47 -28.02
CA SER C 220 16.78 40.45 -27.10
C SER C 220 16.30 39.97 -25.74
N GLY C 221 17.27 39.63 -24.90
CA GLY C 221 17.06 39.28 -23.50
C GLY C 221 18.39 39.40 -22.80
N PHE C 222 18.35 39.37 -21.48
CA PHE C 222 19.60 39.48 -20.75
C PHE C 222 19.51 38.70 -19.44
N ILE C 223 20.67 38.25 -18.97
CA ILE C 223 20.84 37.63 -17.66
C ILE C 223 21.56 38.65 -16.78
N THR C 224 21.06 38.84 -15.58
CA THR C 224 21.67 39.77 -14.63
C THR C 224 21.83 39.09 -13.29
N GLY C 225 22.93 39.39 -12.60
CA GLY C 225 23.20 38.74 -11.33
C GLY C 225 24.62 38.94 -10.90
N ARG C 226 25.13 37.95 -10.15
CA ARG C 226 26.47 38.04 -9.59
C ARG C 226 27.53 37.76 -10.64
N LYS C 227 28.66 38.47 -10.52
CA LYS C 227 29.69 38.42 -11.56
C LYS C 227 30.27 37.02 -11.72
N THR C 228 30.37 36.26 -10.64
CA THR C 228 30.94 34.92 -10.72
C THR C 228 30.08 34.01 -11.59
N TRP C 229 28.76 34.17 -11.53
CA TRP C 229 27.87 33.34 -12.33
C TRP C 229 27.67 33.90 -13.74
N ILE C 230 27.60 35.24 -13.86
CA ILE C 230 27.52 35.85 -15.19
C ILE C 230 28.75 35.48 -16.00
N ALA C 231 29.91 35.41 -15.35
CA ALA C 231 31.12 34.98 -16.04
C ALA C 231 30.95 33.58 -16.61
N ALA C 232 30.30 32.69 -15.86
CA ALA C 232 30.03 31.35 -16.37
C ALA C 232 29.03 31.37 -17.52
N CYS C 233 28.13 32.37 -17.54
CA CYS C 233 27.23 32.52 -18.68
C CYS C 233 28.00 32.96 -19.92
N LYS C 234 28.87 33.96 -19.77
CA LYS C 234 29.66 34.44 -20.91
C LYS C 234 30.49 33.31 -21.54
N ALA C 235 30.96 32.36 -20.74
CA ALA C 235 31.79 31.27 -21.24
C ALA C 235 31.04 30.37 -22.21
N GLN C 236 29.72 30.47 -22.31
CA GLN C 236 28.95 29.60 -23.19
C GLN C 236 28.99 30.03 -24.64
N HIS C 237 29.68 31.12 -24.97
CA HIS C 237 29.73 31.57 -26.37
C HIS C 237 30.43 30.55 -27.26
N GLN C 238 31.32 29.74 -26.70
CA GLN C 238 31.93 28.64 -27.43
C GLN C 238 31.09 27.38 -27.41
N GLY C 239 29.94 27.41 -26.74
CA GLY C 239 29.10 26.24 -26.63
C GLY C 239 27.69 26.45 -27.15
N ILE C 240 26.69 26.28 -26.28
CA ILE C 240 25.31 26.30 -26.73
C ILE C 240 24.85 27.70 -27.12
N ALA C 241 25.52 28.74 -26.63
CA ALA C 241 25.08 30.10 -26.93
C ALA C 241 25.40 30.53 -28.34
N ARG C 242 26.28 29.80 -29.04
CA ARG C 242 26.61 30.15 -30.41
C ARG C 242 25.40 29.98 -31.34
N ALA C 243 24.48 29.09 -30.98
CA ALA C 243 23.25 28.89 -31.73
C ALA C 243 22.12 29.80 -31.30
N MET C 244 22.26 30.50 -30.18
CA MET C 244 21.24 31.43 -29.72
C MET C 244 21.75 32.85 -29.89
N LYS C 245 22.17 33.18 -31.11
CA LYS C 245 22.97 34.39 -31.32
C LYS C 245 22.11 35.63 -31.34
N ILE C 246 22.63 36.69 -30.72
CA ILE C 246 22.11 38.05 -30.86
C ILE C 246 23.26 38.89 -31.39
N GLY C 247 22.99 39.69 -32.42
CA GLY C 247 24.02 40.47 -33.06
C GLY C 247 24.31 41.76 -32.35
N LYS C 248 25.32 42.46 -32.88
CA LYS C 248 25.69 43.76 -32.32
C LYS C 248 24.56 44.77 -32.43
N GLU C 249 23.70 44.63 -33.45
CA GLU C 249 22.66 45.62 -33.66
C GLU C 249 21.59 45.55 -32.57
N ASN C 250 21.16 44.34 -32.21
CA ASN C 250 20.13 44.20 -31.19
C ASN C 250 20.69 44.29 -29.77
N MET C 251 21.98 44.01 -29.58
CA MET C 251 22.61 44.30 -28.30
C MET C 251 22.52 45.79 -27.99
N VAL C 252 22.90 46.63 -28.95
CA VAL C 252 22.79 48.07 -28.76
C VAL C 252 21.32 48.48 -28.66
N GLY C 253 20.46 47.84 -29.44
CA GLY C 253 19.04 48.16 -29.39
C GLY C 253 18.44 47.93 -28.02
N LEU C 254 18.85 46.84 -27.36
CA LEU C 254 18.34 46.55 -26.01
C LEU C 254 18.75 47.64 -25.02
N VAL C 255 20.00 48.09 -25.10
CA VAL C 255 20.48 49.12 -24.18
C VAL C 255 19.72 50.41 -24.36
N TYR C 256 19.50 50.82 -25.62
CA TYR C 256 18.78 52.07 -25.86
C TYR C 256 17.30 51.94 -25.53
N ALA C 257 16.74 50.73 -25.63
CA ALA C 257 15.35 50.54 -25.23
C ALA C 257 15.19 50.59 -23.71
N LEU C 258 16.19 50.11 -22.96
CA LEU C 258 16.15 50.22 -21.51
C LEU C 258 16.24 51.67 -21.07
N GLU C 259 17.08 52.46 -21.72
CA GLU C 259 17.18 53.88 -21.38
C GLU C 259 15.91 54.63 -21.77
N ASN C 260 15.30 54.25 -22.89
CA ASN C 260 14.04 54.87 -23.28
C ASN C 260 12.92 54.50 -22.33
N TYR C 261 12.99 53.33 -21.70
CA TYR C 261 11.99 52.94 -20.71
C TYR C 261 12.20 53.65 -19.38
N HIS C 262 13.47 53.88 -19.00
CA HIS C 262 13.75 54.56 -17.74
C HIS C 262 13.35 56.04 -17.81
N GLN C 263 13.43 56.64 -19.00
CA GLN C 263 13.04 58.04 -19.14
C GLN C 263 11.57 58.25 -18.80
N GLY C 264 10.75 57.25 -19.00
CA GLY C 264 9.34 57.30 -18.66
C GLY C 264 8.46 57.35 -19.91
N GLN C 265 7.25 56.83 -19.77
CA GLN C 265 6.26 56.88 -20.83
C GLN C 265 4.92 57.27 -20.23
N THR C 266 4.24 58.23 -20.86
CA THR C 266 2.95 58.70 -20.39
C THR C 266 1.88 57.67 -20.77
N THR C 267 1.41 56.92 -19.79
CA THR C 267 0.37 55.92 -20.03
C THR C 267 -0.98 56.60 -20.25
N VAL C 268 -1.84 55.92 -21.01
CA VAL C 268 -3.12 56.48 -21.42
C VAL C 268 -4.03 56.64 -20.21
N THR C 269 -4.48 57.87 -19.97
CA THR C 269 -5.36 58.17 -18.85
C THR C 269 -6.79 57.75 -19.18
N ALA C 270 -7.59 57.60 -18.12
CA ALA C 270 -9.00 57.24 -18.30
C ALA C 270 -9.75 58.32 -19.06
N ALA C 271 -9.37 59.58 -18.90
CA ALA C 271 -10.03 60.66 -19.65
C ALA C 271 -9.83 60.49 -21.15
N GLN C 272 -8.64 60.06 -21.56
CA GLN C 272 -8.34 59.87 -22.98
C GLN C 272 -9.15 58.71 -23.56
N LEU C 273 -9.36 57.66 -22.77
CA LEU C 273 -10.09 56.49 -23.24
C LEU C 273 -11.60 56.71 -23.32
N GLN C 274 -12.15 57.65 -22.56
CA GLN C 274 -13.61 57.81 -22.54
C GLN C 274 -14.25 58.16 -23.88
N PRO C 275 -13.68 59.06 -24.71
CA PRO C 275 -14.34 59.34 -26.01
C PRO C 275 -14.55 58.12 -26.88
N VAL C 276 -13.56 57.25 -27.01
CA VAL C 276 -13.74 56.03 -27.79
C VAL C 276 -14.72 55.09 -27.07
N ALA C 277 -14.74 55.11 -25.74
CA ALA C 277 -15.70 54.29 -25.00
C ALA C 277 -17.13 54.74 -25.29
N GLU C 278 -17.35 56.05 -25.45
CA GLU C 278 -18.69 56.54 -25.80
C GLU C 278 -19.06 56.10 -27.21
N ALA C 279 -18.09 56.09 -28.13
CA ALA C 279 -18.38 55.71 -29.52
C ALA C 279 -18.80 54.26 -29.60
N ILE C 280 -18.14 53.38 -28.84
CA ILE C 280 -18.55 51.98 -28.82
C ILE C 280 -19.92 51.84 -28.18
N SER C 281 -20.19 52.64 -27.13
CA SER C 281 -21.50 52.59 -26.50
C SER C 281 -22.57 53.15 -27.43
N ALA C 282 -22.20 54.05 -28.35
CA ALA C 282 -23.16 54.56 -29.31
C ALA C 282 -23.67 53.44 -30.22
N ILE C 283 -22.85 52.43 -30.47
CA ILE C 283 -23.31 51.27 -31.22
C ILE C 283 -24.27 50.49 -30.33
N HIS C 284 -25.46 50.20 -30.86
CA HIS C 284 -26.48 49.52 -30.06
C HIS C 284 -26.06 48.07 -29.81
N GLY C 285 -26.17 47.63 -28.56
CA GLY C 285 -25.75 46.31 -28.16
C GLY C 285 -24.34 46.25 -27.62
N LEU C 286 -23.58 47.34 -27.71
CA LEU C 286 -22.23 47.42 -27.17
C LEU C 286 -22.26 48.43 -26.03
N TYR C 287 -21.73 48.03 -24.88
CA TYR C 287 -21.60 48.92 -23.73
C TYR C 287 -20.17 48.87 -23.25
N ALA C 288 -19.50 50.02 -23.26
CA ALA C 288 -18.09 50.12 -22.93
C ALA C 288 -17.90 50.99 -21.70
N ASP C 289 -16.99 50.58 -20.83
CA ASP C 289 -16.64 51.36 -19.65
C ASP C 289 -15.16 51.14 -19.36
N ILE C 290 -14.55 52.13 -18.75
CA ILE C 290 -13.13 52.07 -18.38
C ILE C 290 -13.00 51.42 -17.02
N GLU C 291 -12.02 50.52 -16.89
CA GLU C 291 -11.81 49.76 -15.67
C GLU C 291 -10.32 49.65 -15.40
N GLN C 292 -9.90 49.99 -14.18
CA GLN C 292 -8.51 49.78 -13.83
C GLN C 292 -8.25 48.31 -13.55
N ASP C 293 -7.01 47.90 -13.78
CA ASP C 293 -6.59 46.52 -13.56
C ASP C 293 -6.57 46.18 -12.08
N GLU C 294 -6.97 44.94 -11.76
CA GLU C 294 -6.83 44.45 -10.40
C GLU C 294 -5.39 44.64 -9.96
N ALA C 295 -5.20 45.03 -8.70
CA ALA C 295 -3.91 45.33 -8.07
C ALA C 295 -3.45 46.73 -8.50
N GLY C 296 -4.24 47.43 -9.31
CA GLY C 296 -3.91 48.75 -9.79
C GLY C 296 -2.90 48.84 -10.91
N ARG C 297 -1.76 49.47 -10.64
CA ARG C 297 -0.64 49.67 -11.56
C ARG C 297 -0.95 50.71 -12.64
N ALA C 298 -1.92 51.59 -12.40
CA ALA C 298 -2.29 52.66 -13.33
C ALA C 298 -2.43 52.16 -14.77
N ILE C 299 -3.13 51.03 -14.93
CA ILE C 299 -3.42 50.45 -16.24
C ILE C 299 -4.92 50.49 -16.43
N TRP C 300 -5.37 51.31 -17.39
CA TRP C 300 -6.77 51.50 -17.72
C TRP C 300 -7.07 50.82 -19.04
N ARG C 301 -8.21 50.15 -19.12
CA ARG C 301 -8.60 49.41 -20.31
C ARG C 301 -10.07 49.65 -20.60
N ILE C 302 -10.45 49.45 -21.86
CA ILE C 302 -11.82 49.66 -22.31
C ILE C 302 -12.50 48.30 -22.29
N ARG C 303 -13.23 48.02 -21.21
CA ARG C 303 -13.99 46.78 -21.11
C ARG C 303 -15.33 46.95 -21.80
N VAL C 304 -15.60 46.09 -22.79
CA VAL C 304 -16.79 46.15 -23.62
C VAL C 304 -17.57 44.86 -23.44
N ARG C 305 -18.81 44.99 -23.01
CA ARG C 305 -19.72 43.86 -22.86
C ARG C 305 -20.74 43.91 -23.98
N VAL C 306 -21.04 42.76 -24.56
CA VAL C 306 -21.95 42.67 -25.71
C VAL C 306 -23.27 42.08 -25.24
N ASN C 307 -24.38 42.65 -25.72
CA ASN C 307 -25.72 42.14 -25.42
C ASN C 307 -26.21 41.38 -26.64
N ALA C 308 -26.33 40.05 -26.50
CA ALA C 308 -26.73 39.23 -27.64
C ALA C 308 -28.12 39.61 -28.13
N SER C 309 -29.02 40.00 -27.23
CA SER C 309 -30.37 40.38 -27.64
C SER C 309 -30.36 41.62 -28.52
N GLU C 310 -29.61 42.64 -28.13
CA GLU C 310 -29.56 43.87 -28.91
C GLU C 310 -28.63 43.74 -30.11
N LEU C 311 -27.38 43.34 -29.89
CA LEU C 311 -26.42 43.29 -30.98
C LEU C 311 -26.71 42.13 -31.92
N GLY C 312 -26.99 40.95 -31.38
CA GLY C 312 -27.17 39.77 -32.21
C GLY C 312 -25.99 38.82 -32.25
N LEU C 313 -24.88 39.17 -31.61
CA LEU C 313 -23.68 38.35 -31.59
C LEU C 313 -23.15 38.28 -30.17
N ASN C 314 -22.56 37.13 -29.83
CA ASN C 314 -21.89 36.98 -28.55
C ASN C 314 -20.47 37.51 -28.63
N ALA C 315 -19.83 37.62 -27.47
CA ALA C 315 -18.48 38.18 -27.42
C ALA C 315 -17.49 37.35 -28.21
N GLN C 316 -17.65 36.03 -28.22
CA GLN C 316 -16.77 35.18 -29.02
C GLN C 316 -16.90 35.49 -30.51
N ASP C 317 -18.14 35.67 -30.99
CA ASP C 317 -18.34 36.01 -32.40
C ASP C 317 -17.75 37.38 -32.72
N VAL C 318 -17.84 38.32 -31.78
CA VAL C 318 -17.29 39.65 -32.01
C VAL C 318 -15.77 39.61 -32.04
N GLU C 319 -15.18 38.89 -31.09
CA GLU C 319 -13.72 38.80 -31.03
C GLU C 319 -13.15 38.13 -32.27
N ALA C 320 -13.82 37.08 -32.76
CA ALA C 320 -13.34 36.39 -33.97
C ALA C 320 -13.44 37.29 -35.19
N GLN C 321 -14.53 38.05 -35.33
CA GLN C 321 -14.68 38.93 -36.49
C GLN C 321 -13.72 40.10 -36.43
N LEU C 322 -13.27 40.49 -35.24
CA LEU C 322 -12.23 41.51 -35.15
C LEU C 322 -10.91 41.00 -35.71
N ARG C 323 -10.56 39.75 -35.38
CA ARG C 323 -9.32 39.17 -35.90
C ARG C 323 -9.44 38.83 -37.37
N GLY C 324 -10.58 38.24 -37.78
CA GLY C 324 -10.73 37.73 -39.13
C GLY C 324 -10.84 38.79 -40.20
N GLY C 325 -11.19 40.01 -39.84
CA GLY C 325 -11.34 41.07 -40.82
C GLY C 325 -10.04 41.37 -41.55
N GLU C 326 -10.15 42.20 -42.58
CA GLU C 326 -8.96 42.61 -43.32
C GLU C 326 -7.96 43.31 -42.41
N ILE C 327 -8.46 43.99 -41.39
CA ILE C 327 -7.63 44.53 -40.32
C ILE C 327 -7.75 43.56 -39.15
N ALA C 328 -6.66 42.85 -38.86
CA ALA C 328 -6.66 41.87 -37.77
C ALA C 328 -6.61 42.63 -36.45
N ILE C 329 -7.71 42.61 -35.71
CA ILE C 329 -7.80 43.30 -34.43
C ILE C 329 -7.81 42.26 -33.34
N TYR C 330 -6.77 42.28 -32.50
CA TYR C 330 -6.61 41.30 -31.44
C TYR C 330 -6.98 41.96 -30.11
N ALA C 331 -8.12 41.55 -29.56
CA ALA C 331 -8.57 42.02 -28.26
C ALA C 331 -8.35 40.93 -27.22
N ARG C 332 -8.58 41.29 -25.96
CA ARG C 332 -8.45 40.33 -24.87
C ARG C 332 -9.65 39.41 -24.83
N LYS C 333 -9.40 38.10 -24.91
CA LYS C 333 -10.45 37.09 -24.91
C LYS C 333 -10.50 36.35 -23.58
N TYR C 334 -10.02 36.98 -22.51
CA TYR C 334 -9.99 36.36 -21.19
C TYR C 334 -11.41 36.15 -20.67
N GLN C 335 -12.17 37.24 -20.54
CA GLN C 335 -13.55 37.17 -20.07
C GLN C 335 -14.53 37.04 -21.22
N LEU C 336 -14.13 36.36 -22.30
CA LEU C 336 -15.00 36.21 -23.45
C LEU C 336 -16.21 35.33 -23.14
N HIS C 337 -16.04 34.36 -22.24
CA HIS C 337 -17.18 33.54 -21.84
C HIS C 337 -18.21 34.34 -21.07
N GLN C 338 -17.77 35.35 -20.31
CA GLN C 338 -18.68 36.23 -19.59
C GLN C 338 -19.31 37.30 -20.49
N GLY C 339 -19.02 37.28 -21.78
CA GLY C 339 -19.58 38.27 -22.68
C GLY C 339 -18.81 39.56 -22.77
N VAL C 340 -17.53 39.56 -22.44
CA VAL C 340 -16.73 40.78 -22.41
C VAL C 340 -15.44 40.57 -23.18
N PHE C 341 -15.05 41.58 -23.96
CA PHE C 341 -13.72 41.69 -24.51
C PHE C 341 -13.19 43.07 -24.16
N SER C 342 -11.88 43.15 -23.94
CA SER C 342 -11.27 44.39 -23.51
C SER C 342 -10.15 44.77 -24.47
N LEU C 343 -9.79 46.06 -24.45
CA LEU C 343 -8.81 46.63 -25.36
C LEU C 343 -7.67 47.23 -24.55
N ASP C 344 -6.45 46.78 -24.80
CA ASP C 344 -5.28 47.29 -24.11
C ASP C 344 -4.70 48.45 -24.92
N PRO C 345 -4.78 49.69 -24.44
CA PRO C 345 -4.33 50.83 -25.25
C PRO C 345 -2.81 50.95 -25.34
N ARG C 346 -2.07 50.18 -24.54
CA ARG C 346 -0.62 50.33 -24.53
C ARG C 346 0.00 49.89 -25.85
N THR C 347 -0.53 48.83 -26.46
CA THR C 347 -0.04 48.35 -27.75
C THR C 347 -0.76 48.97 -28.94
N VAL C 348 -1.80 49.78 -28.69
CA VAL C 348 -2.53 50.42 -29.78
C VAL C 348 -1.79 51.70 -30.17
N ALA C 349 -1.61 51.89 -31.47
CA ALA C 349 -0.92 53.07 -31.97
C ALA C 349 -1.91 54.19 -32.25
N GLU C 350 -1.39 55.34 -32.65
CA GLU C 350 -2.23 56.50 -32.91
C GLU C 350 -3.10 56.23 -34.13
N GLY C 351 -4.41 56.46 -34.00
CA GLY C 351 -5.36 56.25 -35.07
C GLY C 351 -5.96 54.86 -35.12
N GLU C 352 -5.24 53.86 -34.64
CA GLU C 352 -5.76 52.49 -34.67
C GLU C 352 -6.99 52.33 -33.78
N MET C 353 -7.11 53.16 -32.75
CA MET C 353 -8.30 53.10 -31.89
C MET C 353 -9.57 53.36 -32.68
N ALA C 354 -9.54 54.33 -33.60
CA ALA C 354 -10.71 54.63 -34.42
C ALA C 354 -11.07 53.46 -35.32
N LEU C 355 -10.06 52.74 -35.82
CA LEU C 355 -10.34 51.61 -36.71
C LEU C 355 -11.05 50.48 -35.98
N ILE C 356 -10.71 50.26 -34.71
CA ILE C 356 -11.36 49.18 -33.95
C ILE C 356 -12.84 49.49 -33.77
N VAL C 357 -13.17 50.75 -33.46
CA VAL C 357 -14.57 51.14 -33.33
C VAL C 357 -15.28 51.05 -34.68
N ALA C 358 -14.57 51.42 -35.75
CA ALA C 358 -15.17 51.34 -37.09
C ALA C 358 -15.50 49.91 -37.46
N ARG C 359 -14.59 48.97 -37.18
CA ARG C 359 -14.88 47.57 -37.45
C ARG C 359 -16.04 47.07 -36.59
N LEU C 360 -16.13 47.56 -35.36
CA LEU C 360 -17.27 47.21 -34.51
C LEU C 360 -18.58 47.72 -35.09
N ARG C 361 -18.56 48.93 -35.68
CA ARG C 361 -19.76 49.45 -36.32
C ARG C 361 -20.12 48.64 -37.56
N GLU C 362 -19.11 48.22 -38.34
CA GLU C 362 -19.40 47.38 -39.49
C GLU C 362 -20.04 46.06 -39.06
N ILE C 363 -19.58 45.50 -37.94
CA ILE C 363 -20.19 44.29 -37.38
C ILE C 363 -21.63 44.57 -36.97
N ALA C 364 -21.91 45.79 -36.51
CA ALA C 364 -23.28 46.14 -36.10
C ALA C 364 -24.23 46.16 -37.28
N GLU C 365 -23.80 46.70 -38.42
CA GLU C 365 -24.65 46.69 -39.60
C GLU C 365 -24.97 45.27 -40.04
N HIS C 366 -24.00 44.37 -39.95
CA HIS C 366 -24.19 42.96 -40.28
C HIS C 366 -24.97 42.20 -39.22
N ALA C 367 -25.41 42.88 -38.15
CA ALA C 367 -26.34 42.24 -37.21
C ALA C 367 -27.65 41.92 -37.91
N ALA C 368 -28.10 42.81 -38.79
CA ALA C 368 -29.21 42.52 -39.69
C ALA C 368 -28.75 41.83 -40.96
N ASP C 369 -27.44 41.55 -41.06
CA ASP C 369 -26.81 40.94 -42.23
C ASP C 369 -27.15 41.67 -43.53
N MET D 1 -37.42 -12.98 17.86
CA MET D 1 -36.36 -12.90 16.87
C MET D 1 -36.73 -11.95 15.75
N THR D 2 -36.87 -10.65 16.08
CA THR D 2 -37.10 -9.65 15.06
C THR D 2 -35.98 -9.71 14.02
N PRO D 3 -36.31 -9.64 12.73
CA PRO D 3 -35.26 -9.78 11.71
C PRO D 3 -34.23 -8.67 11.85
N ASN D 4 -32.96 -9.06 11.75
CA ASN D 4 -31.89 -8.07 11.85
C ASN D 4 -31.83 -7.24 10.57
N ILE D 5 -30.96 -6.24 10.59
CA ILE D 5 -30.86 -5.33 9.46
C ILE D 5 -30.42 -6.06 8.20
N TYR D 6 -29.57 -7.09 8.36
CA TYR D 6 -29.13 -7.86 7.19
C TYR D 6 -30.28 -8.65 6.60
N GLN D 7 -31.17 -9.17 7.45
CA GLN D 7 -32.36 -9.85 6.96
C GLN D 7 -33.27 -8.88 6.20
N GLN D 8 -33.37 -7.64 6.68
CA GLN D 8 -34.17 -6.63 6.00
C GLN D 8 -33.59 -6.26 4.63
N LEU D 9 -32.29 -6.45 4.44
CA LEU D 9 -31.65 -6.15 3.17
C LEU D 9 -31.63 -7.35 2.22
N GLY D 10 -32.21 -8.48 2.61
CA GLY D 10 -32.27 -9.65 1.76
C GLY D 10 -31.21 -10.69 1.99
N LEU D 11 -30.47 -10.61 3.09
CA LEU D 11 -29.39 -11.54 3.37
C LEU D 11 -29.82 -12.54 4.45
N LYS D 12 -29.00 -13.59 4.62
CA LYS D 12 -29.33 -14.64 5.56
C LYS D 12 -29.01 -14.21 6.98
N LYS D 13 -29.84 -14.65 7.92
CA LYS D 13 -29.51 -14.50 9.33
C LYS D 13 -28.41 -15.48 9.70
N VAL D 14 -27.35 -14.98 10.32
CA VAL D 14 -26.17 -15.78 10.63
C VAL D 14 -26.11 -16.01 12.13
N ILE D 15 -25.86 -17.26 12.52
CA ILE D 15 -25.61 -17.63 13.92
C ILE D 15 -24.19 -18.15 13.99
N ASN D 16 -23.35 -17.47 14.76
CA ASN D 16 -21.93 -17.76 14.82
C ASN D 16 -21.64 -18.64 16.03
N ALA D 17 -21.09 -19.82 15.78
CA ALA D 17 -20.65 -20.73 16.84
C ALA D 17 -19.25 -21.25 16.59
N CYS D 18 -18.52 -20.67 15.64
CA CYS D 18 -17.14 -21.06 15.34
C CYS D 18 -16.12 -20.15 16.04
N GLY D 19 -16.33 -18.85 15.98
CA GLY D 19 -15.41 -17.90 16.57
C GLY D 19 -15.43 -16.60 15.80
N LYS D 20 -14.42 -15.77 16.07
CA LYS D 20 -14.31 -14.45 15.45
C LYS D 20 -13.72 -14.62 14.05
N MET D 21 -14.60 -14.93 13.10
CA MET D 21 -14.18 -15.24 11.74
C MET D 21 -14.38 -14.02 10.85
N THR D 22 -13.36 -13.73 10.05
CA THR D 22 -13.43 -12.56 9.16
C THR D 22 -14.53 -12.72 8.12
N ILE D 23 -14.89 -13.96 7.78
CA ILE D 23 -15.94 -14.18 6.77
C ILE D 23 -17.34 -13.94 7.30
N LEU D 24 -17.49 -13.74 8.61
CA LEU D 24 -18.80 -13.47 9.20
C LEU D 24 -18.91 -12.08 9.81
N GLY D 25 -17.94 -11.20 9.58
CA GLY D 25 -17.94 -9.89 10.18
C GLY D 25 -17.08 -9.75 11.41
N VAL D 26 -16.23 -10.72 11.71
CA VAL D 26 -15.28 -10.70 12.82
C VAL D 26 -16.00 -10.78 14.16
N SER D 27 -16.73 -9.73 14.54
CA SER D 27 -17.27 -9.64 15.89
C SER D 27 -18.64 -8.98 15.88
N SER D 28 -19.30 -9.06 17.03
CA SER D 28 -20.57 -8.39 17.29
C SER D 28 -20.32 -7.36 18.38
N VAL D 29 -20.42 -6.07 18.02
CA VAL D 29 -20.09 -5.02 18.96
C VAL D 29 -21.16 -4.90 20.03
N ALA D 30 -20.74 -4.65 21.27
CA ALA D 30 -21.67 -4.51 22.37
C ALA D 30 -22.50 -3.23 22.19
N PRO D 31 -23.76 -3.25 22.65
CA PRO D 31 -24.60 -2.05 22.49
C PRO D 31 -24.07 -0.83 23.23
N GLU D 32 -23.46 -1.02 24.40
CA GLU D 32 -22.88 0.12 25.12
C GLU D 32 -21.76 0.76 24.33
N VAL D 33 -20.98 -0.05 23.60
CA VAL D 33 -19.89 0.50 22.80
C VAL D 33 -20.44 1.23 21.58
N MET D 34 -21.47 0.67 20.94
CA MET D 34 -22.04 1.35 19.78
C MET D 34 -22.73 2.64 20.15
N GLN D 35 -23.26 2.73 21.38
CA GLN D 35 -23.80 4.01 21.85
C GLN D 35 -22.71 5.08 21.87
N ALA D 36 -21.54 4.72 22.39
CA ALA D 36 -20.42 5.67 22.40
C ALA D 36 -19.94 5.96 20.98
N THR D 37 -19.99 4.97 20.10
CA THR D 37 -19.60 5.19 18.71
C THR D 37 -20.57 6.13 18.01
N ALA D 38 -21.87 5.96 18.25
CA ALA D 38 -22.85 6.82 17.61
C ALA D 38 -22.71 8.27 18.08
N ARG D 39 -22.50 8.48 19.38
CA ARG D 39 -22.30 9.83 19.90
C ARG D 39 -21.05 10.46 19.30
N ALA D 40 -20.00 9.66 19.08
CA ALA D 40 -18.80 10.18 18.45
C ALA D 40 -19.04 10.53 16.99
N ALA D 41 -19.90 9.77 16.31
CA ALA D 41 -20.19 10.05 14.91
C ALA D 41 -21.03 11.32 14.74
N SER D 42 -21.90 11.62 15.71
CA SER D 42 -22.83 12.73 15.61
C SER D 42 -22.25 14.04 16.14
N ALA D 43 -20.94 14.13 16.30
CA ALA D 43 -20.32 15.34 16.84
C ALA D 43 -18.95 15.52 16.23
N PHE D 44 -18.50 16.77 16.19
CA PHE D 44 -17.18 17.10 15.69
C PHE D 44 -16.16 17.08 16.81
N VAL D 45 -14.89 16.92 16.44
CA VAL D 45 -13.80 16.88 17.40
C VAL D 45 -12.53 17.29 16.69
N GLU D 46 -11.63 17.92 17.43
CA GLU D 46 -10.30 18.22 16.92
C GLU D 46 -9.51 16.92 16.84
N ILE D 47 -9.29 16.43 15.61
CA ILE D 47 -8.76 15.08 15.44
C ILE D 47 -7.38 14.94 16.06
N ASP D 48 -6.56 15.99 15.95
CA ASP D 48 -5.22 15.93 16.53
C ASP D 48 -5.28 15.67 18.03
N ALA D 49 -6.25 16.26 18.72
CA ALA D 49 -6.41 16.01 20.14
C ALA D 49 -7.01 14.62 20.39
N LEU D 50 -7.90 14.16 19.52
CA LEU D 50 -8.48 12.82 19.67
C LEU D 50 -7.42 11.75 19.45
N VAL D 51 -6.51 11.96 18.50
CA VAL D 51 -5.44 10.99 18.27
C VAL D 51 -4.55 10.87 19.50
N GLU D 52 -4.24 12.01 20.13
CA GLU D 52 -3.38 11.98 21.31
C GLU D 52 -4.09 11.34 22.50
N LYS D 53 -5.33 11.74 22.77
CA LYS D 53 -6.03 11.22 23.93
C LYS D 53 -6.30 9.72 23.81
N THR D 54 -6.75 9.27 22.63
CA THR D 54 -7.00 7.85 22.45
C THR D 54 -5.72 7.04 22.60
N GLY D 55 -4.60 7.59 22.13
CA GLY D 55 -3.33 6.91 22.36
C GLY D 55 -2.99 6.79 23.83
N GLU D 56 -3.26 7.83 24.61
CA GLU D 56 -3.04 7.75 26.05
C GLU D 56 -3.97 6.74 26.70
N LEU D 57 -5.25 6.76 26.32
CA LEU D 57 -6.21 5.86 26.94
C LEU D 57 -5.93 4.40 26.62
N VAL D 58 -5.58 4.12 25.35
CA VAL D 58 -5.23 2.74 25.00
C VAL D 58 -3.98 2.30 25.72
N SER D 59 -2.99 3.20 25.85
CA SER D 59 -1.73 2.84 26.50
C SER D 59 -1.91 2.48 27.95
N ARG D 60 -2.98 2.95 28.59
CA ARG D 60 -3.25 2.56 29.97
C ARG D 60 -3.48 1.05 30.09
N TYR D 61 -4.06 0.44 29.05
CA TYR D 61 -4.33 -0.99 29.10
C TYR D 61 -3.13 -1.83 28.71
N THR D 62 -2.23 -1.31 27.88
CA THR D 62 -1.07 -2.08 27.42
C THR D 62 0.18 -1.84 28.25
N GLY D 63 0.27 -0.71 28.95
CA GLY D 63 1.46 -0.41 29.71
C GLY D 63 2.60 0.17 28.90
N ALA D 64 2.38 0.48 27.63
CA ALA D 64 3.41 1.04 26.79
C ALA D 64 3.49 2.55 26.96
N GLU D 65 4.48 3.16 26.29
CA GLU D 65 4.66 4.60 26.42
C GLU D 65 3.58 5.36 25.64
N ASP D 66 3.29 4.94 24.42
CA ASP D 66 2.29 5.62 23.59
C ASP D 66 1.58 4.58 22.73
N SER D 67 0.51 5.03 22.07
CA SER D 67 -0.27 4.15 21.21
C SER D 67 -0.89 4.96 20.08
N TYR D 68 -1.23 4.26 19.00
CA TYR D 68 -1.83 4.87 17.83
C TYR D 68 -2.87 3.92 17.26
N ILE D 69 -4.08 4.42 17.05
CA ILE D 69 -5.20 3.61 16.61
C ILE D 69 -5.22 3.58 15.08
N THR D 70 -5.48 2.40 14.52
CA THR D 70 -5.52 2.18 13.09
C THR D 70 -6.86 1.55 12.70
N SER D 71 -7.07 1.37 11.39
CA SER D 71 -8.33 0.80 10.94
C SER D 71 -8.41 -0.70 11.20
N CYS D 72 -7.27 -1.39 11.17
CA CYS D 72 -7.24 -2.83 11.36
C CYS D 72 -5.82 -3.24 11.69
N ALA D 73 -5.64 -4.51 12.02
CA ALA D 73 -4.32 -5.01 12.34
C ALA D 73 -3.42 -5.04 11.11
N SER D 74 -3.99 -5.33 9.94
CA SER D 74 -3.21 -5.32 8.71
C SER D 74 -2.66 -3.91 8.44
N ALA D 75 -3.47 -2.89 8.70
CA ALA D 75 -2.97 -1.52 8.57
C ALA D 75 -1.91 -1.23 9.62
N GLY D 76 -2.05 -1.81 10.82
CA GLY D 76 -1.02 -1.62 11.84
C GLY D 76 0.31 -2.22 11.43
N ILE D 77 0.28 -3.36 10.73
CA ILE D 77 1.52 -3.98 10.24
C ILE D 77 2.15 -3.10 9.17
N ALA D 78 1.33 -2.61 8.23
CA ALA D 78 1.85 -1.75 7.17
C ALA D 78 2.41 -0.46 7.73
N ILE D 79 1.74 0.14 8.70
CA ILE D 79 2.21 1.40 9.27
C ILE D 79 3.47 1.17 10.09
N ALA D 80 3.50 0.09 10.88
CA ALA D 80 4.68 -0.19 11.71
C ALA D 80 5.92 -0.41 10.85
N VAL D 81 5.77 -1.12 9.73
CA VAL D 81 6.91 -1.32 8.83
C VAL D 81 7.33 0.02 8.22
N ALA D 82 6.36 0.80 7.74
CA ALA D 82 6.67 2.11 7.18
C ALA D 82 7.32 3.02 8.22
N ALA D 83 6.90 2.91 9.48
CA ALA D 83 7.55 3.67 10.54
C ALA D 83 8.99 3.21 10.74
N ALA D 84 9.23 1.90 10.65
CA ALA D 84 10.57 1.39 10.86
C ALA D 84 11.50 1.76 9.70
N ILE D 85 10.94 1.90 8.50
CA ILE D 85 11.76 2.21 7.33
C ILE D 85 11.98 3.73 7.21
N THR D 86 10.94 4.52 7.44
CA THR D 86 11.02 5.96 7.26
C THR D 86 11.56 6.71 8.47
N HIS D 87 11.48 6.12 9.66
CA HIS D 87 11.82 6.80 10.92
C HIS D 87 11.00 8.09 11.11
N GLY D 88 9.87 8.22 10.41
CA GLY D 88 9.08 9.42 10.50
C GLY D 88 9.51 10.56 9.59
N ASP D 89 10.58 10.37 8.81
CA ASP D 89 11.02 11.40 7.89
C ASP D 89 9.93 11.73 6.88
N ARG D 90 9.57 13.01 6.80
CA ARG D 90 8.45 13.40 5.94
C ARG D 90 8.71 13.06 4.47
N ALA D 91 9.98 13.15 4.03
CA ALA D 91 10.30 12.79 2.66
C ALA D 91 10.15 11.30 2.43
N ARG D 92 10.67 10.48 3.35
CA ARG D 92 10.53 9.04 3.21
C ARG D 92 9.07 8.59 3.36
N VAL D 93 8.29 9.29 4.17
CA VAL D 93 6.89 8.93 4.34
C VAL D 93 6.13 9.10 3.03
N ALA D 94 6.42 10.18 2.29
CA ALA D 94 5.78 10.40 1.00
C ALA D 94 6.24 9.40 -0.05
N LEU D 95 7.41 8.77 0.14
CA LEU D 95 7.92 7.83 -0.84
C LEU D 95 7.30 6.44 -0.72
N MET D 96 6.77 6.08 0.44
CA MET D 96 6.25 4.74 0.63
C MET D 96 5.10 4.47 -0.33
N PRO D 97 5.01 3.25 -0.88
CA PRO D 97 5.87 2.11 -0.54
C PRO D 97 7.11 1.94 -1.42
N ASP D 98 7.62 3.00 -2.02
CA ASP D 98 8.84 2.91 -2.83
C ASP D 98 10.04 3.17 -1.92
N SER D 99 10.52 2.09 -1.29
CA SER D 99 11.67 2.11 -0.39
C SER D 99 12.96 1.70 -1.11
N SER D 100 13.19 2.21 -2.32
CA SER D 100 14.27 1.72 -3.18
C SER D 100 15.65 1.88 -2.52
N GLY D 101 16.08 3.12 -2.30
CA GLY D 101 17.39 3.34 -1.74
C GLY D 101 17.53 3.23 -0.24
N MET D 102 16.54 2.69 0.45
CA MET D 102 16.54 2.64 1.91
C MET D 102 16.77 1.23 2.43
N ALA D 103 17.06 1.16 3.73
CA ALA D 103 17.07 -0.09 4.46
C ALA D 103 15.62 -0.53 4.65
N ASN D 104 15.20 -1.59 3.97
CA ASN D 104 13.80 -1.97 3.94
C ASN D 104 13.54 -3.45 4.22
N GLU D 105 14.55 -4.22 4.57
CA GLU D 105 14.35 -5.65 4.78
C GLU D 105 13.72 -5.91 6.14
N VAL D 106 12.65 -6.71 6.14
CA VAL D 106 11.96 -7.13 7.35
C VAL D 106 12.28 -8.60 7.58
N VAL D 107 12.90 -8.89 8.72
CA VAL D 107 13.37 -10.23 9.03
C VAL D 107 12.30 -10.93 9.86
N MET D 108 11.85 -12.09 9.39
CA MET D 108 10.83 -12.86 10.11
C MET D 108 11.08 -14.35 9.88
N LEU D 109 10.49 -15.16 10.75
CA LEU D 109 10.60 -16.60 10.59
C LEU D 109 9.76 -17.08 9.41
N ARG D 110 10.30 -18.03 8.65
CA ARG D 110 9.53 -18.64 7.57
C ARG D 110 8.28 -19.31 8.12
N GLY D 111 8.37 -19.90 9.30
CA GLY D 111 7.21 -20.48 9.95
C GLY D 111 6.14 -19.48 10.34
N HIS D 112 6.45 -18.18 10.30
CA HIS D 112 5.49 -17.14 10.62
C HIS D 112 4.87 -16.48 9.40
N ASN D 113 5.33 -16.84 8.20
CA ASN D 113 4.74 -16.32 6.97
C ASN D 113 3.40 -16.99 6.74
N VAL D 114 2.33 -16.39 7.28
CA VAL D 114 1.02 -17.05 7.34
C VAL D 114 0.02 -16.26 6.51
N ASP D 115 -1.05 -16.97 6.12
CA ASP D 115 -2.17 -16.41 5.37
C ASP D 115 -3.40 -16.41 6.28
N TYR D 116 -3.90 -15.22 6.60
CA TYR D 116 -5.09 -15.04 7.43
C TYR D 116 -6.28 -14.56 6.61
N GLY D 117 -6.35 -14.96 5.35
CA GLY D 117 -7.29 -14.41 4.40
C GLY D 117 -6.55 -13.59 3.36
N ALA D 118 -5.51 -12.89 3.83
CA ALA D 118 -4.52 -12.24 2.99
C ALA D 118 -3.16 -12.53 3.59
N PRO D 119 -2.12 -12.69 2.76
CA PRO D 119 -0.80 -12.97 3.31
C PRO D 119 -0.27 -11.78 4.10
N VAL D 120 0.36 -12.09 5.24
CA VAL D 120 1.00 -11.05 6.04
C VAL D 120 2.07 -10.34 5.24
N THR D 121 2.56 -10.97 4.17
CA THR D 121 3.53 -10.31 3.29
C THR D 121 2.94 -9.09 2.61
N SER D 122 1.64 -9.14 2.26
CA SER D 122 1.02 -8.00 1.59
C SER D 122 1.02 -6.77 2.47
N ALA D 123 0.69 -6.94 3.75
CA ALA D 123 0.69 -5.81 4.68
C ALA D 123 2.10 -5.23 4.82
N ILE D 124 3.11 -6.10 4.92
CA ILE D 124 4.49 -5.64 5.02
C ILE D 124 4.91 -4.88 3.77
N ARG D 125 4.55 -5.40 2.59
CA ARG D 125 4.95 -4.74 1.35
C ARG D 125 4.28 -3.38 1.20
N LEU D 126 3.07 -3.22 1.74
CA LEU D 126 2.41 -1.93 1.68
C LEU D 126 3.18 -0.88 2.47
N GLY D 127 3.86 -1.29 3.53
CA GLY D 127 4.71 -0.40 4.28
C GLY D 127 6.07 -0.17 3.69
N GLY D 128 6.37 -0.81 2.56
CA GLY D 128 7.64 -0.66 1.89
C GLY D 128 8.65 -1.73 2.22
N GLY D 129 8.28 -2.74 3.00
CA GLY D 129 9.25 -3.73 3.43
C GLY D 129 9.45 -4.83 2.41
N ARG D 130 10.68 -5.35 2.39
CA ARG D 130 11.03 -6.55 1.64
C ARG D 130 11.30 -7.67 2.63
N ILE D 131 10.61 -8.79 2.45
CA ILE D 131 10.64 -9.87 3.44
C ILE D 131 11.94 -10.64 3.33
N VAL D 132 12.57 -10.91 4.47
CA VAL D 132 13.69 -11.83 4.58
C VAL D 132 13.25 -12.94 5.52
N GLU D 133 13.15 -14.16 5.00
CA GLU D 133 12.64 -15.30 5.76
C GLU D 133 13.79 -16.04 6.44
N VAL D 134 13.57 -16.44 7.68
CA VAL D 134 14.59 -17.09 8.51
C VAL D 134 14.15 -18.52 8.78
N GLY D 135 15.08 -19.45 8.61
CA GLY D 135 14.82 -20.84 8.93
C GLY D 135 13.90 -21.54 7.96
N SER D 136 13.52 -22.76 8.34
CA SER D 136 12.59 -23.57 7.57
C SER D 136 11.22 -23.52 8.22
N SER D 137 10.24 -24.15 7.57
CA SER D 137 8.88 -24.16 8.09
C SER D 137 8.75 -24.98 9.37
N ASN D 138 9.70 -25.88 9.64
CA ASN D 138 9.64 -26.72 10.83
C ASN D 138 10.73 -26.41 11.86
N LEU D 139 11.76 -25.67 11.48
CA LEU D 139 12.89 -25.42 12.38
C LEU D 139 13.48 -24.05 12.10
N ALA D 140 13.85 -23.35 13.17
CA ALA D 140 14.53 -22.07 13.04
C ALA D 140 15.48 -21.92 14.21
N THR D 141 16.75 -21.68 13.92
CA THR D 141 17.78 -21.53 14.94
C THR D 141 18.11 -20.05 15.13
N ARG D 142 18.82 -19.76 16.22
CA ARG D 142 19.15 -18.38 16.51
C ARG D 142 20.20 -17.84 15.55
N TRP D 143 21.22 -18.64 15.23
CA TRP D 143 22.25 -18.18 14.32
C TRP D 143 21.67 -17.87 12.94
N GLN D 144 20.60 -18.57 12.56
CA GLN D 144 19.90 -18.23 11.33
C GLN D 144 19.26 -16.85 11.45
N LEU D 145 18.69 -16.54 12.62
CA LEU D 145 18.09 -15.22 12.83
C LEU D 145 19.15 -14.13 12.83
N GLU D 146 20.31 -14.40 13.42
CA GLU D 146 21.35 -13.38 13.50
C GLU D 146 22.02 -13.17 12.16
N SER D 147 22.09 -14.21 11.33
CA SER D 147 22.73 -14.06 10.02
C SER D 147 21.90 -13.23 9.07
N ALA D 148 20.57 -13.19 9.26
CA ALA D 148 19.71 -12.43 8.37
C ALA D 148 19.85 -10.92 8.57
N ILE D 149 20.43 -10.50 9.68
CA ILE D 149 20.58 -9.07 9.96
C ILE D 149 21.76 -8.53 9.15
N ASN D 150 21.53 -7.44 8.43
CA ASN D 150 22.60 -6.74 7.74
C ASN D 150 22.25 -5.27 7.67
N GLU D 151 23.08 -4.48 6.97
CA GLU D 151 22.91 -3.04 6.95
C GLU D 151 21.63 -2.62 6.25
N LYS D 152 21.01 -3.51 5.47
CA LYS D 152 19.73 -3.23 4.82
C LYS D 152 18.52 -3.60 5.68
N THR D 153 18.73 -4.28 6.80
CA THR D 153 17.61 -4.68 7.65
C THR D 153 16.97 -3.47 8.31
N ALA D 154 15.64 -3.41 8.27
CA ALA D 154 14.89 -2.28 8.82
C ALA D 154 14.13 -2.63 10.09
N ALA D 155 13.72 -3.88 10.25
CA ALA D 155 12.97 -4.31 11.44
C ALA D 155 12.96 -5.83 11.50
N LEU D 156 12.65 -6.34 12.69
CA LEU D 156 12.37 -7.76 12.89
C LEU D 156 10.89 -7.92 13.20
N LEU D 157 10.28 -8.98 12.69
CA LEU D 157 8.86 -9.21 12.85
C LEU D 157 8.62 -10.56 13.50
N TYR D 158 7.89 -10.56 14.61
CA TYR D 158 7.45 -11.77 15.29
C TYR D 158 5.94 -11.85 15.20
N VAL D 159 5.42 -12.99 14.75
CA VAL D 159 3.99 -13.18 14.54
C VAL D 159 3.50 -14.20 15.55
N LYS D 160 2.56 -13.79 16.40
CA LYS D 160 1.91 -14.69 17.35
C LYS D 160 0.54 -15.07 16.80
N SER D 161 0.37 -16.34 16.48
CA SER D 161 -0.90 -16.81 15.93
C SER D 161 -0.89 -18.33 15.92
N HIS D 162 -2.09 -18.91 15.96
CA HIS D 162 -2.22 -20.34 15.73
C HIS D 162 -1.94 -20.69 14.28
N HIS D 163 -1.99 -19.70 13.38
CA HIS D 163 -1.60 -19.91 12.00
C HIS D 163 -0.13 -20.25 11.88
N CYS D 164 0.70 -19.72 12.78
CA CYS D 164 2.13 -19.94 12.74
C CYS D 164 2.47 -21.36 13.20
N VAL D 165 3.64 -21.83 12.76
CA VAL D 165 4.16 -23.11 13.23
C VAL D 165 4.45 -22.98 14.72
N GLN D 166 3.96 -23.94 15.51
CA GLN D 166 4.13 -23.88 16.96
CA GLN D 166 4.12 -23.88 16.96
C GLN D 166 5.52 -24.37 17.37
N LYS D 167 5.78 -25.66 17.19
CA LYS D 167 7.05 -26.22 17.62
C LYS D 167 8.16 -25.92 16.61
N GLY D 168 9.37 -25.81 17.12
CA GLY D 168 10.55 -25.58 16.31
C GLY D 168 10.89 -24.14 16.02
N MET D 169 10.06 -23.19 16.43
CA MET D 169 10.30 -21.78 16.15
C MET D 169 11.00 -21.11 17.33
N LEU D 170 11.60 -19.95 17.05
CA LEU D 170 12.28 -19.19 18.09
C LEU D 170 11.26 -18.52 19.01
N SER D 171 11.71 -18.22 20.23
CA SER D 171 10.86 -17.55 21.20
C SER D 171 10.89 -16.05 20.97
N ILE D 172 9.93 -15.36 21.58
CA ILE D 172 9.91 -13.90 21.51
C ILE D 172 11.15 -13.31 22.15
N ASP D 173 11.74 -14.01 23.13
CA ASP D 173 12.95 -13.51 23.77
C ASP D 173 14.11 -13.44 22.78
N ASP D 174 14.24 -14.44 21.91
CA ASP D 174 15.32 -14.41 20.92
C ASP D 174 15.22 -13.20 20.01
N PHE D 175 14.00 -12.86 19.58
CA PHE D 175 13.84 -11.69 18.72
C PHE D 175 14.18 -10.40 19.45
N VAL D 176 13.76 -10.27 20.71
CA VAL D 176 14.05 -9.05 21.47
C VAL D 176 15.56 -8.87 21.60
N GLN D 177 16.28 -9.94 21.94
CA GLN D 177 17.72 -9.84 22.15
C GLN D 177 18.44 -9.47 20.87
N VAL D 178 18.09 -10.12 19.75
CA VAL D 178 18.74 -9.83 18.48
C VAL D 178 18.40 -8.41 18.03
N ALA D 179 17.15 -8.00 18.19
CA ALA D 179 16.75 -6.66 17.77
C ALA D 179 17.49 -5.59 18.56
N GLN D 180 17.53 -5.73 19.89
CA GLN D 180 18.20 -4.74 20.71
C GLN D 180 19.71 -4.79 20.56
N ALA D 181 20.27 -5.93 20.14
CA ALA D 181 21.70 -6.01 19.91
C ALA D 181 22.11 -5.28 18.63
N ASN D 182 21.19 -5.10 17.69
CA ASN D 182 21.46 -4.38 16.44
C ASN D 182 20.81 -3.01 16.40
N HIS D 183 20.21 -2.57 17.52
CA HIS D 183 19.51 -1.28 17.58
C HIS D 183 18.44 -1.17 16.50
N LEU D 184 17.73 -2.28 16.28
CA LEU D 184 16.66 -2.36 15.31
C LEU D 184 15.32 -2.53 16.01
N PRO D 185 14.24 -1.97 15.44
CA PRO D 185 12.93 -2.13 16.08
C PRO D 185 12.37 -3.52 15.87
N LEU D 186 11.76 -4.06 16.92
CA LEU D 186 11.08 -5.35 16.86
C LEU D 186 9.57 -5.12 16.82
N ILE D 187 8.92 -5.70 15.80
CA ILE D 187 7.48 -5.55 15.58
C ILE D 187 6.82 -6.88 15.88
N VAL D 188 5.73 -6.84 16.63
CA VAL D 188 5.00 -8.05 17.02
C VAL D 188 3.58 -7.94 16.47
N ASP D 189 3.16 -8.96 15.73
CA ASP D 189 1.79 -9.08 15.25
C ASP D 189 1.02 -9.94 16.26
N ALA D 190 0.18 -9.30 17.06
CA ALA D 190 -0.65 -9.98 18.05
C ALA D 190 -2.12 -9.62 17.83
N ALA D 191 -2.60 -9.83 16.60
CA ALA D 191 -3.90 -9.33 16.20
C ALA D 191 -5.03 -9.96 17.03
N ALA D 192 -5.01 -11.28 17.17
CA ALA D 192 -6.04 -11.99 17.91
C ALA D 192 -5.74 -12.13 19.39
N GLU D 193 -4.57 -11.66 19.84
CA GLU D 193 -4.19 -11.82 21.23
C GLU D 193 -5.04 -10.92 22.13
N GLU D 194 -5.46 -11.49 23.25
CA GLU D 194 -6.19 -10.73 24.27
C GLU D 194 -5.26 -10.23 25.37
N ASP D 195 -4.02 -10.69 25.40
CA ASP D 195 -3.02 -10.23 26.36
C ASP D 195 -2.54 -8.86 25.94
N LEU D 196 -2.97 -7.81 26.66
CA LEU D 196 -2.63 -6.46 26.29
C LEU D 196 -1.23 -6.06 26.74
N ARG D 197 -0.76 -6.59 27.87
CA ARG D 197 0.49 -6.16 28.46
C ARG D 197 1.65 -7.10 28.22
N GLY D 198 1.39 -8.38 27.96
CA GLY D 198 2.48 -9.36 27.91
C GLY D 198 3.47 -9.09 26.79
N TRP D 199 2.98 -8.66 25.64
CA TRP D 199 3.86 -8.46 24.49
C TRP D 199 4.64 -7.16 24.58
N VAL D 200 4.04 -6.11 25.15
CA VAL D 200 4.78 -4.89 25.38
C VAL D 200 5.86 -5.12 26.44
N ALA D 201 5.54 -5.93 27.45
CA ALA D 201 6.45 -6.16 28.56
C ALA D 201 7.70 -6.94 28.15
N SER D 202 7.63 -7.72 27.07
CA SER D 202 8.79 -8.50 26.65
C SER D 202 9.89 -7.64 26.05
N GLY D 203 9.62 -6.36 25.79
CA GLY D 203 10.60 -5.46 25.22
C GLY D 203 10.41 -5.15 23.76
N ALA D 204 9.32 -5.62 23.15
CA ALA D 204 9.06 -5.33 21.75
C ALA D 204 8.81 -3.84 21.56
N ASP D 205 9.26 -3.31 20.42
CA ASP D 205 9.17 -1.87 20.19
C ASP D 205 7.77 -1.47 19.74
N MET D 206 7.13 -2.28 18.88
CA MET D 206 5.77 -2.00 18.42
C MET D 206 4.98 -3.29 18.39
N VAL D 207 3.83 -3.30 19.06
CA VAL D 207 2.94 -4.46 19.11
C VAL D 207 1.61 -4.05 18.51
N ILE D 208 1.06 -4.90 17.65
CA ILE D 208 -0.13 -4.59 16.86
C ILE D 208 -1.26 -5.52 17.30
N TYR D 209 -2.41 -4.93 17.62
CA TYR D 209 -3.61 -5.67 17.98
C TYR D 209 -4.75 -5.31 17.04
N SER D 210 -5.75 -6.18 17.01
CA SER D 210 -6.98 -5.95 16.26
C SER D 210 -8.11 -5.72 17.26
N GLY D 211 -8.70 -4.53 17.23
CA GLY D 211 -9.74 -4.20 18.19
C GLY D 211 -11.00 -5.05 18.02
N ALA D 212 -11.33 -5.39 16.78
CA ALA D 212 -12.53 -6.17 16.51
C ALA D 212 -12.35 -7.63 16.92
N1 LLP D 213 -2.45 -11.10 11.65
C2 LLP D 213 -3.02 -12.20 12.17
C2' LLP D 213 -2.12 -13.27 12.87
C3 LLP D 213 -4.42 -12.40 12.07
O3 LLP D 213 -5.00 -13.55 12.61
C4 LLP D 213 -5.21 -11.45 11.47
C4' LLP D 213 -6.81 -11.69 11.35
C5 LLP D 213 -4.64 -10.32 10.93
C6 LLP D 213 -3.25 -10.14 11.03
C5' LLP D 213 -5.51 -9.24 10.22
OP4 LLP D 213 -6.17 -8.43 11.16
P LLP D 213 -7.23 -7.43 10.61
OP1 LLP D 213 -8.51 -8.21 10.27
OP2 LLP D 213 -6.69 -6.79 9.39
OP3 LLP D 213 -7.51 -6.40 11.65
N LLP D 213 -11.17 -8.17 16.65
CA LLP D 213 -10.91 -9.61 16.86
CB LLP D 213 -9.59 -9.97 16.23
CG LLP D 213 -9.88 -10.41 14.79
CD LLP D 213 -8.79 -11.42 14.39
CE LLP D 213 -8.64 -11.50 12.86
NZ LLP D 213 -7.33 -12.12 12.60
C LLP D 213 -10.91 -10.01 18.29
O LLP D 213 -11.44 -11.05 18.64
N ALA D 214 -10.30 -9.20 19.15
CA ALA D 214 -10.06 -9.61 20.53
C ALA D 214 -11.03 -8.95 21.52
N PHE D 215 -11.40 -7.70 21.25
CA PHE D 215 -12.16 -6.90 22.21
C PHE D 215 -13.55 -6.54 21.70
N ASN D 216 -14.05 -7.25 20.67
CA ASN D 216 -15.40 -7.08 20.14
C ASN D 216 -15.75 -5.60 19.93
N ALA D 217 -14.89 -4.94 19.18
CA ALA D 217 -14.99 -3.51 18.91
C ALA D 217 -15.41 -3.26 17.48
N PRO D 218 -15.92 -2.07 17.18
CA PRO D 218 -16.09 -1.69 15.77
C PRO D 218 -14.74 -1.72 15.07
N THR D 219 -14.79 -1.83 13.74
CA THR D 219 -13.59 -2.06 12.94
C THR D 219 -12.46 -1.12 13.34
N SER D 220 -11.43 -1.66 13.97
CA SER D 220 -10.35 -0.86 14.52
C SER D 220 -9.18 -1.77 14.85
N GLY D 221 -8.03 -1.14 15.06
CA GLY D 221 -6.82 -1.81 15.51
C GLY D 221 -5.89 -0.74 16.06
N PHE D 222 -4.83 -1.19 16.74
CA PHE D 222 -3.91 -0.22 17.30
C PHE D 222 -2.51 -0.79 17.37
N ILE D 223 -1.53 0.13 17.32
CA ILE D 223 -0.13 -0.16 17.56
C ILE D 223 0.21 0.42 18.92
N THR D 224 0.88 -0.37 19.75
CA THR D 224 1.28 0.10 21.06
C THR D 224 2.74 -0.25 21.28
N GLY D 225 3.47 0.67 21.92
CA GLY D 225 4.90 0.46 22.12
C GLY D 225 5.61 1.73 22.52
N ARG D 226 6.89 1.80 22.17
CA ARG D 226 7.73 2.92 22.59
C ARG D 226 7.29 4.21 21.92
N LYS D 227 7.39 5.32 22.66
CA LYS D 227 6.89 6.59 22.17
C LYS D 227 7.63 7.05 20.93
N THR D 228 8.94 6.77 20.84
CA THR D 228 9.71 7.21 19.69
C THR D 228 9.24 6.55 18.40
N TRP D 229 8.84 5.28 18.47
CA TRP D 229 8.40 4.59 17.27
C TRP D 229 6.93 4.84 16.97
N ILE D 230 6.09 4.97 18.01
CA ILE D 230 4.69 5.32 17.76
C ILE D 230 4.59 6.66 17.06
N ALA D 231 5.49 7.59 17.40
CA ALA D 231 5.53 8.88 16.70
C ALA D 231 5.82 8.68 15.23
N ALA D 232 6.72 7.75 14.88
CA ALA D 232 6.99 7.46 13.49
C ALA D 232 5.78 6.80 12.82
N CYS D 233 4.96 6.07 13.58
CA CYS D 233 3.72 5.53 13.03
C CYS D 233 2.74 6.66 12.74
N LYS D 234 2.56 7.58 13.69
CA LYS D 234 1.65 8.70 13.48
C LYS D 234 2.03 9.50 12.24
N ALA D 235 3.33 9.59 11.94
CA ALA D 235 3.80 10.35 10.79
C ALA D 235 3.29 9.81 9.47
N GLN D 236 2.73 8.61 9.45
CA GLN D 236 2.25 8.01 8.20
C GLN D 236 0.89 8.55 7.78
N HIS D 237 0.27 9.44 8.57
CA HIS D 237 -1.04 9.95 8.19
C HIS D 237 -1.00 10.79 6.93
N GLN D 238 0.16 11.36 6.60
CA GLN D 238 0.35 12.07 5.34
C GLN D 238 0.75 11.14 4.21
N GLY D 239 0.91 9.85 4.48
CA GLY D 239 1.35 8.91 3.48
C GLY D 239 0.39 7.75 3.27
N ILE D 240 0.87 6.52 3.53
CA ILE D 240 0.07 5.35 3.22
C ILE D 240 -1.11 5.19 4.16
N ALA D 241 -1.06 5.81 5.35
CA ALA D 241 -2.15 5.65 6.30
C ALA D 241 -3.40 6.43 5.89
N ARG D 242 -3.28 7.35 4.93
CA ARG D 242 -4.46 8.08 4.47
C ARG D 242 -5.45 7.16 3.78
N ALA D 243 -4.96 6.07 3.20
CA ALA D 243 -5.83 5.07 2.56
C ALA D 243 -6.33 4.01 3.53
N MET D 244 -5.77 3.96 4.74
CA MET D 244 -6.20 3.00 5.76
C MET D 244 -6.96 3.72 6.86
N LYS D 245 -8.00 4.47 6.50
CA LYS D 245 -8.59 5.43 7.43
C LYS D 245 -9.48 4.76 8.45
N ILE D 246 -9.38 5.23 9.68
CA ILE D 246 -10.36 4.96 10.74
C ILE D 246 -10.88 6.32 11.20
N GLY D 247 -12.20 6.42 11.30
CA GLY D 247 -12.82 7.69 11.66
C GLY D 247 -12.85 7.93 13.15
N LYS D 248 -13.34 9.12 13.50
CA LYS D 248 -13.46 9.47 14.91
C LYS D 248 -14.44 8.55 15.63
N GLU D 249 -15.44 8.01 14.91
CA GLU D 249 -16.47 7.21 15.57
C GLU D 249 -15.90 5.87 16.06
N ASN D 250 -15.09 5.20 15.24
CA ASN D 250 -14.53 3.93 15.65
C ASN D 250 -13.31 4.08 16.55
N MET D 251 -12.62 5.22 16.47
CA MET D 251 -11.58 5.52 17.46
C MET D 251 -12.16 5.54 18.86
N VAL D 252 -13.28 6.25 19.05
CA VAL D 252 -13.95 6.25 20.34
C VAL D 252 -14.49 4.85 20.65
N GLY D 253 -15.01 4.16 19.64
CA GLY D 253 -15.55 2.83 19.86
C GLY D 253 -14.52 1.85 20.41
N LEU D 254 -13.29 1.91 19.90
CA LEU D 254 -12.25 1.02 20.40
C LEU D 254 -11.96 1.29 21.88
N VAL D 255 -11.89 2.57 22.26
CA VAL D 255 -11.59 2.93 23.64
C VAL D 255 -12.69 2.42 24.58
N TYR D 256 -13.95 2.61 24.19
CA TYR D 256 -15.05 2.13 25.02
C TYR D 256 -15.15 0.62 24.99
N ALA D 257 -14.69 -0.02 23.91
CA ALA D 257 -14.66 -1.48 23.87
C ALA D 257 -13.58 -2.04 24.77
N LEU D 258 -12.44 -1.35 24.88
CA LEU D 258 -11.40 -1.79 25.79
C LEU D 258 -11.86 -1.70 27.25
N GLU D 259 -12.58 -0.63 27.59
CA GLU D 259 -13.11 -0.51 28.94
C GLU D 259 -14.19 -1.55 29.21
N ASN D 260 -15.02 -1.86 28.21
CA ASN D 260 -16.02 -2.90 28.37
C ASN D 260 -15.37 -4.26 28.54
N TYR D 261 -14.20 -4.46 27.94
CA TYR D 261 -13.45 -5.71 28.14
C TYR D 261 -12.75 -5.72 29.50
N HIS D 262 -12.29 -4.55 29.97
CA HIS D 262 -11.62 -4.46 31.26
C HIS D 262 -12.61 -4.69 32.41
N GLN D 263 -13.88 -4.31 32.23
CA GLN D 263 -14.89 -4.53 33.26
C GLN D 263 -15.12 -6.01 33.54
N GLY D 264 -14.82 -6.89 32.60
CA GLY D 264 -15.04 -8.31 32.81
C GLY D 264 -16.13 -8.85 31.90
N GLN D 265 -16.05 -10.16 31.64
CA GLN D 265 -17.00 -10.85 30.79
C GLN D 265 -17.50 -12.11 31.48
N THR D 266 -18.81 -12.30 31.49
CA THR D 266 -19.43 -13.48 32.09
C THR D 266 -19.28 -14.63 31.10
N THR D 267 -18.34 -15.53 31.36
CA THR D 267 -18.17 -16.68 30.49
C THR D 267 -19.25 -17.72 30.77
N VAL D 268 -19.62 -18.46 29.71
CA VAL D 268 -20.70 -19.43 29.82
C VAL D 268 -20.20 -20.65 30.59
N THR D 269 -20.86 -20.97 31.70
CA THR D 269 -20.49 -22.13 32.50
C THR D 269 -21.04 -23.41 31.88
N ALA D 270 -20.44 -24.54 32.26
CA ALA D 270 -20.91 -25.82 31.78
C ALA D 270 -22.34 -26.10 32.22
N ALA D 271 -22.74 -25.58 33.38
CA ALA D 271 -24.10 -25.78 33.85
C ALA D 271 -25.12 -25.18 32.88
N GLN D 272 -24.82 -24.00 32.32
CA GLN D 272 -25.75 -23.38 31.39
C GLN D 272 -25.81 -24.14 30.07
N LEU D 273 -24.67 -24.69 29.62
CA LEU D 273 -24.61 -25.42 28.36
C LEU D 273 -25.25 -26.80 28.44
N GLN D 274 -25.32 -27.39 29.64
CA GLN D 274 -25.77 -28.78 29.75
C GLN D 274 -27.18 -29.01 29.22
N PRO D 275 -28.17 -28.15 29.49
CA PRO D 275 -29.49 -28.38 28.89
C PRO D 275 -29.45 -28.46 27.36
N VAL D 276 -28.65 -27.61 26.72
CA VAL D 276 -28.55 -27.64 25.27
C VAL D 276 -27.92 -28.95 24.81
N ALA D 277 -26.97 -29.48 25.58
CA ALA D 277 -26.36 -30.76 25.23
C ALA D 277 -27.39 -31.88 25.31
N GLU D 278 -28.31 -31.82 26.27
CA GLU D 278 -29.32 -32.85 26.41
C GLU D 278 -30.29 -32.83 25.22
N ALA D 279 -30.65 -31.63 24.74
CA ALA D 279 -31.60 -31.53 23.64
C ALA D 279 -31.03 -32.13 22.36
N ILE D 280 -29.75 -31.89 22.08
CA ILE D 280 -29.13 -32.46 20.89
C ILE D 280 -29.02 -33.97 21.02
N SER D 281 -28.76 -34.47 22.22
CA SER D 281 -28.63 -35.92 22.43
C SER D 281 -29.96 -36.64 22.24
N ALA D 282 -31.08 -35.95 22.44
CA ALA D 282 -32.39 -36.57 22.21
C ALA D 282 -32.58 -36.92 20.74
N ILE D 283 -31.92 -36.19 19.84
CA ILE D 283 -31.99 -36.50 18.42
C ILE D 283 -31.23 -37.80 18.16
N HIS D 284 -31.84 -38.70 17.41
CA HIS D 284 -31.21 -39.99 17.12
C HIS D 284 -29.99 -39.81 16.24
N GLY D 285 -28.87 -40.40 16.66
CA GLY D 285 -27.63 -40.28 15.92
C GLY D 285 -26.73 -39.14 16.36
N LEU D 286 -27.22 -38.25 17.22
CA LEU D 286 -26.45 -37.12 17.72
C LEU D 286 -26.19 -37.34 19.20
N TYR D 287 -24.93 -37.20 19.62
CA TYR D 287 -24.57 -37.30 21.02
C TYR D 287 -23.76 -36.06 21.39
N ALA D 288 -24.27 -35.29 22.35
CA ALA D 288 -23.65 -34.03 22.73
C ALA D 288 -23.23 -34.07 24.19
N ASP D 289 -22.04 -33.55 24.45
CA ASP D 289 -21.51 -33.41 25.80
C ASP D 289 -20.60 -32.19 25.81
N ILE D 290 -20.46 -31.59 26.98
CA ILE D 290 -19.65 -30.38 27.12
C ILE D 290 -18.19 -30.75 27.29
N GLU D 291 -17.32 -29.97 26.64
CA GLU D 291 -15.89 -30.21 26.65
C GLU D 291 -15.18 -28.89 26.85
N GLN D 292 -14.31 -28.84 27.84
CA GLN D 292 -13.47 -27.68 28.09
C GLN D 292 -12.31 -27.63 27.10
N ASP D 293 -11.75 -26.43 26.93
CA ASP D 293 -10.59 -26.27 26.07
C ASP D 293 -9.43 -27.07 26.62
N GLU D 294 -8.63 -27.64 25.71
CA GLU D 294 -7.56 -28.57 26.09
C GLU D 294 -6.69 -28.02 27.21
N ALA D 295 -6.51 -26.70 27.28
CA ALA D 295 -5.77 -26.10 28.38
C ALA D 295 -6.30 -24.75 28.81
N GLY D 296 -7.29 -24.18 28.12
CA GLY D 296 -7.82 -22.88 28.50
C GLY D 296 -9.09 -23.04 29.31
N ARG D 297 -9.04 -22.76 30.60
CA ARG D 297 -10.24 -22.91 31.41
C ARG D 297 -11.19 -21.76 31.12
N ALA D 298 -12.46 -21.96 31.48
CA ALA D 298 -13.55 -21.01 31.22
C ALA D 298 -13.80 -20.85 29.73
N ILE D 299 -13.49 -21.89 28.97
CA ILE D 299 -13.86 -22.02 27.56
C ILE D 299 -14.56 -23.37 27.50
N TRP D 300 -15.88 -23.35 27.47
CA TRP D 300 -16.68 -24.56 27.41
C TRP D 300 -17.33 -24.66 26.04
N ARG D 301 -17.35 -25.87 25.48
CA ARG D 301 -17.88 -26.07 24.15
C ARG D 301 -18.75 -27.32 24.14
N ILE D 302 -19.68 -27.36 23.20
CA ILE D 302 -20.63 -28.47 23.08
C ILE D 302 -20.10 -29.38 21.99
N ARG D 303 -19.47 -30.48 22.39
CA ARG D 303 -18.98 -31.46 21.43
C ARG D 303 -20.13 -32.32 20.96
N VAL D 304 -20.37 -32.35 19.67
CA VAL D 304 -21.47 -33.13 19.09
C VAL D 304 -20.85 -34.16 18.14
N ARG D 305 -21.07 -35.44 18.43
CA ARG D 305 -20.57 -36.53 17.61
C ARG D 305 -21.74 -37.16 16.88
N VAL D 306 -21.59 -37.38 15.58
CA VAL D 306 -22.65 -37.88 14.72
C VAL D 306 -22.32 -39.32 14.33
N ASN D 307 -23.33 -40.18 14.40
CA ASN D 307 -23.23 -41.56 13.92
C ASN D 307 -23.98 -41.65 12.59
N ALA D 308 -23.23 -41.84 11.51
CA ALA D 308 -23.84 -41.87 10.19
C ALA D 308 -24.86 -43.00 10.04
N SER D 309 -24.62 -44.13 10.70
CA SER D 309 -25.53 -45.27 10.59
C SER D 309 -26.91 -44.94 11.14
N GLU D 310 -26.97 -44.29 12.30
CA GLU D 310 -28.26 -43.98 12.91
C GLU D 310 -28.93 -42.79 12.24
N LEU D 311 -28.21 -41.67 12.12
CA LEU D 311 -28.81 -40.45 11.58
C LEU D 311 -29.05 -40.57 10.07
N GLY D 312 -28.07 -41.10 9.35
CA GLY D 312 -28.11 -41.14 7.90
C GLY D 312 -27.23 -40.12 7.22
N LEU D 313 -26.56 -39.25 7.99
CA LEU D 313 -25.66 -38.24 7.45
C LEU D 313 -24.40 -38.22 8.29
N ASN D 314 -23.27 -37.94 7.63
CA ASN D 314 -22.01 -37.79 8.34
C ASN D 314 -21.86 -36.36 8.89
N ALA D 315 -20.83 -36.17 9.71
CA ALA D 315 -20.62 -34.88 10.34
C ALA D 315 -20.39 -33.77 9.31
N GLN D 316 -19.71 -34.10 8.21
CA GLN D 316 -19.52 -33.11 7.15
C GLN D 316 -20.85 -32.67 6.56
N ASP D 317 -21.76 -33.63 6.32
CA ASP D 317 -23.07 -33.29 5.79
C ASP D 317 -23.87 -32.43 6.76
N VAL D 318 -23.72 -32.70 8.06
CA VAL D 318 -24.47 -31.93 9.07
C VAL D 318 -23.96 -30.50 9.12
N GLU D 319 -22.64 -30.32 9.14
CA GLU D 319 -22.08 -28.98 9.21
C GLU D 319 -22.44 -28.16 7.98
N ALA D 320 -22.40 -28.80 6.80
CA ALA D 320 -22.75 -28.10 5.57
C ALA D 320 -24.22 -27.67 5.57
N GLN D 321 -25.11 -28.54 6.03
CA GLN D 321 -26.53 -28.19 6.08
C GLN D 321 -26.81 -27.14 7.14
N LEU D 322 -25.96 -27.04 8.17
CA LEU D 322 -26.10 -25.95 9.13
C LEU D 322 -25.79 -24.60 8.48
N ARG D 323 -24.72 -24.54 7.68
CA ARG D 323 -24.38 -23.31 6.98
C ARG D 323 -25.32 -23.06 5.81
N GLY D 324 -25.61 -24.10 5.03
CA GLY D 324 -26.39 -23.94 3.82
C GLY D 324 -27.85 -23.63 4.05
N GLY D 325 -28.36 -23.89 5.25
CA GLY D 325 -29.76 -23.67 5.54
C GLY D 325 -30.15 -22.21 5.40
N GLU D 326 -31.46 -21.97 5.48
CA GLU D 326 -31.97 -20.60 5.36
C GLU D 326 -31.39 -19.70 6.44
N ILE D 327 -31.16 -20.24 7.64
CA ILE D 327 -30.39 -19.56 8.67
C ILE D 327 -28.99 -20.17 8.67
N ALA D 328 -27.99 -19.38 8.28
CA ALA D 328 -26.62 -19.88 8.18
C ALA D 328 -26.03 -20.07 9.57
N ILE D 329 -25.81 -21.32 9.96
CA ILE D 329 -25.27 -21.68 11.26
C ILE D 329 -23.85 -22.19 11.05
N TYR D 330 -22.87 -21.48 11.61
CA TYR D 330 -21.46 -21.78 11.42
C TYR D 330 -20.92 -22.43 12.69
N ALA D 331 -20.58 -23.70 12.60
CA ALA D 331 -19.96 -24.44 13.70
C ALA D 331 -18.47 -24.61 13.46
N ARG D 332 -17.78 -25.11 14.48
CA ARG D 332 -16.34 -25.36 14.36
C ARG D 332 -16.11 -26.63 13.55
N LYS D 333 -15.36 -26.50 12.45
CA LYS D 333 -15.13 -27.61 11.53
C LYS D 333 -13.71 -28.16 11.61
N TYR D 334 -13.02 -27.99 12.75
CA TYR D 334 -11.65 -28.47 12.86
C TYR D 334 -11.59 -29.99 12.77
N GLN D 335 -12.28 -30.67 13.69
CA GLN D 335 -12.30 -32.14 13.72
C GLN D 335 -13.48 -32.72 12.96
N LEU D 336 -13.91 -32.08 11.87
CA LEU D 336 -15.03 -32.59 11.09
C LEU D 336 -14.70 -33.92 10.44
N HIS D 337 -13.43 -34.14 10.09
CA HIS D 337 -13.02 -35.41 9.50
C HIS D 337 -13.14 -36.55 10.50
N GLN D 338 -12.96 -36.27 11.78
CA GLN D 338 -13.11 -37.27 12.83
C GLN D 338 -14.56 -37.55 13.18
N GLY D 339 -15.51 -36.91 12.49
CA GLY D 339 -16.92 -37.13 12.77
C GLY D 339 -17.49 -36.30 13.89
N VAL D 340 -16.85 -35.19 14.24
CA VAL D 340 -17.27 -34.34 15.35
C VAL D 340 -17.32 -32.89 14.89
N PHE D 341 -18.37 -32.17 15.30
CA PHE D 341 -18.42 -30.72 15.19
C PHE D 341 -18.81 -30.15 16.55
N SER D 342 -18.29 -28.96 16.85
CA SER D 342 -18.49 -28.33 18.15
C SER D 342 -19.10 -26.94 17.97
N LEU D 343 -19.71 -26.45 19.05
CA LEU D 343 -20.37 -25.16 19.08
C LEU D 343 -19.73 -24.29 20.15
N ASP D 344 -19.19 -23.14 19.74
CA ASP D 344 -18.55 -22.22 20.67
C ASP D 344 -19.58 -21.20 21.13
N PRO D 345 -19.99 -21.21 22.41
CA PRO D 345 -21.08 -20.32 22.85
C PRO D 345 -20.69 -18.86 22.99
N ARG D 346 -19.40 -18.53 22.86
CA ARG D 346 -18.98 -17.15 23.09
C ARG D 346 -19.57 -16.19 22.05
N THR D 347 -19.68 -16.64 20.80
CA THR D 347 -20.27 -15.81 19.75
C THR D 347 -21.77 -16.01 19.59
N VAL D 348 -22.38 -16.95 20.33
CA VAL D 348 -23.81 -17.21 20.24
C VAL D 348 -24.55 -16.25 21.17
N ALA D 349 -25.60 -15.63 20.66
CA ALA D 349 -26.42 -14.70 21.42
C ALA D 349 -27.59 -15.44 22.07
N GLU D 350 -28.36 -14.71 22.88
CA GLU D 350 -29.51 -15.31 23.54
C GLU D 350 -30.60 -15.68 22.54
N GLY D 351 -31.10 -16.90 22.64
CA GLY D 351 -32.11 -17.42 21.76
C GLY D 351 -31.58 -18.12 20.52
N GLU D 352 -30.39 -17.74 20.05
CA GLU D 352 -29.81 -18.41 18.90
C GLU D 352 -29.45 -19.86 19.21
N MET D 353 -29.15 -20.16 20.47
CA MET D 353 -28.84 -21.53 20.86
C MET D 353 -30.00 -22.46 20.59
N ALA D 354 -31.22 -22.02 20.92
CA ALA D 354 -32.40 -22.85 20.68
C ALA D 354 -32.63 -23.07 19.19
N LEU D 355 -32.31 -22.08 18.36
CA LEU D 355 -32.51 -22.22 16.93
C LEU D 355 -31.60 -23.29 16.35
N ILE D 356 -30.38 -23.41 16.87
CA ILE D 356 -29.45 -24.41 16.36
C ILE D 356 -29.98 -25.81 16.63
N VAL D 357 -30.57 -26.04 17.80
CA VAL D 357 -31.15 -27.34 18.10
C VAL D 357 -32.33 -27.61 17.17
N ALA D 358 -33.11 -26.57 16.86
CA ALA D 358 -34.24 -26.74 15.96
C ALA D 358 -33.78 -27.14 14.57
N ARG D 359 -32.71 -26.51 14.07
CA ARG D 359 -32.17 -26.87 12.77
C ARG D 359 -31.60 -28.29 12.79
N LEU D 360 -30.99 -28.69 13.91
CA LEU D 360 -30.48 -30.06 14.03
C LEU D 360 -31.63 -31.07 13.94
N ARG D 361 -32.76 -30.76 14.56
CA ARG D 361 -33.91 -31.66 14.46
C ARG D 361 -34.45 -31.71 13.04
N GLU D 362 -34.52 -30.56 12.37
CA GLU D 362 -34.99 -30.54 10.99
C GLU D 362 -34.03 -31.30 10.07
N ILE D 363 -32.72 -31.15 10.28
CA ILE D 363 -31.75 -31.88 9.47
C ILE D 363 -31.91 -33.37 9.65
N ALA D 364 -32.24 -33.81 10.87
CA ALA D 364 -32.46 -35.22 11.12
C ALA D 364 -33.72 -35.70 10.40
N GLU D 365 -34.77 -34.88 10.40
CA GLU D 365 -36.01 -35.25 9.73
C GLU D 365 -35.81 -35.48 8.24
N HIS D 366 -35.05 -34.59 7.59
CA HIS D 366 -34.78 -34.73 6.16
C HIS D 366 -33.69 -35.75 5.87
N ALA D 367 -33.03 -36.30 6.88
CA ALA D 367 -32.11 -37.42 6.65
C ALA D 367 -32.87 -38.66 6.22
N ALA D 368 -34.05 -38.89 6.79
CA ALA D 368 -34.95 -39.96 6.41
C ALA D 368 -35.93 -39.56 5.32
N ASP D 369 -35.80 -38.36 4.75
CA ASP D 369 -36.74 -37.76 3.78
C ASP D 369 -38.05 -38.50 3.55
S DMS E . -15.89 -0.39 -23.45
O DMS E . -16.12 1.04 -23.11
C1 DMS E . -14.57 -0.51 -24.69
C2 DMS E . -17.30 -1.03 -24.40
S DMS F . -8.04 -12.30 -14.98
O DMS F . -9.28 -12.76 -14.29
C1 DMS F . -8.43 -11.77 -16.67
C2 DMS F . -6.97 -13.71 -15.31
S DMS G . -19.90 7.52 -23.85
O DMS G . -21.29 8.05 -23.88
C1 DMS G . -19.27 7.29 -25.53
C2 DMS G . -19.92 5.79 -23.27
CA CA H . -20.22 15.70 -15.33
CA CA I . -20.65 49.68 13.24
CA CA J . -11.12 -7.04 -16.85
CA CA K . -1.78 0.23 -26.12
CA CA L . -27.38 41.16 1.00
CA CA M . -31.91 0.46 2.27
S DMS N . 6.48 -25.29 -20.41
O DMS N . 6.50 -26.75 -20.76
C1 DMS N . 7.31 -24.34 -21.72
C2 DMS N . 7.60 -24.97 -19.02
CA CA O . 31.95 -49.30 36.66
CA CA P . 13.35 -36.44 -20.76
CA CA Q . 15.48 -29.91 38.27
CA CA R . -0.36 -42.16 -1.58
S DMS S . 4.05 14.35 -5.22
O DMS S . 2.65 14.89 -5.24
C1 DMS S . 5.18 15.64 -4.63
C2 DMS S . 4.64 14.13 -6.92
CA CA T . 10.09 40.77 -5.78
CA CA U . 31.42 29.40 -10.23
CA CA V . 25.38 20.18 -2.65
S DMS W . -4.89 22.42 18.80
O DMS W . -5.14 23.72 19.49
C1 DMS W . -5.45 21.05 19.86
C2 DMS W . -3.11 22.08 18.75
CA CA X . 13.32 6.83 15.58
CA CA Y . -13.49 5.45 28.54
CA CA Z . 4.06 -13.21 26.37
#